data_4E45
#
_entry.id   4E45
#
_cell.length_a   110.980
_cell.length_b   69.970
_cell.length_c   116.050
_cell.angle_alpha   90.000
_cell.angle_beta   91.600
_cell.angle_gamma   90.000
#
_symmetry.space_group_name_H-M   'P 1 21 1'
#
loop_
_entity.id
_entity.type
_entity.pdbx_description
1 polymer 'Centromere protein S'
2 polymer 'Centromere protein X'
3 polymer 'Fanconi anemia group M protein'
4 non-polymer GLYCEROL
5 non-polymer 'ZINC ION'
6 water water
#
loop_
_entity_poly.entity_id
_entity_poly.type
_entity_poly.pdbx_seq_one_letter_code
_entity_poly.pdbx_strand_id
1 'polypeptide(L)'
;GSMEEEAETEEQQRFSYQQRLKAAVHYTVGCLCEEVALDKEMQFSKQTIAAISELTFRQCENFAKDLEMFARHAKRTTIN
TEDVKLLARRSNSLLKYITDKSEEIAQINLER
;
A,C,F,H,K,M
2 'polypeptide(L)'
;GSMEGAGAGSGFRKELVSRLLHLHFKDDKTKVSGDALQLMVELLKVFVVEAAVRGVRQAQAEDALRVDVDQLEKVLPQLL
LDF
;
B,D,G,I,L,N
3 'polypeptide(L)'
;GAMDPMRQSSLKKDWFLSEEEFKLWNRLYRLRDSDEIKEITLPQVQFSSLQNEENKPAQESTTGIHQLSLSEWRLWQDHP
LPTHQVDHSDRCRHFIGLMQMIEGMRHEEGECSYELEVESYLQMEDVTSTFIAPRNE
;
E,J,O
#
# COMPACT_ATOMS: atom_id res chain seq x y z
N GLU A 6 -44.52 5.74 29.11
CA GLU A 6 -44.63 7.19 28.70
C GLU A 6 -43.42 7.57 27.84
N ALA A 7 -42.26 7.73 28.46
CA ALA A 7 -41.00 7.69 27.73
C ALA A 7 -40.84 6.25 27.26
N GLU A 8 -41.24 5.29 28.12
CA GLU A 8 -41.25 3.86 27.78
C GLU A 8 -42.10 3.51 26.55
N THR A 9 -43.15 4.29 26.31
CA THR A 9 -44.00 4.07 25.15
C THR A 9 -43.32 4.58 23.88
N GLU A 10 -42.87 5.84 23.91
CA GLU A 10 -42.01 6.40 22.86
C GLU A 10 -40.87 5.43 22.47
N GLU A 11 -40.24 4.80 23.44
CA GLU A 11 -39.12 3.90 23.14
C GLU A 11 -39.59 2.61 22.42
N GLN A 12 -40.68 2.00 22.90
CA GLN A 12 -41.25 0.80 22.26
C GLN A 12 -41.67 1.07 20.81
N GLN A 13 -42.34 2.18 20.59
CA GLN A 13 -42.67 2.64 19.25
C GLN A 13 -41.46 2.94 18.34
N ARG A 14 -40.43 3.61 18.85
CA ARG A 14 -39.18 3.82 18.12
C ARG A 14 -38.62 2.43 17.75
N PHE A 15 -38.59 1.51 18.71
CA PHE A 15 -38.03 0.21 18.45
C PHE A 15 -38.83 -0.49 17.39
N SER A 16 -40.15 -0.51 17.54
CA SER A 16 -40.97 -1.31 16.63
C SER A 16 -40.89 -0.71 15.21
N TYR A 17 -40.76 0.60 15.09
CA TYR A 17 -40.64 1.24 13.77
C TYR A 17 -39.25 0.99 13.12
N GLN A 18 -38.21 1.04 13.92
CA GLN A 18 -36.91 0.52 13.48
C GLN A 18 -36.97 -0.88 12.91
N GLN A 19 -37.58 -1.82 13.63
CA GLN A 19 -37.63 -3.21 13.16
C GLN A 19 -38.44 -3.38 11.90
N ARG A 20 -39.46 -2.54 11.74
CA ARG A 20 -40.24 -2.55 10.49
C ARG A 20 -39.31 -2.19 9.33
N LEU A 21 -38.54 -1.15 9.48
CA LEU A 21 -37.71 -0.69 8.37
C LEU A 21 -36.58 -1.72 8.12
N LYS A 22 -36.02 -2.30 9.20
CA LYS A 22 -35.03 -3.37 9.03
C LYS A 22 -35.57 -4.56 8.36
N ALA A 23 -36.84 -4.94 8.66
CA ALA A 23 -37.48 -6.06 7.99
C ALA A 23 -37.63 -5.82 6.49
N ALA A 24 -38.07 -4.62 6.11
CA ALA A 24 -38.30 -4.29 4.72
C ALA A 24 -36.91 -4.32 3.96
N VAL A 25 -35.88 -3.75 4.58
CA VAL A 25 -34.47 -3.77 4.01
C VAL A 25 -34.06 -5.21 3.78
N HIS A 26 -34.24 -6.03 4.80
CA HIS A 26 -33.87 -7.42 4.75
C HIS A 26 -34.57 -8.19 3.68
N TYR A 27 -35.87 -7.98 3.52
CA TYR A 27 -36.60 -8.60 2.44
C TYR A 27 -36.00 -8.23 1.09
N THR A 28 -35.80 -6.96 0.89
CA THR A 28 -35.31 -6.48 -0.38
C THR A 28 -33.87 -6.97 -0.61
N VAL A 29 -33.06 -7.02 0.46
CA VAL A 29 -31.65 -7.42 0.30
C VAL A 29 -31.65 -8.87 -0.14
N GLY A 30 -32.56 -9.67 0.41
CA GLY A 30 -32.61 -11.08 0.12
C GLY A 30 -32.98 -11.33 -1.33
N CYS A 31 -33.95 -10.55 -1.86
CA CYS A 31 -34.28 -10.58 -3.30
C CYS A 31 -33.08 -10.21 -4.20
N LEU A 32 -32.42 -9.10 -3.89
CA LEU A 32 -31.24 -8.69 -4.67
C LEU A 32 -30.10 -9.72 -4.62
N CYS A 33 -29.82 -10.28 -3.45
CA CYS A 33 -28.79 -11.31 -3.33
C CYS A 33 -29.21 -12.60 -4.05
N GLU A 34 -30.50 -12.94 -4.09
CA GLU A 34 -30.90 -14.15 -4.87
C GLU A 34 -30.64 -13.95 -6.38
N GLU A 35 -30.79 -12.73 -6.88
CA GLU A 35 -30.47 -12.38 -8.25
C GLU A 35 -28.97 -12.44 -8.54
N VAL A 36 -28.15 -11.96 -7.60
CA VAL A 36 -26.71 -12.05 -7.75
C VAL A 36 -26.33 -13.52 -7.71
N ALA A 37 -26.97 -14.30 -6.83
CA ALA A 37 -26.67 -15.71 -6.69
C ALA A 37 -26.93 -16.50 -7.99
N LEU A 38 -28.05 -16.19 -8.66
CA LEU A 38 -28.40 -16.77 -9.96
C LEU A 38 -27.34 -16.39 -10.97
N ASP A 39 -27.08 -15.09 -11.07
CA ASP A 39 -26.12 -14.58 -12.03
C ASP A 39 -24.68 -15.06 -11.87
N LYS A 40 -24.19 -15.22 -10.63
CA LYS A 40 -22.80 -15.53 -10.39
C LYS A 40 -22.64 -16.98 -10.05
N GLU A 41 -23.74 -17.70 -10.00
CA GLU A 41 -23.73 -19.13 -9.68
C GLU A 41 -22.98 -19.42 -8.38
N MET A 42 -23.32 -18.65 -7.35
CA MET A 42 -22.93 -19.06 -6.02
C MET A 42 -23.99 -18.59 -5.01
N GLN A 43 -24.22 -19.38 -3.98
CA GLN A 43 -25.19 -18.99 -2.93
C GLN A 43 -24.58 -18.23 -1.72
N PHE A 44 -25.44 -17.59 -0.94
CA PHE A 44 -25.06 -16.87 0.25
C PHE A 44 -25.68 -17.57 1.41
N SER A 45 -24.99 -17.63 2.53
CA SER A 45 -25.63 -18.14 3.72
C SER A 45 -26.72 -17.13 4.09
N LYS A 46 -27.71 -17.60 4.84
CA LYS A 46 -28.68 -16.70 5.47
C LYS A 46 -27.97 -15.62 6.33
N GLN A 47 -26.90 -16.02 7.03
CA GLN A 47 -26.17 -15.09 7.87
C GLN A 47 -25.52 -13.98 7.04
N THR A 48 -25.09 -14.29 5.82
CA THR A 48 -24.47 -13.27 4.96
C THR A 48 -25.49 -12.27 4.49
N ILE A 49 -26.65 -12.78 4.15
CA ILE A 49 -27.76 -11.88 3.77
C ILE A 49 -28.20 -10.98 4.90
N ALA A 50 -28.28 -11.54 6.11
CA ALA A 50 -28.57 -10.75 7.34
C ALA A 50 -27.54 -9.66 7.53
N ALA A 51 -26.27 -10.00 7.34
CA ALA A 51 -25.19 -9.03 7.52
C ALA A 51 -25.27 -7.92 6.48
N ILE A 52 -25.54 -8.24 5.23
CA ILE A 52 -25.61 -7.22 4.18
C ILE A 52 -26.85 -6.32 4.46
N SER A 53 -27.93 -6.92 4.95
CA SER A 53 -29.11 -6.10 5.29
C SER A 53 -28.83 -5.14 6.39
N GLU A 54 -28.17 -5.62 7.44
CA GLU A 54 -27.86 -4.74 8.55
C GLU A 54 -26.88 -3.65 8.13
N LEU A 55 -25.90 -4.01 7.27
CA LEU A 55 -24.95 -3.00 6.70
C LEU A 55 -25.70 -1.94 5.93
N THR A 56 -26.66 -2.38 5.14
CA THR A 56 -27.43 -1.46 4.27
C THR A 56 -28.29 -0.54 5.12
N PHE A 57 -28.96 -1.13 6.11
CA PHE A 57 -29.69 -0.31 7.08
C PHE A 57 -28.83 0.76 7.73
N ARG A 58 -27.66 0.37 8.25
CA ARG A 58 -26.76 1.35 8.86
C ARG A 58 -26.19 2.32 7.87
N GLN A 59 -25.95 1.87 6.66
CA GLN A 59 -25.40 2.76 5.65
C GLN A 59 -26.43 3.86 5.29
N CYS A 60 -27.73 3.55 5.35
CA CYS A 60 -28.72 4.65 5.20
C CYS A 60 -28.55 5.79 6.14
N GLU A 61 -28.16 5.52 7.38
CA GLU A 61 -27.90 6.62 8.30
C GLU A 61 -26.73 7.46 7.81
N ASN A 62 -25.66 6.79 7.31
CA ASN A 62 -24.51 7.54 6.82
C ASN A 62 -24.94 8.38 5.61
N PHE A 63 -25.63 7.78 4.67
CA PHE A 63 -26.02 8.55 3.48
C PHE A 63 -26.89 9.76 3.86
N ALA A 64 -27.77 9.53 4.82
CA ALA A 64 -28.80 10.50 5.17
C ALA A 64 -28.14 11.70 5.81
N LYS A 65 -27.24 11.46 6.75
CA LYS A 65 -26.53 12.55 7.36
C LYS A 65 -25.66 13.34 6.39
N ASP A 66 -25.02 12.66 5.44
CA ASP A 66 -24.17 13.35 4.47
C ASP A 66 -25.04 14.17 3.52
N LEU A 67 -26.10 13.59 3.00
CA LEU A 67 -27.03 14.35 2.10
C LEU A 67 -27.45 15.65 2.74
N GLU A 68 -27.80 15.59 4.00
CA GLU A 68 -28.28 16.75 4.74
C GLU A 68 -27.18 17.78 4.91
N MET A 69 -25.97 17.33 5.26
CA MET A 69 -24.86 18.25 5.30
C MET A 69 -24.50 18.81 3.93
N PHE A 70 -24.54 18.00 2.89
CA PHE A 70 -24.15 18.48 1.57
C PHE A 70 -25.16 19.55 1.09
N ALA A 71 -26.44 19.32 1.39
CA ALA A 71 -27.55 20.26 1.04
C ALA A 71 -27.29 21.58 1.74
N ARG A 72 -27.00 21.48 3.00
CA ARG A 72 -26.77 22.66 3.85
C ARG A 72 -25.53 23.46 3.43
N HIS A 73 -24.51 22.77 2.93
CA HIS A 73 -23.31 23.41 2.39
C HIS A 73 -23.66 24.25 1.19
N ALA A 74 -24.67 23.84 0.41
CA ALA A 74 -25.15 24.64 -0.71
C ALA A 74 -26.33 25.55 -0.33
N LYS A 75 -26.50 25.83 0.96
CA LYS A 75 -27.57 26.70 1.50
C LYS A 75 -29.02 26.16 1.27
N ARG A 76 -29.16 24.85 0.99
CA ARG A 76 -30.44 24.19 0.77
C ARG A 76 -30.83 23.27 1.92
N THR A 77 -32.12 23.28 2.25
CA THR A 77 -32.75 22.37 3.21
C THR A 77 -33.45 21.21 2.50
N THR A 78 -33.64 21.32 1.20
CA THR A 78 -34.11 20.21 0.37
C THR A 78 -32.97 19.56 -0.40
N ILE A 79 -32.76 18.26 -0.15
CA ILE A 79 -31.73 17.47 -0.81
C ILE A 79 -32.08 17.25 -2.27
N ASN A 80 -31.09 17.33 -3.14
CA ASN A 80 -31.30 17.19 -4.60
C ASN A 80 -30.35 16.17 -5.19
N THR A 81 -30.44 15.91 -6.48
CA THR A 81 -29.64 14.88 -7.10
C THR A 81 -28.11 15.21 -7.11
N GLU A 82 -27.75 16.50 -7.02
CA GLU A 82 -26.34 16.88 -6.88
C GLU A 82 -25.81 16.38 -5.54
N ASP A 83 -26.63 16.46 -4.51
CA ASP A 83 -26.22 15.95 -3.22
C ASP A 83 -26.00 14.47 -3.29
N VAL A 84 -26.90 13.78 -3.96
CA VAL A 84 -26.80 12.36 -4.13
C VAL A 84 -25.54 11.96 -4.91
N LYS A 85 -25.21 12.66 -5.99
CA LYS A 85 -24.02 12.30 -6.78
C LYS A 85 -22.69 12.41 -5.95
N LEU A 86 -22.63 13.34 -5.03
CA LEU A 86 -21.52 13.49 -4.12
C LEU A 86 -21.28 12.25 -3.25
N LEU A 87 -22.33 11.44 -3.00
CA LEU A 87 -22.20 10.17 -2.27
C LEU A 87 -21.40 9.17 -3.07
N ALA A 88 -21.35 9.33 -4.39
CA ALA A 88 -20.65 8.40 -5.27
C ALA A 88 -19.23 8.82 -5.63
N ARG A 89 -18.69 9.83 -4.99
CA ARG A 89 -17.50 10.48 -5.50
C ARG A 89 -16.18 9.72 -5.35
N ARG A 90 -16.11 8.62 -4.56
CA ARG A 90 -14.84 7.90 -4.32
C ARG A 90 -14.46 7.09 -5.56
N SER A 91 -15.41 6.87 -6.46
CA SER A 91 -15.10 6.09 -7.64
C SER A 91 -15.61 6.75 -8.89
N ASN A 92 -14.71 6.97 -9.84
CA ASN A 92 -15.09 7.53 -11.13
C ASN A 92 -16.16 6.73 -11.85
N SER A 93 -16.04 5.42 -11.79
CA SER A 93 -17.03 4.60 -12.46
C SER A 93 -18.37 4.60 -11.70
N LEU A 94 -18.35 4.62 -10.36
CA LEU A 94 -19.61 4.76 -9.61
C LEU A 94 -20.24 6.08 -9.95
N LEU A 95 -19.45 7.14 -9.93
CA LEU A 95 -19.99 8.44 -10.19
C LEU A 95 -20.60 8.53 -11.59
N LYS A 96 -20.04 7.75 -12.53
CA LYS A 96 -20.46 7.79 -13.92
C LYS A 96 -21.80 7.08 -14.01
N TYR A 97 -21.86 5.87 -13.43
CA TYR A 97 -23.08 5.08 -13.39
C TYR A 97 -24.28 5.84 -12.78
N ILE A 98 -24.04 6.61 -11.71
CA ILE A 98 -25.09 7.31 -10.98
C ILE A 98 -25.53 8.56 -11.76
N THR A 99 -24.59 9.23 -12.38
CA THR A 99 -24.89 10.43 -13.14
C THR A 99 -25.75 10.09 -14.35
N ASP A 100 -25.48 8.94 -14.95
CA ASP A 100 -26.33 8.43 -16.01
C ASP A 100 -27.73 8.15 -15.49
N LYS A 101 -27.85 7.34 -14.44
CA LYS A 101 -29.17 7.06 -13.88
C LYS A 101 -29.89 8.38 -13.63
N SER A 102 -29.16 9.38 -13.14
CA SER A 102 -29.76 10.66 -12.87
C SER A 102 -30.39 11.24 -14.15
N GLU A 103 -29.65 11.16 -15.26
CA GLU A 103 -30.04 11.75 -16.54
C GLU A 103 -31.18 10.98 -17.15
N GLU A 104 -31.11 9.65 -17.04
CA GLU A 104 -32.21 8.79 -17.44
C GLU A 104 -33.44 9.16 -16.63
N ILE A 105 -33.30 9.32 -15.32
CA ILE A 105 -34.42 9.70 -14.46
C ILE A 105 -35.02 11.07 -14.86
N ALA A 106 -34.17 12.02 -15.28
CA ALA A 106 -34.67 13.32 -15.80
C ALA A 106 -35.61 13.14 -17.03
N GLN A 107 -35.20 12.32 -18.00
CA GLN A 107 -36.00 12.03 -19.20
C GLN A 107 -36.77 10.69 -19.12
N SER B 10 -36.52 -6.03 -9.33
CA SER B 10 -36.53 -5.93 -7.83
C SER B 10 -35.64 -4.78 -7.38
N GLY B 11 -35.87 -4.31 -6.15
CA GLY B 11 -35.23 -3.09 -5.66
C GLY B 11 -36.04 -2.45 -4.58
N PHE B 12 -35.58 -1.30 -4.12
CA PHE B 12 -36.22 -0.60 -3.04
C PHE B 12 -37.34 0.29 -3.58
N ARG B 13 -38.41 0.44 -2.82
CA ARG B 13 -39.47 1.36 -3.13
C ARG B 13 -39.10 2.76 -2.64
N LYS B 14 -39.49 3.79 -3.41
CA LYS B 14 -39.18 5.14 -3.04
C LYS B 14 -39.65 5.42 -1.63
N GLU B 15 -40.86 4.96 -1.29
CA GLU B 15 -41.45 5.24 0.01
C GLU B 15 -40.55 4.69 1.14
N LEU B 16 -40.06 3.46 0.99
CA LEU B 16 -39.19 2.90 2.02
C LEU B 16 -37.89 3.74 2.14
N VAL B 17 -37.31 4.09 1.00
CA VAL B 17 -36.06 4.87 1.02
C VAL B 17 -36.30 6.18 1.73
N SER B 18 -37.45 6.78 1.46
CA SER B 18 -37.75 8.01 2.14
C SER B 18 -37.87 7.84 3.64
N ARG B 19 -38.47 6.74 4.12
CA ARG B 19 -38.59 6.54 5.58
C ARG B 19 -37.21 6.30 6.23
N LEU B 20 -36.41 5.51 5.55
CA LEU B 20 -35.02 5.25 6.05
C LEU B 20 -34.24 6.56 6.23
N LEU B 21 -34.33 7.47 5.26
CA LEU B 21 -33.56 8.74 5.33
C LEU B 21 -34.11 9.68 6.41
N HIS B 22 -35.46 9.82 6.43
CA HIS B 22 -36.09 10.65 7.46
C HIS B 22 -35.90 10.19 8.84
N LEU B 23 -35.73 8.89 9.03
CA LEU B 23 -35.44 8.43 10.34
C LEU B 23 -34.14 9.05 10.88
N HIS B 24 -33.21 9.41 9.98
CA HIS B 24 -31.87 9.79 10.41
C HIS B 24 -31.51 11.24 10.27
N PHE B 25 -32.34 12.04 9.60
CA PHE B 25 -32.00 13.46 9.48
C PHE B 25 -31.98 14.08 10.84
N LYS B 26 -31.07 15.03 11.03
CA LYS B 26 -30.92 15.74 12.29
C LYS B 26 -31.98 16.83 12.43
N ASP B 27 -32.44 17.40 11.32
CA ASP B 27 -33.32 18.57 11.30
C ASP B 27 -34.66 18.18 10.64
N ASP B 28 -35.80 18.48 11.29
CA ASP B 28 -37.10 18.10 10.71
C ASP B 28 -37.46 18.93 9.49
N LYS B 29 -36.75 20.04 9.25
CA LYS B 29 -36.99 20.84 8.04
C LYS B 29 -36.50 20.07 6.85
N THR B 30 -35.51 19.17 7.02
CA THR B 30 -34.89 18.59 5.87
C THR B 30 -35.86 17.83 5.03
N LYS B 31 -35.80 18.02 3.72
CA LYS B 31 -36.66 17.32 2.81
C LYS B 31 -35.84 16.71 1.67
N VAL B 32 -36.45 15.77 0.97
CA VAL B 32 -35.80 15.16 -0.18
C VAL B 32 -36.66 15.34 -1.43
N SER B 33 -36.05 15.89 -2.48
CA SER B 33 -36.70 16.04 -3.78
C SER B 33 -37.06 14.65 -4.31
N GLY B 34 -38.14 14.55 -5.08
CA GLY B 34 -38.55 13.29 -5.70
C GLY B 34 -37.51 12.69 -6.66
N ASP B 35 -36.81 13.55 -7.41
CA ASP B 35 -35.70 13.08 -8.27
C ASP B 35 -34.55 12.44 -7.40
N ALA B 36 -34.18 13.12 -6.31
CA ALA B 36 -33.16 12.67 -5.33
C ALA B 36 -33.56 11.33 -4.78
N LEU B 37 -34.83 11.20 -4.43
CA LEU B 37 -35.34 9.97 -3.91
C LEU B 37 -35.21 8.86 -4.89
N GLN B 38 -35.59 9.08 -6.16
CA GLN B 38 -35.46 8.02 -7.15
C GLN B 38 -33.99 7.70 -7.39
N LEU B 39 -33.12 8.69 -7.30
CA LEU B 39 -31.70 8.37 -7.52
C LEU B 39 -31.13 7.56 -6.29
N MET B 40 -31.59 7.89 -5.08
CA MET B 40 -31.24 7.08 -3.91
C MET B 40 -31.67 5.64 -3.98
N VAL B 41 -32.87 5.37 -4.52
CA VAL B 41 -33.29 4.02 -4.85
C VAL B 41 -32.27 3.26 -5.66
N GLU B 42 -31.73 3.92 -6.67
CA GLU B 42 -30.72 3.27 -7.53
C GLU B 42 -29.41 3.11 -6.77
N LEU B 43 -29.01 4.11 -6.02
CA LEU B 43 -27.69 4.06 -5.34
C LEU B 43 -27.72 2.91 -4.34
N LEU B 44 -28.84 2.81 -3.63
CA LEU B 44 -29.00 1.73 -2.64
C LEU B 44 -28.88 0.39 -3.23
N LYS B 45 -29.50 0.19 -4.39
CA LYS B 45 -29.40 -1.08 -5.09
C LYS B 45 -27.92 -1.39 -5.47
N VAL B 46 -27.20 -0.39 -5.97
CA VAL B 46 -25.80 -0.61 -6.37
C VAL B 46 -24.96 -0.97 -5.16
N PHE B 47 -25.21 -0.28 -4.05
CA PHE B 47 -24.59 -0.64 -2.80
C PHE B 47 -24.77 -2.10 -2.43
N VAL B 48 -26.03 -2.60 -2.44
CA VAL B 48 -26.30 -3.96 -2.03
C VAL B 48 -25.67 -4.95 -3.00
N VAL B 49 -25.80 -4.66 -4.28
CA VAL B 49 -25.24 -5.55 -5.25
C VAL B 49 -23.70 -5.53 -5.24
N GLU B 50 -23.11 -4.37 -5.06
CA GLU B 50 -21.65 -4.31 -4.85
C GLU B 50 -21.20 -5.15 -3.65
N ALA B 51 -21.92 -5.08 -2.52
CA ALA B 51 -21.61 -5.90 -1.35
C ALA B 51 -21.64 -7.38 -1.66
N ALA B 52 -22.68 -7.80 -2.37
CA ALA B 52 -22.91 -9.23 -2.63
C ALA B 52 -21.84 -9.76 -3.64
N VAL B 53 -21.55 -8.96 -4.67
CA VAL B 53 -20.56 -9.33 -5.72
C VAL B 53 -19.15 -9.37 -5.13
N ARG B 54 -18.81 -8.42 -4.28
CA ARG B 54 -17.50 -8.50 -3.59
C ARG B 54 -17.39 -9.72 -2.73
N GLY B 55 -18.50 -10.11 -2.12
CA GLY B 55 -18.54 -11.30 -1.29
C GLY B 55 -18.33 -12.54 -2.12
N VAL B 56 -19.00 -12.61 -3.26
CA VAL B 56 -18.77 -13.72 -4.19
C VAL B 56 -17.31 -13.81 -4.64
N ARG B 57 -16.73 -12.69 -5.09
CA ARG B 57 -15.31 -12.65 -5.50
C ARG B 57 -14.35 -13.10 -4.35
N GLN B 58 -14.62 -12.71 -3.11
CA GLN B 58 -13.84 -13.15 -1.99
C GLN B 58 -13.98 -14.65 -1.80
N ALA B 59 -15.19 -15.21 -1.92
CA ALA B 59 -15.39 -16.65 -1.73
C ALA B 59 -14.62 -17.45 -2.83
N GLN B 60 -14.52 -16.88 -4.02
CA GLN B 60 -13.85 -17.54 -5.14
C GLN B 60 -12.35 -17.51 -4.89
N ALA B 61 -11.87 -16.39 -4.37
CA ALA B 61 -10.48 -16.27 -4.06
C ALA B 61 -10.03 -17.32 -3.04
N GLU B 62 -10.97 -17.78 -2.22
CA GLU B 62 -10.70 -18.79 -1.21
C GLU B 62 -11.14 -20.19 -1.62
N ASP B 63 -11.52 -20.37 -2.88
CA ASP B 63 -12.11 -21.62 -3.40
C ASP B 63 -13.33 -22.14 -2.60
N ALA B 64 -13.99 -21.26 -1.85
CA ALA B 64 -15.20 -21.64 -1.13
C ALA B 64 -16.33 -21.90 -2.11
N LEU B 65 -17.29 -22.68 -1.67
CA LEU B 65 -18.43 -23.07 -2.48
C LEU B 65 -19.59 -22.08 -2.32
N ARG B 66 -19.59 -21.32 -1.22
CA ARG B 66 -20.64 -20.33 -0.99
C ARG B 66 -20.12 -19.18 -0.13
N VAL B 67 -20.88 -18.08 -0.08
CA VAL B 67 -20.45 -16.87 0.65
C VAL B 67 -20.94 -16.97 2.09
N ASP B 68 -20.02 -17.20 3.00
CA ASP B 68 -20.30 -17.14 4.42
C ASP B 68 -19.85 -15.79 4.94
N VAL B 69 -20.21 -15.52 6.20
CA VAL B 69 -19.97 -14.24 6.80
C VAL B 69 -18.47 -13.91 6.87
N ASP B 70 -17.60 -14.92 7.05
CA ASP B 70 -16.13 -14.71 7.09
C ASP B 70 -15.64 -14.00 5.80
N GLN B 71 -16.19 -14.38 4.66
CA GLN B 71 -15.85 -13.70 3.39
C GLN B 71 -16.35 -12.28 3.36
N LEU B 72 -17.56 -12.07 3.86
CA LEU B 72 -18.10 -10.68 3.89
C LEU B 72 -17.27 -9.81 4.76
N GLU B 73 -16.88 -10.34 5.91
CA GLU B 73 -16.05 -9.58 6.85
C GLU B 73 -14.85 -9.00 6.19
N LYS B 74 -14.25 -9.79 5.30
CA LYS B 74 -13.01 -9.36 4.63
C LYS B 74 -13.20 -8.21 3.64
N VAL B 75 -14.39 -8.06 3.04
CA VAL B 75 -14.60 -6.95 2.08
C VAL B 75 -15.32 -5.71 2.67
N LEU B 76 -15.75 -5.80 3.92
CA LEU B 76 -16.48 -4.74 4.58
C LEU B 76 -15.74 -3.42 4.72
N PRO B 77 -14.51 -3.44 5.24
CA PRO B 77 -13.90 -2.16 5.38
C PRO B 77 -13.81 -1.36 4.08
N GLN B 78 -13.38 -1.99 3.01
CA GLN B 78 -13.11 -1.24 1.78
C GLN B 78 -14.46 -0.77 1.16
N LEU B 79 -15.49 -1.59 1.38
CA LEU B 79 -16.86 -1.22 0.97
C LEU B 79 -17.36 0.04 1.67
N LEU B 80 -17.26 0.10 3.00
CA LEU B 80 -17.56 1.31 3.71
C LEU B 80 -16.73 2.49 3.25
N LEU B 81 -15.43 2.29 2.96
CA LEU B 81 -14.62 3.42 2.52
C LEU B 81 -14.98 3.92 1.11
N ASP B 82 -15.49 3.06 0.22
CA ASP B 82 -15.84 3.44 -1.15
C ASP B 82 -17.20 4.21 -1.23
N PHE B 83 -18.04 4.06 -0.19
CA PHE B 83 -19.31 4.78 -0.10
C PHE B 83 -19.26 5.83 1.02
N ARG C 14 16.68 13.90 -11.71
CA ARG C 14 16.43 12.47 -12.14
C ARG C 14 15.09 11.97 -11.59
N PHE C 15 14.71 12.43 -10.39
CA PHE C 15 13.38 12.17 -9.81
C PHE C 15 12.27 12.88 -10.59
N SER C 16 11.19 12.17 -10.89
CA SER C 16 9.95 12.80 -11.42
C SER C 16 9.34 13.73 -10.40
N TYR C 17 8.48 14.64 -10.86
CA TYR C 17 7.73 15.53 -9.95
C TYR C 17 7.02 14.75 -8.82
N GLN C 18 6.32 13.70 -9.17
CA GLN C 18 5.57 12.99 -8.16
C GLN C 18 6.46 12.26 -7.16
N GLN C 19 7.63 11.79 -7.60
CA GLN C 19 8.57 11.14 -6.70
C GLN C 19 9.10 12.14 -5.72
N ARG C 20 9.35 13.35 -6.16
CA ARG C 20 9.82 14.41 -5.27
C ARG C 20 8.76 14.82 -4.25
N LEU C 21 7.50 14.85 -4.65
CA LEU C 21 6.41 15.13 -3.68
C LEU C 21 6.32 14.02 -2.67
N LYS C 22 6.40 12.78 -3.13
CA LYS C 22 6.25 11.64 -2.27
C LYS C 22 7.38 11.56 -1.26
N ALA C 23 8.60 11.83 -1.75
CA ALA C 23 9.76 11.85 -0.90
C ALA C 23 9.62 12.95 0.17
N ALA C 24 9.14 14.12 -0.23
CA ALA C 24 8.94 15.23 0.71
C ALA C 24 7.92 14.86 1.80
N VAL C 25 6.84 14.23 1.37
CA VAL C 25 5.86 13.70 2.28
C VAL C 25 6.46 12.68 3.25
N HIS C 26 7.25 11.75 2.71
CA HIS C 26 7.79 10.64 3.48
C HIS C 26 8.71 11.16 4.57
N TYR C 27 9.55 12.13 4.22
CA TYR C 27 10.48 12.72 5.15
C TYR C 27 9.72 13.46 6.27
N THR C 28 8.71 14.25 5.95
CA THR C 28 7.94 14.93 6.98
C THR C 28 7.27 13.90 7.88
N VAL C 29 6.75 12.83 7.30
CA VAL C 29 6.14 11.72 8.08
C VAL C 29 7.21 11.14 9.04
N GLY C 30 8.38 10.84 8.50
CA GLY C 30 9.48 10.35 9.35
C GLY C 30 9.75 11.30 10.50
N CYS C 31 9.85 12.58 10.23
CA CYS C 31 10.12 13.52 11.31
C CYS C 31 9.01 13.52 12.39
N LEU C 32 7.74 13.46 11.97
CA LEU C 32 6.63 13.48 12.92
C LEU C 32 6.63 12.21 13.73
N CYS C 33 6.91 11.06 13.11
CA CYS C 33 7.05 9.80 13.79
C CYS C 33 8.20 9.83 14.84
N GLU C 34 9.31 10.48 14.50
CA GLU C 34 10.46 10.61 15.43
C GLU C 34 9.99 11.42 16.64
N GLU C 35 9.20 12.46 16.44
CA GLU C 35 8.66 13.20 17.57
C GLU C 35 7.75 12.31 18.42
N VAL C 36 6.88 11.54 17.77
CA VAL C 36 6.00 10.68 18.52
C VAL C 36 6.79 9.64 19.29
N ALA C 37 7.79 9.05 18.62
CA ALA C 37 8.64 8.03 19.20
C ALA C 37 9.31 8.59 20.47
N LEU C 38 9.73 9.85 20.43
CA LEU C 38 10.42 10.43 21.56
C LEU C 38 9.41 10.63 22.68
N ASP C 39 8.28 11.23 22.34
CA ASP C 39 7.24 11.60 23.31
C ASP C 39 6.56 10.41 24.00
N LYS C 40 6.38 9.29 23.28
CA LYS C 40 5.67 8.13 23.83
C LYS C 40 6.61 6.98 24.12
N GLU C 41 7.90 7.19 23.90
CA GLU C 41 8.91 6.19 24.18
C GLU C 41 8.63 4.88 23.47
N MET C 42 8.54 4.97 22.14
CA MET C 42 8.29 3.78 21.37
C MET C 42 8.80 4.04 19.96
N GLN C 43 9.65 3.16 19.47
CA GLN C 43 10.25 3.37 18.14
C GLN C 43 9.30 2.85 17.07
N PHE C 44 9.48 3.29 15.84
CA PHE C 44 8.83 2.79 14.63
C PHE C 44 9.78 2.11 13.68
N SER C 45 9.38 1.01 13.09
CA SER C 45 10.15 0.43 12.00
C SER C 45 10.16 1.33 10.79
N LYS C 46 11.15 1.11 9.91
CA LYS C 46 11.27 1.90 8.69
C LYS C 46 10.00 1.62 7.82
N GLN C 47 9.58 0.35 7.79
CA GLN C 47 8.42 -0.09 7.03
C GLN C 47 7.13 0.66 7.49
N THR C 48 7.01 0.86 8.80
CA THR C 48 5.82 1.53 9.39
C THR C 48 5.80 2.96 8.97
N ILE C 49 6.94 3.63 9.03
CA ILE C 49 7.03 5.00 8.60
C ILE C 49 6.70 5.10 7.11
N ALA C 50 7.21 4.20 6.30
CA ALA C 50 6.88 4.25 4.86
C ALA C 50 5.34 4.02 4.64
N ALA C 51 4.78 3.05 5.38
CA ALA C 51 3.34 2.74 5.36
C ALA C 51 2.51 3.96 5.72
N ILE C 52 2.89 4.68 6.76
CA ILE C 52 2.14 5.88 7.15
C ILE C 52 2.26 6.95 6.06
N SER C 53 3.42 7.03 5.40
CA SER C 53 3.60 7.97 4.33
C SER C 53 2.73 7.68 3.11
N GLU C 54 2.66 6.42 2.73
CA GLU C 54 1.82 5.96 1.64
C GLU C 54 0.34 6.22 1.98
N LEU C 55 -0.06 5.94 3.23
CA LEU C 55 -1.43 6.33 3.67
C LEU C 55 -1.71 7.84 3.60
N THR C 56 -0.71 8.64 3.96
CA THR C 56 -0.85 10.08 3.99
C THR C 56 -0.93 10.65 2.58
N PHE C 57 -0.10 10.15 1.68
CA PHE C 57 -0.17 10.56 0.29
C PHE C 57 -1.57 10.24 -0.31
N ARG C 58 -2.07 9.03 -0.07
CA ARG C 58 -3.41 8.64 -0.56
C ARG C 58 -4.52 9.51 0.09
N GLN C 59 -4.40 9.77 1.39
CA GLN C 59 -5.37 10.54 2.10
C GLN C 59 -5.45 11.93 1.54
N CYS C 60 -4.31 12.51 1.18
N CYS C 60 -4.29 12.52 1.20
CA CYS C 60 -4.30 13.82 0.57
CA CYS C 60 -4.21 13.78 0.50
C CYS C 60 -5.00 13.88 -0.79
C CYS C 60 -5.03 13.84 -0.75
N GLU C 61 -4.94 12.80 -1.55
CA GLU C 61 -5.72 12.70 -2.79
C GLU C 61 -7.26 12.80 -2.53
N ASN C 62 -7.76 11.99 -1.60
CA ASN C 62 -9.16 12.06 -1.18
C ASN C 62 -9.55 13.45 -0.73
N PHE C 63 -8.70 14.04 0.12
CA PHE C 63 -8.96 15.36 0.70
C PHE C 63 -9.08 16.37 -0.40
N ALA C 64 -8.10 16.35 -1.32
CA ALA C 64 -8.07 17.34 -2.42
C ALA C 64 -9.28 17.24 -3.34
N LYS C 65 -9.60 16.02 -3.74
CA LYS C 65 -10.75 15.77 -4.61
C LYS C 65 -12.06 16.17 -3.94
N ASP C 66 -12.19 15.83 -2.67
CA ASP C 66 -13.36 16.21 -1.91
C ASP C 66 -13.49 17.70 -1.80
N LEU C 67 -12.40 18.38 -1.45
CA LEU C 67 -12.39 19.85 -1.32
C LEU C 67 -12.80 20.57 -2.60
N GLU C 68 -12.31 20.09 -3.73
CA GLU C 68 -12.65 20.67 -5.02
C GLU C 68 -14.16 20.49 -5.30
N MET C 69 -14.66 19.27 -5.16
CA MET C 69 -16.09 19.00 -5.31
C MET C 69 -16.97 19.72 -4.29
N PHE C 70 -16.54 19.84 -3.04
CA PHE C 70 -17.33 20.60 -2.09
C PHE C 70 -17.46 22.08 -2.46
N ALA C 71 -16.34 22.71 -2.80
CA ALA C 71 -16.32 24.11 -3.25
C ALA C 71 -17.23 24.34 -4.45
N ARG C 72 -17.14 23.46 -5.43
CA ARG C 72 -17.95 23.56 -6.62
C ARG C 72 -19.45 23.36 -6.34
N HIS C 73 -19.75 22.53 -5.35
CA HIS C 73 -21.12 22.22 -4.94
C HIS C 73 -21.75 23.46 -4.38
N ALA C 74 -20.95 24.32 -3.74
CA ALA C 74 -21.38 25.67 -3.31
C ALA C 74 -21.15 26.82 -4.34
N LYS C 75 -20.94 26.45 -5.61
CA LYS C 75 -20.74 27.41 -6.72
C LYS C 75 -19.45 28.23 -6.59
N ARG C 76 -18.43 27.66 -5.95
CA ARG C 76 -17.14 28.36 -5.79
C ARG C 76 -16.01 27.58 -6.47
N THR C 77 -15.03 28.31 -7.03
CA THR C 77 -13.81 27.68 -7.57
C THR C 77 -12.64 27.81 -6.57
N THR C 78 -12.76 28.69 -5.61
CA THR C 78 -11.81 28.76 -4.49
C THR C 78 -12.30 28.04 -3.23
N ILE C 79 -11.55 27.02 -2.85
CA ILE C 79 -11.76 26.23 -1.66
C ILE C 79 -11.58 27.10 -0.45
N ASN C 80 -12.50 27.00 0.51
CA ASN C 80 -12.42 27.82 1.69
C ASN C 80 -12.49 26.99 2.99
N THR C 81 -12.52 27.64 4.14
CA THR C 81 -12.44 26.91 5.40
C THR C 81 -13.70 26.12 5.74
N GLU C 82 -14.86 26.48 5.16
CA GLU C 82 -16.05 25.65 5.29
C GLU C 82 -15.93 24.35 4.49
N ASP C 83 -15.21 24.37 3.36
CA ASP C 83 -14.98 23.09 2.67
C ASP C 83 -14.13 22.17 3.56
N VAL C 84 -13.18 22.75 4.27
CA VAL C 84 -12.27 21.95 5.11
C VAL C 84 -13.05 21.37 6.28
N LYS C 85 -13.90 22.19 6.89
CA LYS C 85 -14.75 21.73 8.01
C LYS C 85 -15.60 20.59 7.58
N LEU C 86 -16.13 20.66 6.39
CA LEU C 86 -16.91 19.59 5.85
C LEU C 86 -16.08 18.31 5.69
N LEU C 87 -14.78 18.46 5.37
CA LEU C 87 -13.85 17.32 5.34
C LEU C 87 -13.77 16.63 6.69
N ALA C 88 -13.87 17.43 7.75
CA ALA C 88 -13.68 16.96 9.09
C ALA C 88 -15.00 16.55 9.78
N ARG C 89 -16.05 16.46 9.02
CA ARG C 89 -17.38 16.30 9.61
C ARG C 89 -17.58 15.02 10.40
N ARG C 90 -16.87 13.93 10.09
N ARG C 90 -16.88 13.93 10.08
CA ARG C 90 -17.18 12.62 10.67
CA ARG C 90 -17.20 12.62 10.65
C ARG C 90 -16.77 12.45 12.11
C ARG C 90 -16.76 12.44 12.11
N SER C 91 -15.81 13.21 12.58
CA SER C 91 -15.33 13.04 13.96
C SER C 91 -15.55 14.32 14.76
N ASN C 92 -16.34 14.22 15.84
CA ASN C 92 -16.60 15.41 16.68
C ASN C 92 -15.37 16.08 17.14
N SER C 93 -14.42 15.34 17.73
CA SER C 93 -13.19 15.99 18.14
C SER C 93 -12.37 16.59 16.98
N LEU C 94 -12.42 15.94 15.81
CA LEU C 94 -11.64 16.45 14.66
C LEU C 94 -12.27 17.77 14.22
N LEU C 95 -13.58 17.74 14.03
CA LEU C 95 -14.32 18.96 13.59
C LEU C 95 -14.10 20.09 14.59
N LYS C 96 -14.08 19.79 15.89
CA LYS C 96 -13.87 20.81 16.90
C LYS C 96 -12.49 21.40 16.80
N TYR C 97 -11.50 20.54 16.65
CA TYR C 97 -10.11 20.92 16.51
C TYR C 97 -9.91 21.86 15.32
N ILE C 98 -10.45 21.46 14.18
CA ILE C 98 -10.35 22.21 12.94
C ILE C 98 -11.16 23.51 13.05
N THR C 99 -12.34 23.46 13.66
CA THR C 99 -13.12 24.68 13.90
C THR C 99 -12.38 25.67 14.81
N ASP C 100 -11.81 25.16 15.89
CA ASP C 100 -11.00 26.02 16.79
C ASP C 100 -9.84 26.69 16.01
N LYS C 101 -9.05 25.89 15.28
CA LYS C 101 -7.92 26.40 14.48
C LYS C 101 -8.35 27.49 13.47
N SER C 102 -9.51 27.28 12.85
CA SER C 102 -10.08 28.26 11.95
C SER C 102 -10.34 29.61 12.60
N GLU C 103 -10.85 29.59 13.83
CA GLU C 103 -11.11 30.81 14.62
C GLU C 103 -9.77 31.49 14.95
N GLU C 104 -8.84 30.69 15.44
CA GLU C 104 -7.46 31.09 15.71
C GLU C 104 -6.88 31.86 14.52
N ILE C 105 -6.81 31.23 13.35
CA ILE C 105 -6.33 31.88 12.13
C ILE C 105 -7.07 33.19 11.88
N ALA C 106 -8.39 33.13 11.97
CA ALA C 106 -9.26 34.30 11.79
C ALA C 106 -9.00 35.46 12.78
N GLN C 107 -8.40 35.21 13.95
CA GLN C 107 -8.14 36.26 14.94
C GLN C 107 -6.91 37.09 14.60
N SER D 10 7.70 20.97 13.81
CA SER D 10 7.80 19.92 12.73
C SER D 10 6.40 19.66 12.15
N GLY D 11 6.30 19.68 10.82
CA GLY D 11 5.01 19.66 10.12
C GLY D 11 5.21 19.85 8.63
N PHE D 12 4.11 19.82 7.90
CA PHE D 12 4.17 19.94 6.44
C PHE D 12 4.29 21.40 6.05
N ARG D 13 5.24 21.72 5.18
CA ARG D 13 5.31 23.08 4.67
C ARG D 13 4.08 23.35 3.81
N LYS D 14 3.53 24.55 3.93
CA LYS D 14 2.37 24.93 3.15
C LYS D 14 2.63 24.95 1.66
N GLU D 15 3.86 25.27 1.29
CA GLU D 15 4.27 25.17 -0.11
C GLU D 15 4.09 23.77 -0.67
N LEU D 16 4.45 22.76 0.11
CA LEU D 16 4.25 21.40 -0.28
C LEU D 16 2.77 21.01 -0.30
N VAL D 17 2.03 21.42 0.70
CA VAL D 17 0.61 20.99 0.84
C VAL D 17 -0.14 21.57 -0.38
N SER D 18 0.19 22.80 -0.73
CA SER D 18 -0.44 23.43 -1.88
C SER D 18 -0.25 22.62 -3.17
N ARG D 19 0.98 22.16 -3.39
CA ARG D 19 1.25 21.33 -4.52
C ARG D 19 0.63 19.96 -4.43
N LEU D 20 0.57 19.41 -3.21
CA LEU D 20 -0.10 18.17 -3.04
C LEU D 20 -1.60 18.32 -3.44
N LEU D 21 -2.22 19.42 -3.07
CA LEU D 21 -3.68 19.54 -3.34
C LEU D 21 -3.88 19.74 -4.83
N HIS D 22 -3.10 20.67 -5.40
CA HIS D 22 -3.13 20.89 -6.84
C HIS D 22 -2.87 19.70 -7.68
N LEU D 23 -2.01 18.79 -7.24
CA LEU D 23 -1.75 17.55 -7.99
C LEU D 23 -3.03 16.77 -8.31
N HIS D 24 -4.00 16.79 -7.42
CA HIS D 24 -5.20 15.98 -7.64
C HIS D 24 -6.41 16.71 -8.12
N PHE D 25 -6.38 18.04 -8.19
CA PHE D 25 -7.57 18.75 -8.63
C PHE D 25 -7.84 18.35 -10.09
N LYS D 26 -9.12 18.13 -10.44
CA LYS D 26 -9.58 17.85 -11.82
C LYS D 26 -9.62 19.16 -12.68
N ASP D 27 -9.73 20.32 -12.06
CA ASP D 27 -10.03 21.54 -12.81
C ASP D 27 -8.99 22.62 -12.56
N ASP D 28 -8.47 23.17 -13.66
CA ASP D 28 -7.39 24.19 -13.62
C ASP D 28 -7.85 25.49 -13.00
N LYS D 29 -9.16 25.71 -12.92
CA LYS D 29 -9.69 26.90 -12.26
C LYS D 29 -9.57 26.82 -10.73
N THR D 30 -9.50 25.63 -10.14
CA THR D 30 -9.62 25.50 -8.68
C THR D 30 -8.47 26.17 -7.96
N LYS D 31 -8.75 26.92 -6.91
CA LYS D 31 -7.74 27.54 -6.07
C LYS D 31 -8.01 27.14 -4.64
N VAL D 32 -7.04 27.39 -3.75
CA VAL D 32 -7.21 27.17 -2.33
C VAL D 32 -7.02 28.46 -1.58
N SER D 33 -7.98 28.84 -0.75
CA SER D 33 -7.79 30.05 0.06
C SER D 33 -6.60 29.87 0.96
N GLY D 34 -5.99 30.99 1.34
CA GLY D 34 -4.85 30.99 2.27
C GLY D 34 -5.14 30.39 3.64
N ASP D 35 -6.32 30.69 4.18
CA ASP D 35 -6.75 30.11 5.47
C ASP D 35 -7.02 28.62 5.36
N ALA D 36 -7.65 28.19 4.27
CA ALA D 36 -7.91 26.77 4.01
C ALA D 36 -6.60 25.97 3.92
N LEU D 37 -5.59 26.56 3.29
CA LEU D 37 -4.29 25.92 3.15
C LEU D 37 -3.65 25.69 4.49
N GLN D 38 -3.59 26.73 5.32
CA GLN D 38 -3.18 26.61 6.72
C GLN D 38 -3.93 25.50 7.44
N LEU D 39 -5.24 25.40 7.22
CA LEU D 39 -5.98 24.37 7.93
C LEU D 39 -5.60 23.00 7.40
N MET D 40 -5.37 22.89 6.10
CA MET D 40 -4.98 21.60 5.52
C MET D 40 -3.59 21.19 5.98
N VAL D 41 -2.74 22.16 6.28
CA VAL D 41 -1.44 21.88 6.88
C VAL D 41 -1.66 21.14 8.21
N GLU D 42 -2.57 21.67 9.03
CA GLU D 42 -2.83 21.08 10.36
C GLU D 42 -3.50 19.75 10.24
N LEU D 43 -4.43 19.61 9.30
CA LEU D 43 -5.19 18.40 9.20
C LEU D 43 -4.29 17.22 8.79
N LEU D 44 -3.36 17.45 7.86
CA LEU D 44 -2.46 16.40 7.43
C LEU D 44 -1.59 15.88 8.62
N LYS D 45 -1.09 16.80 9.43
CA LYS D 45 -0.33 16.48 10.61
C LYS D 45 -1.15 15.68 11.62
N VAL D 46 -2.41 16.07 11.83
CA VAL D 46 -3.27 15.34 12.74
C VAL D 46 -3.44 13.93 12.25
N PHE D 47 -3.63 13.75 10.93
CA PHE D 47 -3.75 12.43 10.37
C PHE D 47 -2.51 11.54 10.67
N VAL D 48 -1.33 12.09 10.34
CA VAL D 48 -0.05 11.36 10.56
C VAL D 48 0.13 11.01 12.02
N VAL D 49 -0.08 11.99 12.90
CA VAL D 49 0.08 11.78 14.33
C VAL D 49 -0.96 10.79 14.84
N GLU D 50 -2.18 10.82 14.30
CA GLU D 50 -3.18 9.89 14.74
C GLU D 50 -2.75 8.47 14.42
N ALA D 51 -2.35 8.21 13.16
CA ALA D 51 -1.87 6.90 12.76
C ALA D 51 -0.68 6.46 13.61
N ALA D 52 0.23 7.37 13.86
CA ALA D 52 1.42 7.02 14.62
C ALA D 52 1.10 6.66 16.07
N VAL D 53 0.31 7.50 16.75
CA VAL D 53 -0.03 7.22 18.16
C VAL D 53 -0.90 6.02 18.30
N ARG D 54 -1.84 5.78 17.36
CA ARG D 54 -2.63 4.53 17.44
C ARG D 54 -1.77 3.28 17.24
N GLY D 55 -0.85 3.32 16.29
CA GLY D 55 0.14 2.23 16.18
C GLY D 55 0.95 2.06 17.47
N VAL D 56 1.37 3.15 18.07
CA VAL D 56 2.05 3.07 19.37
C VAL D 56 1.22 2.37 20.45
N ARG D 57 -0.08 2.69 20.55
CA ARG D 57 -0.95 2.06 21.54
C ARG D 57 -1.09 0.61 21.31
N GLN D 58 -1.15 0.21 20.04
CA GLN D 58 -1.32 -1.20 19.76
C GLN D 58 0.00 -1.91 20.15
N ALA D 59 1.13 -1.32 19.85
CA ALA D 59 2.45 -1.86 20.27
C ALA D 59 2.58 -1.96 21.79
N GLN D 60 2.20 -0.90 22.51
CA GLN D 60 2.21 -0.92 23.99
C GLN D 60 1.29 -1.99 24.54
N ALA D 61 0.09 -2.11 23.99
CA ALA D 61 -0.81 -3.18 24.42
C ALA D 61 -0.20 -4.58 24.24
N GLU D 62 0.61 -4.78 23.21
CA GLU D 62 1.23 -6.10 22.99
C GLU D 62 2.62 -6.19 23.62
N ASP D 63 3.06 -5.17 24.36
CA ASP D 63 4.42 -5.09 24.88
C ASP D 63 5.45 -5.29 23.78
N ALA D 64 5.21 -4.73 22.60
CA ALA D 64 6.15 -4.89 21.49
C ALA D 64 7.31 -3.90 21.65
N LEU D 65 8.44 -4.23 21.02
CA LEU D 65 9.65 -3.35 21.09
C LEU D 65 9.55 -2.08 20.22
N ARG D 66 8.70 -2.17 19.20
CA ARG D 66 8.53 -1.08 18.24
CA ARG D 66 8.52 -1.08 18.24
C ARG D 66 7.22 -1.31 17.45
N VAL D 67 6.76 -0.27 16.79
CA VAL D 67 5.60 -0.37 15.94
C VAL D 67 6.05 -0.90 14.56
N ASP D 68 5.63 -2.11 14.27
CA ASP D 68 5.86 -2.77 13.01
C ASP D 68 4.57 -2.64 12.20
N VAL D 69 4.63 -3.09 10.96
CA VAL D 69 3.50 -2.96 10.03
C VAL D 69 2.26 -3.69 10.53
N ASP D 70 2.42 -4.87 11.12
CA ASP D 70 1.35 -5.61 11.81
C ASP D 70 0.51 -4.73 12.76
N GLN D 71 1.17 -4.01 13.62
CA GLN D 71 0.50 -3.16 14.58
C GLN D 71 -0.27 -2.04 13.90
N LEU D 72 0.33 -1.40 12.88
CA LEU D 72 -0.39 -0.38 12.10
C LEU D 72 -1.61 -0.92 11.40
N GLU D 73 -1.51 -2.11 10.83
CA GLU D 73 -2.60 -2.72 10.11
C GLU D 73 -3.78 -3.08 11.04
N LYS D 74 -3.48 -3.44 12.25
CA LYS D 74 -4.52 -3.71 13.23
C LYS D 74 -5.41 -2.44 13.52
N VAL D 75 -4.80 -1.29 13.52
CA VAL D 75 -5.54 -0.08 13.83
C VAL D 75 -6.11 0.60 12.56
N LEU D 76 -5.81 0.05 11.37
CA LEU D 76 -6.05 0.76 10.13
C LEU D 76 -7.54 0.91 9.75
N PRO D 77 -8.31 -0.16 9.75
CA PRO D 77 -9.73 0.00 9.39
C PRO D 77 -10.41 1.07 10.24
N GLN D 78 -10.23 1.00 11.56
CA GLN D 78 -10.82 2.05 12.40
C GLN D 78 -10.23 3.47 12.21
N LEU D 79 -8.96 3.59 11.85
CA LEU D 79 -8.42 4.91 11.53
C LEU D 79 -9.01 5.51 10.25
N LEU D 80 -9.04 4.74 9.18
CA LEU D 80 -9.50 5.23 7.90
C LEU D 80 -11.01 5.55 7.93
N LEU D 81 -11.76 4.76 8.66
CA LEU D 81 -13.19 5.02 8.85
C LEU D 81 -13.46 6.30 9.63
N ASP D 82 -12.55 6.74 10.48
CA ASP D 82 -12.67 8.03 11.20
C ASP D 82 -12.42 9.25 10.38
N PHE D 83 -11.72 9.12 9.27
CA PHE D 83 -11.33 10.30 8.48
C PHE D 83 -12.20 10.67 7.28
N LYS E 13 10.48 28.43 3.17
CA LYS E 13 11.42 27.63 2.33
C LYS E 13 10.67 26.94 1.15
N ASP E 14 11.17 25.81 0.66
CA ASP E 14 10.70 25.26 -0.59
C ASP E 14 9.80 24.08 -0.39
N TRP E 15 8.99 23.78 -1.41
CA TRP E 15 8.14 22.60 -1.33
C TRP E 15 8.94 21.31 -1.33
N PHE E 16 10.10 21.31 -1.99
CA PHE E 16 10.88 20.12 -2.13
C PHE E 16 11.91 20.01 -1.00
N LEU E 17 12.43 18.82 -0.79
CA LEU E 17 13.45 18.59 0.24
C LEU E 17 14.74 19.30 -0.15
N SER E 18 15.33 20.00 0.81
CA SER E 18 16.68 20.56 0.70
C SER E 18 17.67 19.43 0.57
N GLU E 19 18.92 19.77 0.24
CA GLU E 19 19.96 18.77 0.06
C GLU E 19 20.15 18.00 1.35
N GLU E 20 20.16 18.69 2.47
CA GLU E 20 20.30 18.02 3.78
C GLU E 20 19.12 17.12 4.11
N GLU E 21 17.88 17.61 3.90
CA GLU E 21 16.69 16.76 4.16
C GLU E 21 16.66 15.53 3.25
N PHE E 22 17.00 15.73 1.98
CA PHE E 22 17.07 14.63 1.03
C PHE E 22 18.06 13.54 1.43
N LYS E 23 19.28 13.93 1.82
CA LYS E 23 20.25 13.01 2.37
C LYS E 23 19.68 12.23 3.56
N LEU E 24 19.00 12.92 4.48
CA LEU E 24 18.40 12.24 5.65
C LEU E 24 17.35 11.22 5.18
N TRP E 25 16.50 11.62 4.25
CA TRP E 25 15.44 10.72 3.80
C TRP E 25 16.03 9.50 3.16
N ASN E 26 17.07 9.73 2.34
CA ASN E 26 17.75 8.61 1.65
C ASN E 26 18.38 7.63 2.61
N ARG E 27 18.93 8.10 3.70
CA ARG E 27 19.64 7.19 4.58
CA ARG E 27 19.65 7.21 4.61
C ARG E 27 18.81 6.60 5.74
N LEU E 28 17.69 7.25 6.08
CA LEU E 28 16.86 6.80 7.19
C LEU E 28 15.51 6.17 6.79
N TYR E 29 14.86 6.67 5.74
CA TYR E 29 13.41 6.38 5.51
C TYR E 29 13.13 5.63 4.21
N ARG E 30 13.80 6.06 3.13
CA ARG E 30 13.60 5.48 1.81
C ARG E 30 13.73 3.99 1.79
N LEU E 31 12.75 3.31 1.21
CA LEU E 31 12.80 1.86 1.14
C LEU E 31 13.68 1.47 -0.07
N ARG E 32 14.42 0.39 0.04
CA ARG E 32 15.38 0.00 -1.00
C ARG E 32 15.07 -1.36 -1.53
N ASP E 33 15.50 -1.62 -2.77
CA ASP E 33 15.30 -2.92 -3.43
C ASP E 33 15.91 -4.09 -2.66
N SER E 34 16.94 -3.84 -1.87
CA SER E 34 17.50 -4.91 -1.00
C SER E 34 16.88 -5.00 0.42
N ASP E 35 15.91 -4.13 0.76
CA ASP E 35 15.20 -4.29 2.05
C ASP E 35 14.24 -5.49 1.89
N GLU E 36 13.79 -6.12 2.98
CA GLU E 36 12.89 -7.27 2.81
C GLU E 36 11.59 -6.79 2.12
N ILE E 37 11.13 -5.58 2.45
CA ILE E 37 10.01 -4.97 1.74
C ILE E 37 10.53 -3.73 1.09
N LYS E 38 10.50 -3.72 -0.23
CA LYS E 38 10.98 -2.60 -0.98
C LYS E 38 9.92 -1.60 -1.37
N GLU E 39 8.64 -1.95 -1.16
CA GLU E 39 7.51 -1.06 -1.49
C GLU E 39 6.26 -1.38 -0.64
N ILE E 40 5.59 -0.35 -0.15
CA ILE E 40 4.26 -0.51 0.51
C ILE E 40 3.20 0.07 -0.44
N THR E 41 2.18 -0.70 -0.77
CA THR E 41 1.07 -0.23 -1.60
C THR E 41 -0.26 -0.27 -0.80
N LEU E 42 -1.23 0.51 -1.26
CA LEU E 42 -2.63 0.53 -0.76
C LEU E 42 -3.57 -0.09 -1.78
N PRO E 43 -4.51 -0.94 -1.34
CA PRO E 43 -5.44 -1.45 -2.37
C PRO E 43 -6.13 -0.30 -3.10
N GLN E 44 -6.29 -0.46 -4.41
CA GLN E 44 -6.95 0.52 -5.28
C GLN E 44 -8.52 0.34 -5.29
N VAL E 45 -9.26 1.45 -5.45
CA VAL E 45 -10.75 1.41 -5.46
C VAL E 45 -11.19 0.60 -6.69
N GLN E 46 -11.95 -0.47 -6.52
CA GLN E 46 -12.44 -1.25 -7.66
C GLN E 46 -13.91 -1.62 -7.40
N PHE E 47 -14.77 -1.44 -8.41
CA PHE E 47 -16.16 -1.83 -8.32
C PHE E 47 -16.49 -2.98 -9.23
N SER E 48 -16.62 -4.17 -8.65
CA SER E 48 -16.75 -5.39 -9.42
C SER E 48 -18.10 -5.53 -10.12
N SER E 49 -19.14 -4.83 -9.69
CA SER E 49 -20.46 -5.06 -10.30
C SER E 49 -20.87 -4.05 -11.34
N LEU E 50 -20.06 -3.04 -11.60
CA LEU E 50 -20.48 -2.05 -12.58
C LEU E 50 -19.98 -2.49 -13.98
N THR E 62 5.46 -9.22 -7.08
CA THR E 62 4.98 -8.81 -5.77
C THR E 62 5.79 -9.43 -4.61
N THR E 63 6.91 -10.09 -4.92
CA THR E 63 7.84 -10.61 -3.89
C THR E 63 8.28 -9.59 -2.85
N GLY E 64 8.72 -8.42 -3.30
CA GLY E 64 9.16 -7.42 -2.31
C GLY E 64 8.08 -6.43 -1.87
N ILE E 65 6.84 -6.64 -2.33
CA ILE E 65 5.80 -5.64 -2.30
C ILE E 65 4.77 -6.03 -1.21
N HIS E 66 4.54 -5.11 -0.28
CA HIS E 66 3.55 -5.35 0.79
C HIS E 66 2.33 -4.51 0.53
N GLN E 67 1.23 -5.17 0.22
CA GLN E 67 -0.03 -4.44 0.12
C GLN E 67 -0.70 -4.33 1.50
N LEU E 68 -0.88 -3.15 1.99
CA LEU E 68 -1.55 -3.01 3.30
C LEU E 68 -2.95 -3.69 3.27
N SER E 69 -3.22 -4.57 4.23
CA SER E 69 -4.50 -5.31 4.35
C SER E 69 -5.48 -4.60 5.29
N LEU E 70 -6.74 -4.55 4.90
CA LEU E 70 -7.80 -4.04 5.77
C LEU E 70 -8.60 -5.23 6.30
N SER E 71 -8.14 -6.44 6.04
CA SER E 71 -8.91 -7.61 6.41
C SER E 71 -8.16 -8.66 7.21
N GLU E 72 -6.84 -8.63 7.15
CA GLU E 72 -6.07 -9.67 7.78
C GLU E 72 -6.33 -9.72 9.28
N TRP E 73 -6.63 -8.55 9.88
CA TRP E 73 -6.81 -8.48 11.30
C TRP E 73 -8.28 -8.33 11.66
N ARG E 74 -9.14 -9.01 10.92
CA ARG E 74 -10.61 -8.86 11.08
C ARG E 74 -11.04 -9.28 12.49
N LEU E 75 -10.37 -10.27 13.08
CA LEU E 75 -10.78 -10.73 14.39
C LEU E 75 -10.44 -9.78 15.54
N TRP E 76 -9.69 -8.72 15.26
CA TRP E 76 -9.35 -7.68 16.18
C TRP E 76 -10.37 -6.55 16.15
N GLN E 77 -11.35 -6.61 15.27
CA GLN E 77 -12.15 -5.43 14.96
C GLN E 77 -13.52 -5.34 15.63
N ASP E 78 -13.90 -6.29 16.48
CA ASP E 78 -15.17 -6.25 17.18
C ASP E 78 -15.18 -5.45 18.47
N HIS E 79 -14.22 -4.58 18.65
CA HIS E 79 -14.17 -3.72 19.85
C HIS E 79 -13.58 -2.41 19.38
N PRO E 80 -13.97 -1.27 19.97
CA PRO E 80 -13.37 -0.02 19.56
C PRO E 80 -11.94 0.12 20.05
N LEU E 81 -11.05 0.48 19.13
CA LEU E 81 -9.64 0.64 19.46
C LEU E 81 -9.33 2.02 20.02
N PRO E 82 -8.17 2.15 20.68
CA PRO E 82 -7.79 3.45 21.26
C PRO E 82 -7.74 4.58 20.26
N THR E 83 -8.01 5.80 20.70
CA THR E 83 -7.84 6.94 19.84
C THR E 83 -6.89 7.89 20.53
N HIS E 84 -6.37 8.85 19.78
CA HIS E 84 -5.51 9.92 20.29
C HIS E 84 -6.24 11.26 20.36
N GLN E 85 -6.44 11.93 19.23
CA GLN E 85 -7.07 13.21 19.20
C GLN E 85 -8.34 13.15 18.38
N VAL E 86 -8.53 12.05 17.66
CA VAL E 86 -9.57 11.94 16.71
C VAL E 86 -10.47 10.80 17.21
N ASP E 87 -11.67 11.17 17.65
CA ASP E 87 -12.70 10.24 18.11
C ASP E 87 -13.12 9.33 16.97
N HIS E 88 -13.64 8.15 17.29
CA HIS E 88 -14.24 7.34 16.28
C HIS E 88 -15.48 8.04 15.69
N SER E 89 -15.68 7.85 14.39
CA SER E 89 -16.80 8.37 13.64
C SER E 89 -17.99 7.47 13.80
N ASP E 90 -19.16 7.95 13.39
CA ASP E 90 -20.34 7.10 13.37
C ASP E 90 -20.13 5.92 12.43
N ARG E 91 -19.58 6.13 11.24
CA ARG E 91 -19.45 4.96 10.37
C ARG E 91 -18.48 3.90 10.95
N CYS E 92 -17.48 4.34 11.66
CA CYS E 92 -16.56 3.42 12.33
C CYS E 92 -17.29 2.68 13.47
N ARG E 93 -18.15 3.38 14.22
CA ARG E 93 -19.00 2.68 15.17
C ARG E 93 -19.92 1.67 14.54
N HIS E 94 -20.45 1.95 13.38
CA HIS E 94 -21.26 0.96 12.67
C HIS E 94 -20.47 -0.26 12.21
N PHE E 95 -19.27 0.01 11.72
CA PHE E 95 -18.37 -1.05 11.34
C PHE E 95 -18.14 -1.95 12.57
N ILE E 96 -17.82 -1.36 13.71
CA ILE E 96 -17.55 -2.15 14.90
C ILE E 96 -18.81 -2.97 15.27
N GLY E 97 -19.97 -2.34 15.26
CA GLY E 97 -21.20 -3.08 15.53
C GLY E 97 -21.54 -4.16 14.57
N LEU E 98 -21.27 -3.94 13.28
CA LEU E 98 -21.46 -5.02 12.35
C LEU E 98 -20.53 -6.20 12.58
N MET E 99 -19.29 -5.89 12.87
CA MET E 99 -18.34 -6.98 13.24
C MET E 99 -18.84 -7.79 14.46
N GLN E 100 -19.40 -7.10 15.44
CA GLN E 100 -20.00 -7.76 16.63
C GLN E 100 -21.18 -8.66 16.21
N MET E 101 -22.07 -8.16 15.34
CA MET E 101 -23.17 -8.96 14.78
C MET E 101 -22.69 -10.20 14.04
N ILE E 102 -21.74 -10.00 13.14
CA ILE E 102 -21.14 -11.14 12.42
C ILE E 102 -20.53 -12.17 13.39
N GLU E 103 -19.80 -11.71 14.40
CA GLU E 103 -19.20 -12.63 15.38
C GLU E 103 -20.30 -13.45 16.04
N GLY E 104 -21.40 -12.79 16.41
CA GLY E 104 -22.53 -13.43 17.04
C GLY E 104 -23.29 -14.43 16.20
N MET E 105 -23.05 -14.47 14.89
CA MET E 105 -23.78 -15.33 13.95
C MET E 105 -22.85 -16.34 13.26
N ARG E 106 -21.57 -16.23 13.55
CA ARG E 106 -20.55 -16.93 12.81
C ARG E 106 -20.79 -18.45 12.91
N HIS E 107 -21.28 -18.90 14.04
CA HIS E 107 -21.40 -20.33 14.30
C HIS E 107 -22.83 -20.82 14.22
N GLU E 108 -23.73 -20.02 13.64
CA GLU E 108 -25.06 -20.51 13.28
C GLU E 108 -24.95 -21.33 12.02
N GLU E 109 -25.51 -22.52 12.04
CA GLU E 109 -25.72 -23.32 10.82
C GLU E 109 -27.21 -23.19 10.42
N GLY E 110 -27.47 -22.82 9.17
CA GLY E 110 -28.84 -22.81 8.62
C GLY E 110 -29.76 -21.67 9.06
N GLU E 111 -30.56 -21.93 10.12
CA GLU E 111 -31.62 -21.02 10.60
C GLU E 111 -31.07 -19.80 11.35
N CYS E 112 -31.48 -18.61 10.90
CA CYS E 112 -30.76 -17.39 11.18
C CYS E 112 -31.47 -16.56 12.23
N SER E 113 -30.78 -16.25 13.33
CA SER E 113 -31.37 -15.43 14.38
C SER E 113 -31.86 -14.03 13.94
N TYR E 114 -31.21 -13.41 12.94
CA TYR E 114 -31.62 -12.04 12.51
C TYR E 114 -32.99 -12.06 11.87
N GLU E 115 -33.19 -13.00 10.96
CA GLU E 115 -34.48 -13.26 10.36
C GLU E 115 -35.53 -13.38 11.45
N LEU E 116 -35.27 -14.22 12.45
CA LEU E 116 -36.21 -14.41 13.56
C LEU E 116 -36.49 -13.11 14.30
N GLU E 117 -35.52 -12.21 14.43
CA GLU E 117 -35.73 -10.94 15.13
C GLU E 117 -36.53 -9.89 14.30
N VAL E 118 -36.48 -9.95 12.97
CA VAL E 118 -37.10 -8.88 12.16
C VAL E 118 -38.35 -9.27 11.37
N GLU E 119 -38.45 -10.53 10.97
N GLU E 119 -38.43 -10.54 10.96
CA GLU E 119 -39.47 -10.93 10.00
CA GLU E 119 -39.47 -11.01 10.05
C GLU E 119 -40.95 -10.78 10.47
C GLU E 119 -40.89 -10.60 10.49
N SER E 120 -41.18 -10.73 11.77
CA SER E 120 -42.52 -10.45 12.30
C SER E 120 -42.88 -8.96 12.21
N TYR E 121 -41.92 -8.09 11.88
CA TYR E 121 -42.22 -6.72 11.69
C TYR E 121 -42.38 -6.30 10.23
N LEU E 122 -42.26 -7.24 9.29
CA LEU E 122 -42.32 -6.92 7.90
C LEU E 122 -43.76 -6.53 7.53
N GLN E 123 -43.89 -5.43 6.81
CA GLN E 123 -45.18 -5.02 6.20
C GLN E 123 -44.98 -5.05 4.69
N MET E 124 -45.80 -5.84 4.00
CA MET E 124 -45.67 -6.04 2.56
C MET E 124 -45.83 -4.76 1.77
N GLU E 125 -46.57 -3.81 2.30
CA GLU E 125 -46.75 -2.56 1.57
C GLU E 125 -45.41 -1.85 1.44
N ASP E 126 -44.44 -2.17 2.31
CA ASP E 126 -43.12 -1.49 2.25
C ASP E 126 -42.24 -1.96 1.11
N VAL E 127 -42.55 -3.13 0.55
CA VAL E 127 -41.66 -3.80 -0.39
C VAL E 127 -42.33 -4.19 -1.72
N THR E 128 -41.54 -4.78 -2.61
CA THR E 128 -41.98 -5.25 -3.93
C THR E 128 -41.86 -6.78 -3.95
N GLU F 6 7.38 -73.26 19.79
CA GLU F 6 7.05 -72.45 18.57
C GLU F 6 6.88 -70.98 18.97
N ALA F 7 6.03 -70.71 19.95
CA ALA F 7 5.88 -69.35 20.49
C ALA F 7 7.14 -68.92 21.26
N GLU F 8 7.78 -69.89 21.92
CA GLU F 8 9.09 -69.65 22.57
C GLU F 8 10.13 -69.27 21.53
N THR F 9 10.09 -69.92 20.37
CA THR F 9 11.08 -69.68 19.29
C THR F 9 10.85 -68.32 18.60
N GLU F 10 9.60 -67.99 18.30
CA GLU F 10 9.24 -66.68 17.75
C GLU F 10 9.82 -65.60 18.66
N GLU F 11 9.62 -65.78 19.96
CA GLU F 11 10.08 -64.80 20.95
C GLU F 11 11.60 -64.69 21.07
N GLN F 12 12.33 -65.79 21.02
CA GLN F 12 13.80 -65.74 21.08
C GLN F 12 14.33 -65.04 19.80
N GLN F 13 13.69 -65.26 18.66
CA GLN F 13 14.14 -64.59 17.44
C GLN F 13 13.78 -63.10 17.35
N ARG F 14 12.58 -62.76 17.79
CA ARG F 14 12.18 -61.35 17.99
C ARG F 14 13.21 -60.62 18.87
N PHE F 15 13.58 -61.20 20.00
CA PHE F 15 14.54 -60.57 20.92
C PHE F 15 15.92 -60.39 20.28
N SER F 16 16.44 -61.45 19.65
CA SER F 16 17.79 -61.35 19.08
C SER F 16 17.82 -60.37 17.90
N TYR F 17 16.74 -60.24 17.14
CA TYR F 17 16.63 -59.27 16.06
C TYR F 17 16.58 -57.84 16.64
N GLN F 18 15.75 -57.64 17.67
CA GLN F 18 15.73 -56.38 18.40
C GLN F 18 17.12 -55.99 18.85
N GLN F 19 17.83 -56.93 19.47
CA GLN F 19 19.14 -56.61 19.99
C GLN F 19 20.10 -56.29 18.88
N ARG F 20 19.88 -56.92 17.73
CA ARG F 20 20.75 -56.62 16.54
C ARG F 20 20.58 -55.13 16.13
N LEU F 21 19.35 -54.71 16.00
CA LEU F 21 19.08 -53.33 15.60
C LEU F 21 19.54 -52.34 16.68
N LYS F 22 19.38 -52.68 17.97
CA LYS F 22 19.87 -51.79 19.04
C LYS F 22 21.34 -51.66 19.01
N ALA F 23 22.04 -52.78 18.73
CA ALA F 23 23.49 -52.71 18.64
C ALA F 23 23.94 -51.79 17.54
N ALA F 24 23.30 -51.84 16.40
CA ALA F 24 23.69 -51.00 15.30
C ALA F 24 23.38 -49.50 15.56
N VAL F 25 22.25 -49.23 16.18
CA VAL F 25 21.91 -47.84 16.63
C VAL F 25 22.99 -47.39 17.60
N HIS F 26 23.32 -48.23 18.59
CA HIS F 26 24.34 -47.89 19.57
C HIS F 26 25.70 -47.61 19.00
N TYR F 27 26.08 -48.39 18.00
CA TYR F 27 27.34 -48.11 17.30
C TYR F 27 27.33 -46.73 16.59
N THR F 28 26.26 -46.45 15.88
CA THR F 28 26.18 -45.23 15.10
C THR F 28 26.09 -43.98 16.06
N VAL F 29 25.26 -44.11 17.10
CA VAL F 29 25.16 -43.06 18.17
C VAL F 29 26.52 -42.77 18.73
N GLY F 30 27.31 -43.81 18.98
CA GLY F 30 28.63 -43.62 19.50
C GLY F 30 29.48 -42.79 18.56
N CYS F 31 29.42 -43.10 17.27
CA CYS F 31 30.20 -42.36 16.30
C CYS F 31 29.76 -40.88 16.27
N LEU F 32 28.45 -40.67 16.18
CA LEU F 32 27.89 -39.31 16.16
C LEU F 32 28.25 -38.52 17.43
N CYS F 33 28.20 -39.14 18.60
CA CYS F 33 28.51 -38.44 19.83
C CYS F 33 30.01 -38.12 19.93
N GLU F 34 30.86 -38.95 19.34
CA GLU F 34 32.27 -38.62 19.37
C GLU F 34 32.54 -37.38 18.54
N GLU F 35 31.77 -37.21 17.46
CA GLU F 35 31.93 -36.05 16.63
C GLU F 35 31.51 -34.81 17.40
N VAL F 36 30.43 -34.92 18.15
CA VAL F 36 29.95 -33.76 18.95
C VAL F 36 30.95 -33.46 20.05
N ALA F 37 31.48 -34.48 20.72
CA ALA F 37 32.47 -34.25 21.79
C ALA F 37 33.70 -33.51 21.31
N LEU F 38 34.14 -33.80 20.09
CA LEU F 38 35.26 -33.08 19.44
C LEU F 38 34.86 -31.63 19.13
N ASP F 39 33.73 -31.47 18.48
CA ASP F 39 33.23 -30.14 18.15
C ASP F 39 33.02 -29.23 19.38
N LYS F 40 32.47 -29.77 20.46
CA LYS F 40 32.12 -28.98 21.66
C LYS F 40 33.16 -29.09 22.75
N GLU F 41 34.19 -29.88 22.52
CA GLU F 41 35.25 -30.07 23.50
C GLU F 41 34.71 -30.49 24.84
N MET F 42 33.89 -31.52 24.85
CA MET F 42 33.44 -32.13 26.09
C MET F 42 33.10 -33.58 25.83
N GLN F 43 33.38 -34.46 26.79
CA GLN F 43 33.15 -35.90 26.60
C GLN F 43 31.85 -36.36 27.21
N PHE F 44 31.35 -37.46 26.68
CA PHE F 44 30.14 -38.15 27.15
C PHE F 44 30.53 -39.42 27.89
N SER F 45 29.94 -39.68 29.04
CA SER F 45 30.10 -40.95 29.71
C SER F 45 29.55 -42.05 28.82
N LYS F 46 30.10 -43.25 29.01
CA LYS F 46 29.61 -44.41 28.31
C LYS F 46 28.12 -44.61 28.56
N GLN F 47 27.65 -44.33 29.78
CA GLN F 47 26.22 -44.50 30.09
C GLN F 47 25.32 -43.46 29.35
N THR F 48 25.82 -42.26 29.11
CA THR F 48 25.06 -41.22 28.40
C THR F 48 24.89 -41.67 26.96
N ILE F 49 25.97 -42.16 26.37
CA ILE F 49 25.88 -42.71 25.01
C ILE F 49 24.85 -43.86 24.94
N ALA F 50 24.89 -44.78 25.91
CA ALA F 50 23.91 -45.83 26.00
C ALA F 50 22.48 -45.32 26.07
N ALA F 51 22.25 -44.34 26.95
CA ALA F 51 20.93 -43.75 27.16
C ALA F 51 20.45 -43.05 25.87
N ILE F 52 21.34 -42.35 25.18
CA ILE F 52 20.95 -41.70 23.93
C ILE F 52 20.64 -42.75 22.86
N SER F 53 21.32 -43.90 22.90
CA SER F 53 21.01 -44.99 21.95
C SER F 53 19.68 -45.57 22.20
N GLU F 54 19.37 -45.92 23.44
CA GLU F 54 18.10 -46.47 23.76
C GLU F 54 17.00 -45.47 23.42
N LEU F 55 17.27 -44.20 23.69
CA LEU F 55 16.30 -43.10 23.34
C LEU F 55 15.99 -43.10 21.80
N THR F 56 17.07 -43.20 21.01
CA THR F 56 16.97 -43.20 19.57
C THR F 56 16.22 -44.42 19.10
N PHE F 57 16.60 -45.60 19.59
CA PHE F 57 15.83 -46.79 19.24
C PHE F 57 14.36 -46.65 19.52
N ARG F 58 14.02 -46.15 20.71
CA ARG F 58 12.59 -46.04 21.05
C ARG F 58 11.89 -44.98 20.19
N GLN F 59 12.59 -43.89 19.91
CA GLN F 59 12.05 -42.79 19.10
C GLN F 59 11.75 -43.28 17.67
N CYS F 60 12.56 -44.22 17.14
CA CYS F 60 12.20 -44.89 15.87
C CYS F 60 10.85 -45.44 15.86
N GLU F 61 10.42 -46.08 16.95
CA GLU F 61 9.07 -46.58 16.99
C GLU F 61 8.00 -45.46 16.87
N ASN F 62 8.20 -44.36 17.59
CA ASN F 62 7.28 -43.19 17.56
C ASN F 62 7.22 -42.65 16.12
N PHE F 63 8.38 -42.44 15.52
CA PHE F 63 8.48 -41.93 14.14
C PHE F 63 7.72 -42.84 13.18
N ALA F 64 7.92 -44.16 13.34
CA ALA F 64 7.37 -45.15 12.43
C ALA F 64 5.85 -45.15 12.46
N LYS F 65 5.29 -45.15 13.67
CA LYS F 65 3.86 -45.19 13.83
C LYS F 65 3.22 -43.89 13.39
N ASP F 66 3.93 -42.78 13.51
CA ASP F 66 3.35 -41.52 13.08
C ASP F 66 3.40 -41.48 11.55
N LEU F 67 4.55 -41.84 10.98
CA LEU F 67 4.77 -41.82 9.52
C LEU F 67 3.63 -42.56 8.83
N GLU F 68 3.26 -43.70 9.40
CA GLU F 68 2.21 -44.53 8.86
C GLU F 68 0.84 -43.90 9.00
N MET F 69 0.55 -43.29 10.13
CA MET F 69 -0.75 -42.64 10.28
C MET F 69 -0.87 -41.42 9.40
N PHE F 70 0.22 -40.68 9.21
CA PHE F 70 0.17 -39.50 8.40
C PHE F 70 -0.05 -39.89 6.95
N ALA F 71 0.58 -41.00 6.52
CA ALA F 71 0.37 -41.52 5.19
C ALA F 71 -1.06 -41.96 5.02
N ARG F 72 -1.64 -42.70 5.97
CA ARG F 72 -3.05 -43.11 5.85
C ARG F 72 -4.03 -41.92 5.82
N HIS F 73 -3.68 -40.87 6.55
CA HIS F 73 -4.45 -39.65 6.55
C HIS F 73 -4.57 -39.05 5.18
N ALA F 74 -3.49 -39.08 4.38
CA ALA F 74 -3.49 -38.71 2.97
C ALA F 74 -3.87 -39.86 2.03
N LYS F 75 -4.59 -40.85 2.55
CA LYS F 75 -5.02 -42.04 1.79
C LYS F 75 -3.86 -42.71 1.02
N ARG F 76 -2.67 -42.75 1.60
CA ARG F 76 -1.54 -43.49 1.03
C ARG F 76 -1.08 -44.60 1.98
N THR F 77 -0.52 -45.66 1.38
CA THR F 77 0.08 -46.79 2.11
C THR F 77 1.57 -46.73 1.99
N THR F 78 2.06 -45.92 1.07
CA THR F 78 3.48 -45.64 0.98
C THR F 78 3.76 -44.23 1.52
N ILE F 79 4.70 -44.20 2.48
CA ILE F 79 5.12 -43.01 3.21
C ILE F 79 5.99 -42.19 2.30
N ASN F 80 5.78 -40.88 2.24
CA ASN F 80 6.59 -40.02 1.40
C ASN F 80 7.30 -38.97 2.20
N THR F 81 7.98 -38.04 1.51
CA THR F 81 8.74 -37.04 2.21
C THR F 81 7.86 -35.96 2.91
N GLU F 82 6.64 -35.78 2.47
CA GLU F 82 5.69 -34.92 3.17
C GLU F 82 5.35 -35.49 4.55
N ASP F 83 5.20 -36.82 4.68
CA ASP F 83 4.97 -37.44 5.96
C ASP F 83 6.14 -37.19 6.90
N VAL F 84 7.35 -37.32 6.37
CA VAL F 84 8.56 -37.11 7.15
C VAL F 84 8.66 -35.67 7.62
N LYS F 85 8.39 -34.71 6.74
CA LYS F 85 8.39 -33.31 7.17
C LYS F 85 7.40 -33.01 8.34
N LEU F 86 6.25 -33.65 8.38
CA LEU F 86 5.35 -33.51 9.50
C LEU F 86 5.99 -33.89 10.84
N LEU F 87 6.94 -34.82 10.84
CA LEU F 87 7.62 -35.19 12.10
C LEU F 87 8.40 -34.02 12.68
N ALA F 88 8.84 -33.07 11.84
CA ALA F 88 9.63 -31.93 12.23
C ALA F 88 8.84 -30.68 12.58
N ARG F 89 7.53 -30.80 12.63
CA ARG F 89 6.67 -29.61 12.75
C ARG F 89 6.72 -28.79 14.04
N ARG F 90 7.20 -29.34 15.19
CA ARG F 90 7.19 -28.58 16.45
C ARG F 90 8.17 -27.40 16.39
N SER F 91 9.10 -27.39 15.45
CA SER F 91 10.12 -26.35 15.43
C SER F 91 10.27 -25.82 14.02
N ASN F 92 10.12 -24.50 13.90
CA ASN F 92 10.31 -23.83 12.61
C ASN F 92 11.71 -24.04 12.07
N SER F 93 12.72 -23.96 12.92
CA SER F 93 14.10 -24.17 12.48
C SER F 93 14.38 -25.63 12.05
N LEU F 94 13.71 -26.59 12.70
CA LEU F 94 13.89 -28.00 12.37
C LEU F 94 13.25 -28.23 11.03
N LEU F 95 12.03 -27.70 10.86
CA LEU F 95 11.27 -27.86 9.63
C LEU F 95 12.07 -27.29 8.46
N LYS F 96 12.61 -26.09 8.64
CA LYS F 96 13.45 -25.46 7.62
C LYS F 96 14.63 -26.38 7.28
N TYR F 97 15.39 -26.77 8.30
CA TYR F 97 16.52 -27.67 8.14
C TYR F 97 16.17 -28.96 7.37
N ILE F 98 15.07 -29.60 7.74
CA ILE F 98 14.66 -30.87 7.11
C ILE F 98 14.15 -30.61 5.69
N THR F 99 13.41 -29.51 5.51
CA THR F 99 12.84 -29.18 4.20
C THR F 99 13.91 -28.85 3.20
N ASP F 100 15.00 -28.24 3.67
CA ASP F 100 16.19 -27.99 2.88
C ASP F 100 16.99 -29.25 2.57
N LYS F 101 17.02 -30.20 3.50
CA LYS F 101 17.65 -31.49 3.21
C LYS F 101 16.85 -32.24 2.13
N SER F 102 15.54 -32.09 2.18
CA SER F 102 14.62 -32.76 1.28
C SER F 102 14.74 -32.22 -0.16
N GLU F 103 15.15 -30.96 -0.29
CA GLU F 103 15.36 -30.30 -1.61
C GLU F 103 16.71 -30.67 -2.20
N GLU F 104 17.76 -30.72 -1.37
CA GLU F 104 19.01 -31.38 -1.76
C GLU F 104 18.67 -32.73 -2.38
N ILE F 105 18.06 -33.60 -1.58
CA ILE F 105 17.87 -34.99 -1.95
C ILE F 105 17.16 -35.15 -3.29
N ALA F 106 16.15 -34.33 -3.54
CA ALA F 106 15.45 -34.35 -4.84
C ALA F 106 16.40 -33.94 -6.00
N GLN F 107 17.18 -32.88 -5.81
CA GLN F 107 18.24 -32.52 -6.76
C GLN F 107 19.51 -33.37 -6.54
N SER G 10 29.89 -39.53 9.80
CA SER G 10 29.10 -40.72 10.25
C SER G 10 27.60 -40.45 10.12
N GLY G 11 26.83 -41.53 10.14
CA GLY G 11 25.38 -41.51 10.11
C GLY G 11 24.78 -42.88 9.97
N PHE G 12 23.46 -42.92 9.92
CA PHE G 12 22.73 -44.15 9.78
C PHE G 12 22.67 -44.59 8.31
N ARG G 13 22.80 -45.89 8.08
CA ARG G 13 22.68 -46.44 6.73
C ARG G 13 21.20 -46.61 6.44
N LYS G 14 20.85 -46.40 5.18
CA LYS G 14 19.45 -46.46 4.71
C LYS G 14 18.80 -47.75 5.08
N GLU G 15 19.55 -48.87 4.98
CA GLU G 15 18.96 -50.18 5.20
C GLU G 15 18.62 -50.37 6.69
N LEU G 16 19.48 -49.88 7.57
CA LEU G 16 19.17 -49.98 9.02
C LEU G 16 17.88 -49.16 9.35
N VAL G 17 17.78 -47.94 8.82
CA VAL G 17 16.57 -47.10 9.05
C VAL G 17 15.36 -47.80 8.57
N SER G 18 15.47 -48.39 7.38
CA SER G 18 14.38 -49.16 6.89
C SER G 18 13.95 -50.31 7.78
N ARG G 19 14.89 -51.07 8.30
CA ARG G 19 14.54 -52.16 9.20
C ARG G 19 13.91 -51.62 10.55
N LEU G 20 14.40 -50.51 11.04
CA LEU G 20 13.88 -49.94 12.30
C LEU G 20 12.43 -49.58 12.12
N LEU G 21 12.12 -48.88 11.03
CA LEU G 21 10.73 -48.42 10.75
C LEU G 21 9.82 -49.60 10.50
N HIS G 22 10.33 -50.58 9.71
CA HIS G 22 9.51 -51.77 9.44
C HIS G 22 9.24 -52.59 10.63
N LEU G 23 10.17 -52.61 11.56
CA LEU G 23 9.90 -53.30 12.82
C LEU G 23 8.60 -52.82 13.53
N HIS G 24 8.18 -51.57 13.32
CA HIS G 24 7.11 -51.01 14.15
C HIS G 24 5.83 -50.68 13.44
N PHE G 25 5.81 -50.74 12.12
CA PHE G 25 4.57 -50.46 11.39
C PHE G 25 3.49 -51.44 11.84
N LYS G 26 2.25 -50.97 11.94
CA LYS G 26 1.15 -51.84 12.35
C LYS G 26 0.64 -52.63 11.12
N ASP G 27 0.80 -52.11 9.92
CA ASP G 27 0.23 -52.74 8.71
C ASP G 27 1.34 -53.25 7.75
N ASP G 28 1.29 -54.55 7.47
CA ASP G 28 2.18 -55.23 6.50
C ASP G 28 2.26 -54.52 5.15
N LYS G 29 1.15 -53.94 4.69
CA LYS G 29 1.11 -53.17 3.43
C LYS G 29 1.99 -51.92 3.41
N THR G 30 2.23 -51.31 4.56
CA THR G 30 2.94 -50.03 4.61
C THR G 30 4.34 -50.14 4.06
N LYS G 31 4.75 -49.13 3.29
CA LYS G 31 6.08 -49.00 2.74
C LYS G 31 6.55 -47.58 2.86
N VAL G 32 7.81 -47.37 2.55
CA VAL G 32 8.47 -46.10 2.61
C VAL G 32 9.12 -45.84 1.26
N SER G 33 8.88 -44.67 0.70
CA SER G 33 9.54 -44.26 -0.53
C SER G 33 11.06 -44.08 -0.30
N GLY G 34 11.83 -44.32 -1.35
CA GLY G 34 13.29 -44.11 -1.31
C GLY G 34 13.68 -42.76 -0.79
N ASP G 35 13.02 -41.71 -1.27
CA ASP G 35 13.35 -40.35 -0.83
C ASP G 35 13.06 -40.11 0.71
N ALA G 36 11.99 -40.73 1.19
CA ALA G 36 11.54 -40.62 2.58
C ALA G 36 12.50 -41.33 3.51
N LEU G 37 13.16 -42.37 3.01
CA LEU G 37 14.15 -43.09 3.77
C LEU G 37 15.40 -42.31 3.86
N GLN G 38 15.81 -41.68 2.77
CA GLN G 38 16.97 -40.78 2.81
C GLN G 38 16.74 -39.61 3.79
N LEU G 39 15.53 -39.09 3.77
CA LEU G 39 15.23 -37.92 4.63
C LEU G 39 15.24 -38.40 6.11
N MET G 40 14.73 -39.61 6.35
CA MET G 40 14.74 -40.20 7.70
C MET G 40 16.11 -40.48 8.24
N VAL G 41 17.04 -40.89 7.38
CA VAL G 41 18.45 -40.97 7.74
C VAL G 41 18.94 -39.65 8.27
N GLU G 42 18.56 -38.55 7.61
CA GLU G 42 19.01 -37.28 8.04
C GLU G 42 18.28 -36.85 9.36
N LEU G 43 16.99 -37.11 9.47
CA LEU G 43 16.21 -36.69 10.65
C LEU G 43 16.79 -37.41 11.90
N LEU G 44 17.09 -38.69 11.73
CA LEU G 44 17.64 -39.48 12.82
C LEU G 44 18.93 -38.95 13.29
N LYS G 45 19.78 -38.57 12.36
CA LYS G 45 21.04 -37.99 12.78
C LYS G 45 20.80 -36.65 13.54
N VAL G 46 19.88 -35.81 13.09
CA VAL G 46 19.65 -34.53 13.80
C VAL G 46 19.11 -34.83 15.20
N PHE G 47 18.26 -35.85 15.35
CA PHE G 47 17.75 -36.23 16.65
C PHE G 47 18.88 -36.59 17.61
N VAL G 48 19.82 -37.41 17.14
CA VAL G 48 20.94 -37.78 17.99
C VAL G 48 21.87 -36.64 18.35
N VAL G 49 22.19 -35.79 17.37
CA VAL G 49 23.14 -34.73 17.58
C VAL G 49 22.51 -33.67 18.53
N GLU G 50 21.22 -33.45 18.40
CA GLU G 50 20.49 -32.49 19.27
C GLU G 50 20.43 -33.05 20.71
N ALA G 51 20.14 -34.34 20.88
CA ALA G 51 20.28 -34.95 22.20
C ALA G 51 21.64 -34.71 22.79
N ALA G 52 22.69 -34.96 22.01
CA ALA G 52 24.05 -34.85 22.51
C ALA G 52 24.37 -33.39 22.83
N VAL G 53 24.03 -32.49 21.89
CA VAL G 53 24.35 -31.06 22.12
C VAL G 53 23.59 -30.49 23.31
N ARG G 54 22.32 -30.86 23.50
CA ARG G 54 21.57 -30.40 24.67
C ARG G 54 22.20 -30.93 25.96
N GLY G 55 22.71 -32.14 25.91
CA GLY G 55 23.44 -32.67 27.04
C GLY G 55 24.67 -31.89 27.39
N VAL G 56 25.44 -31.52 26.40
CA VAL G 56 26.59 -30.67 26.63
C VAL G 56 26.17 -29.34 27.24
N ARG G 57 25.14 -28.73 26.69
CA ARG G 57 24.69 -27.43 27.17
C ARG G 57 24.24 -27.54 28.65
N GLN G 58 23.56 -28.63 29.02
CA GLN G 58 23.21 -28.85 30.40
C GLN G 58 24.43 -29.03 31.31
N ALA G 59 25.40 -29.84 30.88
CA ALA G 59 26.63 -30.03 31.65
C ALA G 59 27.29 -28.68 31.86
N GLN G 60 27.37 -27.87 30.82
CA GLN G 60 28.02 -26.55 30.96
C GLN G 60 27.26 -25.64 31.93
N ALA G 61 25.93 -25.66 31.88
CA ALA G 61 25.11 -24.91 32.83
C ALA G 61 25.30 -25.35 34.27
N GLU G 62 25.90 -26.52 34.49
CA GLU G 62 26.13 -27.03 35.83
C GLU G 62 27.59 -26.99 36.18
N ASP G 63 28.36 -26.36 35.30
CA ASP G 63 29.83 -26.43 35.35
C ASP G 63 30.39 -27.84 35.50
N ALA G 64 29.66 -28.83 34.99
CA ALA G 64 30.13 -30.22 34.96
C ALA G 64 31.21 -30.34 33.90
N LEU G 65 32.11 -31.33 34.05
CA LEU G 65 33.28 -31.48 33.16
C LEU G 65 33.00 -32.36 31.95
N ARG G 66 32.03 -33.26 32.07
CA ARG G 66 31.63 -34.14 30.99
C ARG G 66 30.11 -34.39 31.10
N VAL G 67 29.49 -34.91 30.06
CA VAL G 67 28.05 -35.22 30.15
C VAL G 67 27.83 -36.57 30.79
N ASP G 68 27.27 -36.54 31.99
CA ASP G 68 26.76 -37.76 32.66
C ASP G 68 25.25 -37.89 32.49
N VAL G 69 24.72 -39.04 32.94
CA VAL G 69 23.33 -39.39 32.67
C VAL G 69 22.36 -38.45 33.39
N ASP G 70 22.80 -37.91 34.53
CA ASP G 70 22.04 -36.89 35.27
C ASP G 70 21.74 -35.68 34.33
N GLN G 71 22.72 -35.22 33.58
CA GLN G 71 22.49 -34.10 32.66
C GLN G 71 21.52 -34.44 31.56
N LEU G 72 21.59 -35.68 31.09
CA LEU G 72 20.68 -36.11 30.04
C LEU G 72 19.26 -36.27 30.54
N GLU G 73 19.07 -36.70 31.77
CA GLU G 73 17.73 -36.88 32.27
C GLU G 73 17.02 -35.52 32.25
N LYS G 74 17.79 -34.46 32.47
CA LYS G 74 17.18 -33.12 32.58
C LYS G 74 16.70 -32.63 31.23
N VAL G 75 17.36 -33.04 30.13
CA VAL G 75 16.94 -32.58 28.82
C VAL G 75 15.96 -33.47 28.11
N LEU G 76 15.70 -34.65 28.66
CA LEU G 76 14.90 -35.69 27.97
C LEU G 76 13.47 -35.31 27.64
N PRO G 77 12.71 -34.84 28.61
CA PRO G 77 11.31 -34.64 28.30
C PRO G 77 11.10 -33.64 27.16
N GLN G 78 11.85 -32.53 27.14
CA GLN G 78 11.58 -31.51 26.15
C GLN G 78 12.01 -32.04 24.80
N LEU G 79 12.98 -32.96 24.80
CA LEU G 79 13.47 -33.53 23.54
C LEU G 79 12.41 -34.38 22.95
N LEU G 80 11.83 -35.25 23.76
CA LEU G 80 10.74 -36.04 23.32
C LEU G 80 9.56 -35.20 22.87
N LEU G 81 9.28 -34.08 23.56
CA LEU G 81 8.17 -33.21 23.14
C LEU G 81 8.44 -32.45 21.83
N ASP G 82 9.70 -32.13 21.54
CA ASP G 82 10.11 -31.38 20.33
C ASP G 82 10.13 -32.26 19.08
N PHE G 83 10.09 -33.58 19.28
CA PHE G 83 10.08 -34.53 18.18
C PHE G 83 8.79 -35.32 18.26
N ARG H 14 -2.60 -1.21 27.96
CA ARG H 14 -4.00 -1.72 27.78
C ARG H 14 -3.94 -3.21 27.42
N PHE H 15 -5.11 -3.85 27.49
CA PHE H 15 -5.29 -5.29 27.15
C PHE H 15 -5.36 -5.54 25.67
N SER H 16 -4.36 -6.20 25.12
CA SER H 16 -4.44 -6.66 23.77
C SER H 16 -5.48 -7.77 23.63
N TYR H 17 -5.80 -8.03 22.38
CA TYR H 17 -6.71 -9.06 21.99
C TYR H 17 -6.19 -10.38 22.53
N GLN H 18 -4.89 -10.60 22.40
CA GLN H 18 -4.30 -11.83 22.94
C GLN H 18 -4.46 -11.95 24.43
N GLN H 19 -4.27 -10.86 25.15
CA GLN H 19 -4.55 -10.90 26.60
C GLN H 19 -5.99 -11.19 26.94
N ARG H 20 -6.92 -10.67 26.14
CA ARG H 20 -8.34 -10.96 26.40
C ARG H 20 -8.67 -12.47 26.16
N LEU H 21 -8.06 -13.05 25.14
CA LEU H 21 -8.16 -14.51 24.93
C LEU H 21 -7.57 -15.29 26.10
N LYS H 22 -6.37 -14.90 26.55
CA LYS H 22 -5.71 -15.62 27.62
C LYS H 22 -6.50 -15.49 28.91
N ALA H 23 -7.14 -14.33 29.12
CA ALA H 23 -7.94 -14.15 30.34
C ALA H 23 -9.14 -15.02 30.27
N ALA H 24 -9.76 -15.15 29.09
CA ALA H 24 -10.97 -15.98 28.93
C ALA H 24 -10.63 -17.46 29.17
N VAL H 25 -9.45 -17.89 28.73
CA VAL H 25 -8.98 -19.25 28.98
C VAL H 25 -8.71 -19.44 30.45
N HIS H 26 -8.01 -18.48 31.05
CA HIS H 26 -7.66 -18.53 32.46
C HIS H 26 -8.90 -18.68 33.34
N TYR H 27 -9.93 -17.90 33.02
CA TYR H 27 -11.15 -17.93 33.80
C TYR H 27 -11.86 -19.28 33.65
N THR H 28 -11.98 -19.78 32.43
CA THR H 28 -12.58 -21.08 32.21
C THR H 28 -11.78 -22.14 32.93
N VAL H 29 -10.45 -22.05 32.92
CA VAL H 29 -9.65 -23.04 33.57
C VAL H 29 -9.95 -22.98 35.08
N GLY H 30 -10.06 -21.75 35.60
CA GLY H 30 -10.40 -21.54 37.00
C GLY H 30 -11.72 -22.19 37.36
N CYS H 31 -12.74 -22.01 36.53
CA CYS H 31 -14.03 -22.62 36.78
C CYS H 31 -13.97 -24.16 36.76
N LEU H 32 -13.18 -24.74 35.84
CA LEU H 32 -13.09 -26.23 35.77
C LEU H 32 -12.34 -26.75 36.98
N CYS H 33 -11.32 -26.05 37.41
CA CYS H 33 -10.59 -26.43 38.59
C CYS H 33 -11.41 -26.34 39.90
N GLU H 34 -12.38 -25.44 39.94
CA GLU H 34 -13.25 -25.31 41.11
C GLU H 34 -14.15 -26.51 41.20
N GLU H 35 -14.71 -26.93 40.06
CA GLU H 35 -15.49 -28.15 39.98
C GLU H 35 -14.68 -29.38 40.41
N VAL H 36 -13.43 -29.46 39.96
CA VAL H 36 -12.57 -30.56 40.34
C VAL H 36 -12.25 -30.50 41.82
N ALA H 37 -11.86 -29.31 42.33
CA ALA H 37 -11.64 -29.13 43.77
C ALA H 37 -12.84 -29.58 44.65
N LEU H 38 -14.07 -29.37 44.20
CA LEU H 38 -15.25 -29.70 44.99
C LEU H 38 -15.54 -31.20 44.89
N ASP H 39 -15.33 -31.76 43.72
CA ASP H 39 -15.57 -33.17 43.48
C ASP H 39 -14.57 -34.06 44.25
N LYS H 40 -13.31 -33.65 44.29
CA LYS H 40 -12.22 -34.47 44.79
C LYS H 40 -11.76 -34.00 46.15
N GLU H 41 -12.43 -32.97 46.68
CA GLU H 41 -12.11 -32.41 47.98
C GLU H 41 -10.65 -32.04 48.14
N MET H 42 -10.16 -31.21 47.24
CA MET H 42 -8.83 -30.66 47.41
C MET H 42 -8.78 -29.34 46.67
N GLN H 43 -8.17 -28.34 47.27
CA GLN H 43 -8.13 -27.02 46.71
C GLN H 43 -6.87 -26.84 45.86
N PHE H 44 -6.97 -25.87 44.96
CA PHE H 44 -5.85 -25.42 44.13
C PHE H 44 -5.33 -24.05 44.55
N SER H 45 -4.02 -23.87 44.62
CA SER H 45 -3.48 -22.55 44.74
C SER H 45 -3.76 -21.69 43.49
N LYS H 46 -3.64 -20.40 43.68
CA LYS H 46 -3.91 -19.43 42.60
C LYS H 46 -2.83 -19.70 41.49
N GLN H 47 -1.61 -19.98 41.91
CA GLN H 47 -0.49 -20.16 40.99
C GLN H 47 -0.68 -21.45 40.15
N THR H 48 -1.23 -22.51 40.75
CA THR H 48 -1.52 -23.76 40.02
C THR H 48 -2.55 -23.55 38.90
N ILE H 49 -3.61 -22.83 39.24
CA ILE H 49 -4.62 -22.54 38.26
C ILE H 49 -3.98 -21.70 37.11
N ALA H 50 -3.17 -20.68 37.44
CA ALA H 50 -2.50 -19.91 36.42
C ALA H 50 -1.59 -20.83 35.56
N ALA H 51 -0.92 -21.76 36.21
CA ALA H 51 0.00 -22.73 35.51
C ALA H 51 -0.77 -23.59 34.53
N ILE H 52 -1.92 -24.10 34.95
CA ILE H 52 -2.73 -24.88 34.09
C ILE H 52 -3.28 -24.06 32.89
N SER H 53 -3.63 -22.81 33.16
CA SER H 53 -4.05 -21.89 32.14
C SER H 53 -2.94 -21.63 31.11
N GLU H 54 -1.73 -21.38 31.56
CA GLU H 54 -0.61 -21.21 30.67
C GLU H 54 -0.36 -22.47 29.80
N LEU H 55 -0.47 -23.66 30.40
CA LEU H 55 -0.23 -24.94 29.69
C LEU H 55 -1.32 -25.14 28.65
N THR H 56 -2.55 -24.82 29.02
CA THR H 56 -3.68 -24.90 28.13
C THR H 56 -3.59 -24.02 26.95
N PHE H 57 -3.20 -22.77 27.16
CA PHE H 57 -3.12 -21.87 26.06
C PHE H 57 -2.00 -22.37 25.07
N ARG H 58 -0.90 -22.84 25.63
CA ARG H 58 0.22 -23.33 24.83
C ARG H 58 -0.23 -24.59 24.10
N GLN H 59 -1.03 -25.42 24.76
CA GLN H 59 -1.51 -26.66 24.18
C GLN H 59 -2.44 -26.35 22.99
N CYS H 60 -3.23 -25.31 23.10
N CYS H 60 -3.27 -25.31 23.10
CA CYS H 60 -4.12 -24.98 22.01
CA CYS H 60 -4.12 -24.90 21.94
C CYS H 60 -3.35 -24.42 20.79
C CYS H 60 -3.27 -24.50 20.76
N GLU H 61 -2.21 -23.77 21.02
CA GLU H 61 -1.32 -23.34 19.92
C GLU H 61 -0.78 -24.58 19.12
N ASN H 62 -0.23 -25.58 19.83
CA ASN H 62 0.20 -26.86 19.23
C ASN H 62 -0.95 -27.53 18.48
N PHE H 63 -2.10 -27.68 19.12
CA PHE H 63 -3.29 -28.22 18.50
C PHE H 63 -3.67 -27.48 17.23
N ALA H 64 -3.74 -26.15 17.29
CA ALA H 64 -4.16 -25.34 16.13
C ALA H 64 -3.20 -25.52 14.94
N LYS H 65 -1.90 -25.45 15.22
CA LYS H 65 -0.90 -25.59 14.19
C LYS H 65 -0.91 -26.98 13.53
N ASP H 66 -1.18 -28.02 14.34
CA ASP H 66 -1.24 -29.35 13.86
C ASP H 66 -2.52 -29.57 13.06
N LEU H 67 -3.62 -29.05 13.53
CA LEU H 67 -4.89 -29.29 12.79
C LEU H 67 -4.74 -28.75 11.37
N GLU H 68 -4.21 -27.53 11.26
CA GLU H 68 -4.01 -26.85 9.97
C GLU H 68 -3.05 -27.65 9.03
N MET H 69 -1.92 -28.07 9.57
CA MET H 69 -1.02 -28.98 8.84
C MET H 69 -1.67 -30.29 8.47
N PHE H 70 -2.42 -30.89 9.38
CA PHE H 70 -3.03 -32.15 9.11
C PHE H 70 -4.10 -32.06 8.00
N ALA H 71 -4.87 -30.96 7.99
CA ALA H 71 -5.85 -30.69 6.97
C ALA H 71 -5.13 -30.48 5.65
N ARG H 72 -4.12 -29.63 5.62
CA ARG H 72 -3.40 -29.39 4.39
C ARG H 72 -2.78 -30.69 3.82
N HIS H 73 -2.30 -31.58 4.69
CA HIS H 73 -1.70 -32.85 4.27
C HIS H 73 -2.68 -33.68 3.50
N ALA H 74 -3.96 -33.56 3.82
CA ALA H 74 -5.03 -34.22 3.08
C ALA H 74 -5.66 -33.32 1.99
N LYS H 75 -4.95 -32.28 1.56
CA LYS H 75 -5.42 -31.33 0.57
C LYS H 75 -6.70 -30.60 0.94
N ARG H 76 -6.98 -30.44 2.23
CA ARG H 76 -8.17 -29.70 2.67
C ARG H 76 -7.73 -28.42 3.34
N THR H 77 -8.51 -27.35 3.19
CA THR H 77 -8.24 -26.15 3.97
C THR H 77 -9.26 -25.96 5.10
N THR H 78 -10.28 -26.83 5.15
CA THR H 78 -11.21 -26.92 6.25
C THR H 78 -10.91 -28.13 7.11
N ILE H 79 -10.56 -27.86 8.36
CA ILE H 79 -10.25 -28.87 9.35
C ILE H 79 -11.47 -29.65 9.64
N ASN H 80 -11.32 -30.97 9.73
CA ASN H 80 -12.50 -31.78 10.03
C ASN H 80 -12.26 -32.73 11.18
N THR H 81 -13.26 -33.53 11.50
CA THR H 81 -13.19 -34.46 12.60
C THR H 81 -12.03 -35.43 12.51
N GLU H 82 -11.64 -35.80 11.30
CA GLU H 82 -10.53 -36.77 11.12
C GLU H 82 -9.25 -36.08 11.56
N ASP H 83 -9.14 -34.78 11.31
CA ASP H 83 -7.98 -34.06 11.77
C ASP H 83 -7.90 -34.10 13.29
N VAL H 84 -9.04 -33.95 13.95
CA VAL H 84 -9.08 -33.90 15.40
C VAL H 84 -8.74 -35.25 16.02
N LYS H 85 -9.30 -36.32 15.46
CA LYS H 85 -8.92 -37.69 15.86
C LYS H 85 -7.43 -37.98 15.72
N LEU H 86 -6.79 -37.46 14.68
CA LEU H 86 -5.34 -37.60 14.50
C LEU H 86 -4.54 -36.87 15.58
N LEU H 87 -5.13 -35.80 16.14
CA LEU H 87 -4.54 -35.10 17.27
C LEU H 87 -4.51 -36.02 18.52
N ALA H 88 -5.55 -36.85 18.62
CA ALA H 88 -5.77 -37.77 19.75
C ALA H 88 -5.16 -39.18 19.56
N ARG H 89 -4.40 -39.36 18.50
CA ARG H 89 -3.84 -40.66 18.17
C ARG H 89 -3.02 -41.36 19.27
N ARG H 90 -2.40 -40.65 20.21
CA ARG H 90 -1.40 -41.34 21.03
C ARG H 90 -1.93 -42.05 22.23
N SER H 91 -3.16 -41.77 22.61
CA SER H 91 -3.73 -42.37 23.80
C SER H 91 -4.99 -43.06 23.33
N ASN H 92 -5.06 -44.38 23.58
CA ASN H 92 -6.22 -45.20 23.34
C ASN H 92 -7.46 -44.62 24.02
N SER H 93 -7.38 -44.32 25.31
CA SER H 93 -8.55 -43.77 26.03
C SER H 93 -8.96 -42.42 25.48
N LEU H 94 -8.01 -41.58 25.12
CA LEU H 94 -8.32 -40.29 24.46
C LEU H 94 -8.90 -40.45 23.04
N LEU H 95 -8.29 -41.29 22.21
CA LEU H 95 -8.82 -41.49 20.86
C LEU H 95 -10.27 -41.95 20.96
N LYS H 96 -10.56 -42.85 21.91
CA LYS H 96 -11.88 -43.43 22.09
C LYS H 96 -12.91 -42.42 22.59
N TYR H 97 -12.57 -41.72 23.67
CA TYR H 97 -13.32 -40.54 24.10
C TYR H 97 -13.71 -39.66 22.90
N ILE H 98 -12.71 -39.25 22.10
CA ILE H 98 -12.94 -38.30 21.03
C ILE H 98 -13.81 -38.89 19.92
N THR H 99 -13.57 -40.16 19.58
CA THR H 99 -14.33 -40.83 18.53
C THR H 99 -15.81 -40.92 18.92
N ASP H 100 -16.08 -41.25 20.18
CA ASP H 100 -17.45 -41.36 20.66
C ASP H 100 -18.15 -40.02 20.68
N LYS H 101 -17.51 -39.01 21.28
CA LYS H 101 -18.04 -37.66 21.22
C LYS H 101 -18.35 -37.28 19.78
N SER H 102 -17.43 -37.60 18.87
CA SER H 102 -17.68 -37.42 17.43
C SER H 102 -18.97 -38.12 16.96
N GLU H 103 -19.22 -39.32 17.50
CA GLU H 103 -20.45 -40.08 17.22
C GLU H 103 -21.70 -39.34 17.75
N GLU H 104 -21.74 -39.05 19.05
CA GLU H 104 -22.82 -38.20 19.62
C GLU H 104 -23.11 -37.00 18.72
N ILE H 105 -22.06 -36.30 18.30
CA ILE H 105 -22.18 -35.07 17.49
C ILE H 105 -22.83 -35.31 16.13
N ALA H 106 -22.53 -36.44 15.48
CA ALA H 106 -23.24 -36.83 14.25
C ALA H 106 -24.48 -37.72 14.56
N GLN H 107 -25.25 -37.31 15.55
CA GLN H 107 -26.43 -38.06 15.99
C GLN H 107 -27.54 -37.10 16.42
N SER I 10 -19.69 -26.25 33.24
CA SER I 10 -18.51 -25.40 32.88
C SER I 10 -17.73 -26.04 31.72
N GLY I 11 -17.10 -25.20 30.90
CA GLY I 11 -16.42 -25.64 29.69
C GLY I 11 -16.06 -24.44 28.84
N PHE I 12 -15.35 -24.69 27.75
CA PHE I 12 -14.89 -23.60 26.90
C PHE I 12 -16.00 -23.28 25.93
N ARG I 13 -16.27 -21.99 25.73
CA ARG I 13 -17.26 -21.62 24.72
C ARG I 13 -16.64 -21.85 23.34
N LYS I 14 -17.44 -22.38 22.42
CA LYS I 14 -16.96 -22.69 21.06
C LYS I 14 -16.53 -21.42 20.32
N GLU I 15 -17.13 -20.29 20.69
CA GLU I 15 -16.78 -19.01 20.13
C GLU I 15 -15.35 -18.62 20.52
N LEU I 16 -14.99 -18.86 21.76
CA LEU I 16 -13.63 -18.64 22.24
C LEU I 16 -12.61 -19.63 21.58
N VAL I 17 -12.96 -20.91 21.58
CA VAL I 17 -12.09 -21.97 20.97
C VAL I 17 -11.81 -21.69 19.49
N SER I 18 -12.83 -21.28 18.73
CA SER I 18 -12.65 -20.83 17.35
C SER I 18 -11.61 -19.72 17.21
N ARG I 19 -11.67 -18.74 18.09
CA ARG I 19 -10.71 -17.67 18.04
C ARG I 19 -9.30 -18.10 18.46
N LEU I 20 -9.23 -19.01 19.43
CA LEU I 20 -7.93 -19.51 19.86
C LEU I 20 -7.30 -20.25 18.68
N LEU I 21 -8.08 -21.07 17.98
CA LEU I 21 -7.54 -21.81 16.81
C LEU I 21 -7.08 -20.82 15.74
N HIS I 22 -7.93 -19.87 15.39
CA HIS I 22 -7.60 -18.90 14.37
C HIS I 22 -6.42 -18.04 14.70
N LEU I 23 -6.18 -17.78 15.98
CA LEU I 23 -5.07 -16.94 16.35
C LEU I 23 -3.72 -17.54 15.86
N HIS I 24 -3.67 -18.86 15.70
CA HIS I 24 -2.38 -19.53 15.39
C HIS I 24 -2.25 -20.07 13.98
N PHE I 25 -3.32 -20.05 13.21
CA PHE I 25 -3.25 -20.54 11.83
C PHE I 25 -2.32 -19.69 10.98
N LYS I 26 -1.52 -20.33 10.15
CA LYS I 26 -0.59 -19.60 9.32
C LYS I 26 -1.26 -19.05 8.05
N ASP I 27 -2.35 -19.68 7.61
CA ASP I 27 -3.01 -19.32 6.34
C ASP I 27 -4.40 -18.71 6.56
N ASP I 28 -4.69 -17.61 5.87
CA ASP I 28 -5.98 -16.87 6.02
C ASP I 28 -7.16 -17.69 5.60
N LYS I 29 -6.92 -18.65 4.72
CA LYS I 29 -8.00 -19.50 4.17
C LYS I 29 -8.45 -20.68 5.06
N THR I 30 -7.70 -21.00 6.11
CA THR I 30 -7.97 -22.21 6.91
C THR I 30 -9.24 -22.00 7.69
N LYS I 31 -10.09 -22.99 7.73
CA LYS I 31 -11.34 -22.85 8.45
C LYS I 31 -11.52 -24.15 9.21
N VAL I 32 -12.46 -24.14 10.16
CA VAL I 32 -12.74 -25.29 10.97
C VAL I 32 -14.19 -25.61 10.86
N SER I 33 -14.46 -26.89 10.65
CA SER I 33 -15.84 -27.36 10.54
C SER I 33 -16.53 -27.29 11.88
N GLY I 34 -17.86 -27.09 11.86
CA GLY I 34 -18.65 -26.94 13.07
C GLY I 34 -18.45 -28.11 14.00
N ASP I 35 -18.46 -29.30 13.39
CA ASP I 35 -18.25 -30.57 14.06
C ASP I 35 -16.85 -30.70 14.69
N ALA I 36 -15.82 -30.34 13.95
CA ALA I 36 -14.46 -30.33 14.52
C ALA I 36 -14.35 -29.30 15.67
N LEU I 37 -15.08 -28.19 15.61
CA LEU I 37 -15.03 -27.20 16.68
C LEU I 37 -15.59 -27.72 17.96
N GLN I 38 -16.72 -28.43 17.90
CA GLN I 38 -17.29 -29.02 19.10
C GLN I 38 -16.39 -30.12 19.69
N LEU I 39 -15.65 -30.80 18.83
CA LEU I 39 -14.70 -31.80 19.31
C LEU I 39 -13.54 -31.14 20.02
N MET I 40 -13.04 -30.03 19.46
CA MET I 40 -11.95 -29.26 20.12
C MET I 40 -12.38 -28.67 21.45
N VAL I 41 -13.65 -28.28 21.54
CA VAL I 41 -14.16 -27.81 22.83
C VAL I 41 -14.04 -28.91 23.88
N GLU I 42 -14.42 -30.12 23.54
CA GLU I 42 -14.31 -31.25 24.49
C GLU I 42 -12.84 -31.63 24.75
N LEU I 43 -12.02 -31.61 23.73
CA LEU I 43 -10.56 -31.93 23.90
C LEU I 43 -9.86 -31.00 24.88
N LEU I 44 -10.07 -29.69 24.73
CA LEU I 44 -9.52 -28.74 25.67
C LEU I 44 -9.97 -29.00 27.12
N LYS I 45 -11.25 -29.28 27.32
CA LYS I 45 -11.76 -29.56 28.64
C LYS I 45 -11.06 -30.79 29.21
N VAL I 46 -11.00 -31.85 28.41
CA VAL I 46 -10.31 -33.07 28.87
C VAL I 46 -8.89 -32.80 29.31
N PHE I 47 -8.17 -31.96 28.57
CA PHE I 47 -6.82 -31.60 28.94
C PHE I 47 -6.75 -30.90 30.29
N VAL I 48 -7.62 -29.90 30.49
CA VAL I 48 -7.57 -29.09 31.73
C VAL I 48 -7.94 -30.01 32.90
N VAL I 49 -8.98 -30.80 32.74
CA VAL I 49 -9.42 -31.70 33.84
C VAL I 49 -8.38 -32.77 34.15
N GLU I 50 -7.72 -33.28 33.10
CA GLU I 50 -6.58 -34.21 33.31
C GLU I 50 -5.48 -33.63 34.11
N ALA I 51 -4.99 -32.42 33.79
CA ALA I 51 -3.98 -31.76 34.57
C ALA I 51 -4.43 -31.58 36.04
N ALA I 52 -5.65 -31.06 36.20
CA ALA I 52 -6.27 -30.76 37.52
C ALA I 52 -6.32 -32.04 38.36
N VAL I 53 -6.92 -33.11 37.83
CA VAL I 53 -7.12 -34.36 38.63
C VAL I 53 -5.79 -35.06 38.85
N ARG I 54 -4.90 -35.10 37.84
CA ARG I 54 -3.53 -35.54 38.15
C ARG I 54 -2.87 -34.73 39.21
N GLY I 55 -3.08 -33.43 39.21
CA GLY I 55 -2.47 -32.65 40.28
C GLY I 55 -3.08 -32.98 41.67
N VAL I 56 -4.37 -33.17 41.70
CA VAL I 56 -5.04 -33.58 42.94
C VAL I 56 -4.43 -34.91 43.43
N ARG I 57 -4.46 -35.94 42.58
CA ARG I 57 -3.90 -37.25 42.94
C ARG I 57 -2.53 -37.15 43.54
N GLN I 58 -1.70 -36.24 43.03
CA GLN I 58 -0.37 -36.09 43.56
C GLN I 58 -0.29 -35.38 44.94
N ALA I 59 -1.17 -34.38 45.12
CA ALA I 59 -1.26 -33.73 46.40
C ALA I 59 -1.88 -34.77 47.37
N GLN I 60 -2.84 -35.57 46.91
CA GLN I 60 -3.44 -36.63 47.73
C GLN I 60 -2.35 -37.62 48.19
N ALA I 61 -1.35 -37.85 47.35
CA ALA I 61 -0.31 -38.82 47.65
C ALA I 61 0.76 -38.26 48.56
N GLU I 62 0.86 -36.95 48.64
CA GLU I 62 1.81 -36.32 49.55
C GLU I 62 1.13 -35.84 50.85
N ASP I 63 -0.15 -36.20 51.05
CA ASP I 63 -0.96 -35.65 52.14
C ASP I 63 -0.88 -34.12 52.27
N ALA I 64 -0.98 -33.41 51.15
CA ALA I 64 -0.80 -31.97 51.13
C ALA I 64 -2.12 -31.26 51.35
N LEU I 65 -2.02 -30.01 51.76
CA LEU I 65 -3.20 -29.18 51.99
C LEU I 65 -3.91 -28.88 50.67
N ARG I 66 -3.11 -28.50 49.67
CA ARG I 66 -3.66 -28.10 48.38
CA ARG I 66 -3.66 -28.10 48.38
C ARG I 66 -2.69 -28.41 47.23
N VAL I 67 -3.22 -28.43 46.00
CA VAL I 67 -2.34 -28.56 44.81
C VAL I 67 -1.54 -27.27 44.57
N ASP I 68 -0.29 -27.26 44.95
CA ASP I 68 0.65 -26.24 44.60
C ASP I 68 1.41 -26.54 43.28
N VAL I 69 2.18 -25.56 42.81
CA VAL I 69 2.90 -25.68 41.53
C VAL I 69 3.85 -26.90 41.60
N ASP I 70 4.44 -27.16 42.76
CA ASP I 70 5.27 -28.37 43.03
C ASP I 70 4.63 -29.65 42.61
N GLN I 71 3.37 -29.83 43.00
CA GLN I 71 2.66 -31.03 42.68
C GLN I 71 2.28 -31.08 41.21
N LEU I 72 1.88 -29.94 40.62
CA LEU I 72 1.58 -29.94 39.19
C LEU I 72 2.82 -30.31 38.37
N GLU I 73 3.96 -29.72 38.70
CA GLU I 73 5.18 -29.94 37.93
C GLU I 73 5.62 -31.40 37.97
N LYS I 74 5.37 -32.09 39.10
CA LYS I 74 5.70 -33.52 39.20
C LYS I 74 4.96 -34.35 38.18
N VAL I 75 3.69 -34.00 37.89
CA VAL I 75 2.92 -34.77 36.95
C VAL I 75 3.07 -34.34 35.47
N LEU I 76 3.82 -33.28 35.23
CA LEU I 76 3.78 -32.57 33.94
C LEU I 76 4.44 -33.33 32.79
N PRO I 77 5.60 -33.92 33.05
CA PRO I 77 6.20 -34.69 31.94
C PRO I 77 5.29 -35.75 31.39
N GLN I 78 4.75 -36.59 32.26
CA GLN I 78 3.89 -37.68 31.84
C GLN I 78 2.54 -37.17 31.32
N LEU I 79 2.08 -35.99 31.76
CA LEU I 79 0.85 -35.43 31.16
C LEU I 79 1.09 -34.95 29.73
N LEU I 80 2.15 -34.18 29.51
CA LEU I 80 2.37 -33.58 28.20
C LEU I 80 2.70 -34.69 27.18
N LEU I 81 3.39 -35.72 27.65
CA LEU I 81 3.72 -36.85 26.76
C LEU I 81 2.48 -37.64 26.35
N ASP I 82 1.42 -37.54 27.15
CA ASP I 82 0.19 -38.24 26.87
C ASP I 82 -0.67 -37.51 25.87
N PHE I 83 -0.35 -36.24 25.59
CA PHE I 83 -1.13 -35.39 24.70
C PHE I 83 -0.43 -35.10 23.36
N LYS J 13 -23.13 -17.97 23.34
CA LYS J 13 -22.57 -16.83 24.11
C LYS J 13 -21.44 -16.03 23.37
N ASP J 14 -20.77 -15.10 24.07
CA ASP J 14 -19.59 -14.36 23.57
C ASP J 14 -18.23 -15.04 23.81
N TRP J 15 -17.24 -14.78 22.96
CA TRP J 15 -15.89 -15.34 23.14
C TRP J 15 -15.19 -14.74 24.35
N PHE J 16 -15.48 -13.47 24.63
CA PHE J 16 -14.81 -12.74 25.67
C PHE J 16 -15.56 -12.85 26.98
N LEU J 17 -14.86 -12.56 28.05
CA LEU J 17 -15.43 -12.56 29.40
C LEU J 17 -16.44 -11.40 29.52
N SER J 18 -17.56 -11.68 30.12
CA SER J 18 -18.50 -10.63 30.46
C SER J 18 -17.89 -9.79 31.55
N GLU J 19 -18.59 -8.68 31.81
CA GLU J 19 -18.24 -7.80 32.89
C GLU J 19 -18.14 -8.55 34.22
N GLU J 20 -19.11 -9.40 34.53
CA GLU J 20 -19.07 -10.13 35.80
C GLU J 20 -17.90 -11.16 35.83
N GLU J 21 -17.71 -11.84 34.72
CA GLU J 21 -16.65 -12.85 34.64
C GLU J 21 -15.30 -12.18 34.72
N PHE J 22 -15.14 -11.06 34.02
CA PHE J 22 -13.90 -10.32 34.07
C PHE J 22 -13.60 -9.86 35.47
N LYS J 23 -14.63 -9.43 36.18
CA LYS J 23 -14.42 -9.03 37.57
C LYS J 23 -13.95 -10.22 38.43
N LEU J 24 -14.60 -11.35 38.28
CA LEU J 24 -14.19 -12.54 39.03
C LEU J 24 -12.76 -12.96 38.71
N TRP J 25 -12.42 -12.93 37.42
CA TRP J 25 -11.10 -13.31 36.97
C TRP J 25 -10.07 -12.41 37.63
N ASN J 26 -10.34 -11.10 37.62
CA ASN J 26 -9.43 -10.16 38.22
C ASN J 26 -9.23 -10.34 39.72
N ARG J 27 -10.27 -10.70 40.45
CA ARG J 27 -10.10 -10.80 41.90
C ARG J 27 -9.77 -12.19 42.46
N LEU J 28 -9.96 -13.23 41.66
CA LEU J 28 -9.67 -14.60 42.09
C LEU J 28 -8.45 -15.27 41.41
N TYR J 29 -8.18 -14.95 40.15
CA TYR J 29 -7.21 -15.75 39.34
C TYR J 29 -6.03 -15.01 38.82
N ARG J 30 -6.22 -13.76 38.40
CA ARG J 30 -5.20 -13.02 37.76
C ARG J 30 -4.02 -12.86 38.65
N LEU J 31 -2.82 -13.20 38.16
CA LEU J 31 -1.60 -13.01 38.95
C LEU J 31 -1.19 -11.53 38.93
N ARG J 32 -0.69 -11.04 40.04
CA ARG J 32 -0.32 -9.62 40.12
C ARG J 32 1.12 -9.39 40.40
N ASP J 33 1.61 -8.21 40.05
CA ASP J 33 2.96 -7.84 40.34
C ASP J 33 3.36 -7.91 41.79
N SER J 34 2.42 -7.79 42.72
CA SER J 34 2.76 -7.84 44.12
C SER J 34 2.54 -9.25 44.69
N ASP J 35 2.14 -10.19 43.84
CA ASP J 35 2.10 -11.61 44.23
C ASP J 35 3.55 -12.12 44.32
N GLU J 36 3.79 -13.20 45.07
CA GLU J 36 5.15 -13.78 45.14
C GLU J 36 5.56 -14.21 43.71
N ILE J 37 4.67 -14.90 43.01
CA ILE J 37 4.85 -15.21 41.60
C ILE J 37 3.92 -14.37 40.78
N LYS J 38 4.46 -13.48 39.98
CA LYS J 38 3.62 -12.62 39.14
C LYS J 38 3.34 -13.10 37.73
N GLU J 39 4.10 -14.13 37.29
CA GLU J 39 3.92 -14.67 35.96
C GLU J 39 4.37 -16.14 35.92
N ILE J 40 3.63 -16.99 35.24
CA ILE J 40 4.08 -18.44 35.09
C ILE J 40 4.42 -18.55 33.60
N THR J 41 5.66 -18.97 33.31
CA THR J 41 6.09 -19.21 31.90
C THR J 41 6.38 -20.69 31.60
N LEU J 42 6.40 -21.02 30.30
CA LEU J 42 6.77 -22.37 29.84
C LEU J 42 8.08 -22.33 29.09
N PRO J 43 8.90 -23.36 29.24
CA PRO J 43 10.14 -23.32 28.45
C PRO J 43 9.82 -23.28 26.96
N GLN J 44 10.47 -22.37 26.21
CA GLN J 44 10.19 -22.18 24.78
C GLN J 44 11.00 -23.17 23.89
N VAL J 45 10.45 -23.61 22.76
CA VAL J 45 11.12 -24.64 21.91
C VAL J 45 12.40 -24.10 21.30
N GLN J 46 13.50 -24.80 21.53
CA GLN J 46 14.81 -24.34 21.11
C GLN J 46 15.74 -25.46 20.63
N PHE J 47 16.31 -25.30 19.43
CA PHE J 47 17.28 -26.29 18.89
C PHE J 47 18.73 -25.81 18.85
N SER J 48 19.52 -26.35 19.75
CA SER J 48 20.89 -25.88 19.98
C SER J 48 21.94 -26.33 18.96
N SER J 49 21.57 -27.24 18.06
CA SER J 49 22.51 -27.84 17.11
C SER J 49 22.35 -27.31 15.68
N LEU J 50 21.25 -26.61 15.41
CA LEU J 50 20.93 -26.21 14.03
C LEU J 50 21.52 -24.85 13.67
N THR J 62 13.87 -12.19 36.04
CA THR J 62 13.09 -13.35 36.43
C THR J 62 12.81 -13.46 37.95
N THR J 63 13.02 -12.41 38.72
CA THR J 63 12.41 -12.36 40.04
C THR J 63 10.89 -12.33 39.85
N GLY J 64 10.19 -13.15 40.62
CA GLY J 64 8.72 -13.31 40.47
C GLY J 64 8.20 -14.04 39.25
N ILE J 65 9.09 -14.53 38.38
CA ILE J 65 8.66 -15.26 37.21
C ILE J 65 9.03 -16.72 37.43
N HIS J 66 8.07 -17.63 37.32
CA HIS J 66 8.33 -19.06 37.54
C HIS J 66 8.19 -19.75 36.22
N GLN J 67 9.31 -20.32 35.78
CA GLN J 67 9.25 -21.15 34.56
C GLN J 67 8.96 -22.58 34.96
N LEU J 68 7.88 -23.12 34.45
CA LEU J 68 7.51 -24.48 34.76
C LEU J 68 8.67 -25.44 34.28
N SER J 69 9.13 -26.30 35.17
CA SER J 69 10.32 -27.14 34.88
C SER J 69 9.80 -28.51 34.57
N LEU J 70 10.41 -29.13 33.55
CA LEU J 70 10.12 -30.52 33.21
C LEU J 70 11.23 -31.45 33.73
N SER J 71 12.21 -30.88 34.42
CA SER J 71 13.36 -31.62 34.91
C SER J 71 13.57 -31.67 36.44
N GLU J 72 13.03 -30.72 37.22
CA GLU J 72 13.30 -30.70 38.68
C GLU J 72 12.85 -31.96 39.41
N TRP J 73 11.84 -32.62 38.90
CA TRP J 73 11.28 -33.76 39.54
C TRP J 73 11.66 -35.07 38.84
N ARG J 74 12.84 -35.10 38.24
CA ARG J 74 13.32 -36.27 37.42
C ARG J 74 13.28 -37.57 38.25
N LEU J 75 13.47 -37.47 39.58
CA LEU J 75 13.53 -38.69 40.42
C LEU J 75 12.17 -39.24 40.69
N TRP J 76 11.12 -38.49 40.36
CA TRP J 76 9.76 -39.05 40.40
C TRP J 76 9.33 -39.75 39.11
N GLN J 77 10.16 -39.76 38.10
CA GLN J 77 9.68 -40.16 36.76
C GLN J 77 9.99 -41.62 36.36
N ASP J 78 10.47 -42.47 37.27
CA ASP J 78 10.80 -43.87 36.90
C ASP J 78 9.67 -44.85 37.20
N HIS J 79 8.49 -44.31 37.52
CA HIS J 79 7.29 -45.06 37.73
C HIS J 79 6.23 -44.31 37.05
N PRO J 80 5.22 -45.00 36.56
CA PRO J 80 4.07 -44.37 35.93
C PRO J 80 3.15 -43.74 36.98
N LEU J 81 2.74 -42.51 36.70
CA LEU J 81 1.94 -41.71 37.65
C LEU J 81 0.46 -41.99 37.42
N PRO J 82 -0.38 -41.60 38.38
CA PRO J 82 -1.80 -41.84 38.20
C PRO J 82 -2.35 -41.06 37.01
N THR J 83 -3.40 -41.59 36.42
CA THR J 83 -4.08 -40.90 35.37
C THR J 83 -5.56 -40.87 35.75
N HIS J 84 -6.40 -40.25 34.91
CA HIS J 84 -7.78 -39.97 35.22
C HIS J 84 -8.64 -40.45 34.10
N GLN J 85 -8.71 -39.75 32.98
CA GLN J 85 -9.43 -40.24 31.80
C GLN J 85 -8.51 -40.51 30.63
N VAL J 86 -7.24 -40.15 30.72
CA VAL J 86 -6.33 -40.23 29.61
C VAL J 86 -5.20 -41.15 30.07
N ASP J 87 -5.13 -42.37 29.48
CA ASP J 87 -4.06 -43.35 29.73
C ASP J 87 -2.74 -42.79 29.25
N HIS J 88 -1.65 -43.31 29.77
CA HIS J 88 -0.37 -42.91 29.24
C HIS J 88 -0.20 -43.37 27.81
N SER J 89 0.51 -42.58 27.01
CA SER J 89 0.74 -42.90 25.63
C SER J 89 1.91 -43.85 25.52
N ASP J 90 2.19 -44.35 24.32
CA ASP J 90 3.37 -45.15 24.13
C ASP J 90 4.62 -44.28 24.29
N ARG J 91 4.63 -43.04 23.86
CA ARG J 91 5.90 -42.31 24.07
C ARG J 91 6.14 -41.99 25.55
N CYS J 92 5.07 -41.83 26.30
CA CYS J 92 5.20 -41.65 27.75
C CYS J 92 5.72 -42.93 28.41
N ARG J 93 5.23 -44.07 27.97
CA ARG J 93 5.75 -45.34 28.47
C ARG J 93 7.21 -45.54 28.11
N HIS J 94 7.62 -45.05 26.95
CA HIS J 94 9.06 -45.04 26.60
C HIS J 94 9.89 -44.13 27.47
N PHE J 95 9.37 -42.94 27.78
CA PHE J 95 10.06 -42.04 28.70
C PHE J 95 10.30 -42.69 30.07
N ILE J 96 9.28 -43.31 30.61
CA ILE J 96 9.37 -43.98 31.91
C ILE J 96 10.41 -45.11 31.86
N GLY J 97 10.32 -45.93 30.81
CA GLY J 97 11.33 -46.94 30.54
C GLY J 97 12.74 -46.43 30.46
N LEU J 98 12.97 -45.31 29.76
CA LEU J 98 14.28 -44.72 29.69
C LEU J 98 14.75 -44.23 31.04
N MET J 99 13.83 -43.63 31.79
CA MET J 99 14.19 -43.17 33.14
C MET J 99 14.61 -44.36 34.06
N GLN J 100 13.89 -45.46 33.97
CA GLN J 100 14.25 -46.76 34.63
C GLN J 100 15.65 -47.25 34.18
N MET J 101 15.92 -47.28 32.87
CA MET J 101 17.23 -47.64 32.39
C MET J 101 18.31 -46.71 32.93
N ILE J 102 18.07 -45.40 32.87
CA ILE J 102 19.00 -44.42 33.40
C ILE J 102 19.24 -44.63 34.91
N GLU J 103 18.17 -44.95 35.64
CA GLU J 103 18.31 -45.14 37.10
C GLU J 103 19.29 -46.33 37.36
N GLY J 104 19.15 -47.39 36.58
CA GLY J 104 19.99 -48.58 36.69
C GLY J 104 21.44 -48.38 36.37
N MET J 105 21.76 -47.32 35.63
CA MET J 105 23.12 -47.04 35.16
C MET J 105 23.76 -45.93 35.89
N ARG J 106 22.99 -45.25 36.74
CA ARG J 106 23.45 -43.98 37.34
C ARG J 106 24.71 -44.18 38.21
N HIS J 107 24.76 -45.28 38.91
CA HIS J 107 25.87 -45.49 39.82
C HIS J 107 26.94 -46.43 39.29
N GLU J 108 26.99 -46.66 37.97
CA GLU J 108 27.84 -47.72 37.38
C GLU J 108 29.33 -47.52 37.50
N GLU J 109 29.95 -48.56 38.05
CA GLU J 109 31.31 -48.55 38.57
C GLU J 109 32.32 -48.86 37.49
N GLY J 110 32.06 -49.90 36.70
CA GLY J 110 33.03 -50.37 35.71
C GLY J 110 32.63 -50.12 34.26
N GLU J 111 32.61 -51.20 33.47
CA GLU J 111 32.16 -51.15 32.08
C GLU J 111 30.67 -50.83 32.04
N CYS J 112 30.19 -50.39 30.87
CA CYS J 112 28.77 -50.08 30.70
C CYS J 112 27.93 -51.34 30.47
N SER J 113 26.97 -51.58 31.34
CA SER J 113 26.15 -52.79 31.26
C SER J 113 25.40 -52.92 29.91
N TYR J 114 24.95 -51.78 29.39
CA TYR J 114 24.24 -51.76 28.13
C TYR J 114 25.11 -52.22 26.98
N GLU J 115 26.35 -51.71 26.93
CA GLU J 115 27.32 -52.08 25.93
C GLU J 115 27.46 -53.59 26.04
N LEU J 116 27.59 -54.05 27.28
CA LEU J 116 27.68 -55.47 27.57
C LEU J 116 26.54 -56.26 26.96
N GLU J 117 25.29 -55.82 27.05
CA GLU J 117 24.18 -56.63 26.54
C GLU J 117 23.73 -56.41 25.07
N VAL J 118 24.28 -55.42 24.38
CA VAL J 118 23.99 -55.29 22.95
C VAL J 118 25.17 -55.61 22.02
N GLU J 119 26.40 -55.35 22.47
CA GLU J 119 27.60 -55.36 21.58
C GLU J 119 27.75 -56.70 20.84
N SER J 120 27.44 -57.80 21.51
CA SER J 120 27.60 -59.11 20.91
C SER J 120 26.56 -59.36 19.81
N TYR J 121 25.55 -58.50 19.69
CA TYR J 121 24.65 -58.57 18.56
C TYR J 121 24.95 -57.72 17.32
N LEU J 122 25.99 -56.91 17.36
CA LEU J 122 26.29 -55.99 16.29
C LEU J 122 26.69 -56.78 15.04
N GLN J 123 26.05 -56.49 13.91
CA GLN J 123 26.45 -56.98 12.57
C GLN J 123 27.02 -55.80 11.80
N MET J 124 28.30 -55.87 11.47
CA MET J 124 28.97 -54.77 10.80
C MET J 124 28.30 -54.39 9.53
N GLU J 125 27.68 -55.34 8.85
CA GLU J 125 26.97 -55.02 7.62
C GLU J 125 25.95 -53.92 7.90
N ASP J 126 25.47 -53.80 9.15
CA ASP J 126 24.35 -52.84 9.40
C ASP J 126 24.82 -51.38 9.50
N VAL J 127 26.11 -51.18 9.66
CA VAL J 127 26.62 -49.85 9.95
C VAL J 127 27.71 -49.39 9.00
N THR J 128 28.00 -48.10 9.11
CA THR J 128 29.02 -47.35 8.37
C THR J 128 30.22 -47.07 9.28
N GLU K 11 34.84 39.19 -9.20
CA GLU K 11 33.64 38.29 -9.13
C GLU K 11 32.52 38.95 -8.30
N GLN K 12 32.88 39.54 -7.17
CA GLN K 12 31.94 40.35 -6.38
C GLN K 12 31.57 41.65 -7.11
N GLN K 13 32.45 42.13 -7.99
CA GLN K 13 32.19 43.34 -8.82
C GLN K 13 31.20 43.08 -9.98
N ARG K 14 31.34 41.89 -10.60
CA ARG K 14 30.39 41.38 -11.61
C ARG K 14 28.98 41.32 -11.02
N PHE K 15 28.86 40.63 -9.89
CA PHE K 15 27.58 40.48 -9.19
C PHE K 15 26.92 41.83 -8.93
N SER K 16 27.68 42.76 -8.37
CA SER K 16 27.12 44.06 -7.98
C SER K 16 26.62 44.85 -9.20
N TYR K 17 27.37 44.76 -10.31
CA TYR K 17 26.97 45.43 -11.57
C TYR K 17 25.64 44.83 -12.10
N GLN K 18 25.60 43.50 -12.20
CA GLN K 18 24.34 42.80 -12.50
C GLN K 18 23.17 43.25 -11.58
N GLN K 19 23.42 43.44 -10.28
CA GLN K 19 22.33 43.88 -9.39
C GLN K 19 21.92 45.32 -9.65
N ARG K 20 22.88 46.13 -10.06
CA ARG K 20 22.62 47.53 -10.49
C ARG K 20 21.68 47.52 -11.70
N LEU K 21 22.06 46.74 -12.71
CA LEU K 21 21.26 46.64 -13.94
C LEU K 21 19.85 46.11 -13.65
N LYS K 22 19.74 45.03 -12.86
CA LYS K 22 18.44 44.51 -12.45
C LYS K 22 17.59 45.55 -11.77
N ALA K 23 18.20 46.34 -10.87
CA ALA K 23 17.44 47.36 -10.11
C ALA K 23 16.80 48.40 -11.02
N ALA K 24 17.58 48.90 -11.97
CA ALA K 24 17.09 49.87 -13.00
C ALA K 24 15.96 49.27 -13.84
N VAL K 25 16.19 48.02 -14.26
CA VAL K 25 15.13 47.25 -14.95
C VAL K 25 13.93 47.21 -14.03
N HIS K 26 14.15 46.87 -12.75
CA HIS K 26 13.04 46.74 -11.80
C HIS K 26 12.26 48.02 -11.60
N TYR K 27 12.99 49.13 -11.49
CA TYR K 27 12.36 50.46 -11.36
C TYR K 27 11.51 50.76 -12.59
N THR K 28 12.08 50.57 -13.78
CA THR K 28 11.32 50.89 -15.00
C THR K 28 10.05 50.03 -15.15
N VAL K 29 10.16 48.73 -14.86
CA VAL K 29 9.02 47.83 -15.00
C VAL K 29 7.90 48.23 -14.05
N GLY K 30 8.27 48.54 -12.83
CA GLY K 30 7.29 49.11 -11.90
C GLY K 30 6.53 50.31 -12.47
N CYS K 31 7.26 51.26 -13.08
CA CYS K 31 6.62 52.43 -13.73
C CYS K 31 5.65 52.01 -14.83
N LEU K 32 6.13 51.16 -15.73
CA LEU K 32 5.30 50.68 -16.85
C LEU K 32 4.04 49.96 -16.36
N CYS K 33 4.20 49.12 -15.33
CA CYS K 33 3.05 48.37 -14.78
C CYS K 33 2.10 49.31 -14.02
N GLU K 34 2.68 50.35 -13.41
CA GLU K 34 1.87 51.43 -12.82
C GLU K 34 1.01 52.05 -13.92
N GLU K 35 1.63 52.40 -15.04
CA GLU K 35 0.89 52.91 -16.23
C GLU K 35 -0.19 51.95 -16.68
N VAL K 36 0.15 50.65 -16.82
CA VAL K 36 -0.85 49.69 -17.27
C VAL K 36 -1.99 49.52 -16.25
N ALA K 37 -1.65 49.45 -14.97
CA ALA K 37 -2.66 49.24 -13.91
C ALA K 37 -3.73 50.36 -13.84
N LEU K 38 -3.31 51.58 -14.15
CA LEU K 38 -4.20 52.74 -14.30
C LEU K 38 -5.15 52.52 -15.48
N ASP K 39 -4.58 52.23 -16.65
CA ASP K 39 -5.34 52.09 -17.89
C ASP K 39 -6.38 50.96 -17.86
N LYS K 40 -6.00 49.81 -17.31
CA LYS K 40 -6.89 48.65 -17.28
C LYS K 40 -7.64 48.59 -15.97
N GLU K 41 -7.26 49.47 -15.04
CA GLU K 41 -7.92 49.54 -13.75
C GLU K 41 -7.83 48.17 -13.10
N MET K 42 -6.61 47.74 -12.82
CA MET K 42 -6.38 46.51 -12.06
C MET K 42 -4.95 46.51 -11.58
N GLN K 43 -4.74 46.10 -10.33
CA GLN K 43 -3.43 46.21 -9.70
C GLN K 43 -2.64 44.91 -9.85
N PHE K 44 -1.32 45.04 -9.71
CA PHE K 44 -0.39 43.94 -9.76
C PHE K 44 0.21 43.77 -8.38
N SER K 45 0.25 42.54 -7.88
CA SER K 45 1.09 42.26 -6.72
C SER K 45 2.54 42.69 -7.00
N LYS K 46 3.28 43.00 -5.94
CA LYS K 46 4.67 43.43 -6.06
C LYS K 46 5.55 42.22 -6.48
N GLN K 47 5.04 41.02 -6.22
CA GLN K 47 5.68 39.80 -6.67
C GLN K 47 5.54 39.71 -8.22
N THR K 48 4.34 39.99 -8.73
CA THR K 48 4.15 39.99 -10.17
C THR K 48 5.11 40.94 -10.86
N ILE K 49 5.30 42.12 -10.28
CA ILE K 49 6.21 43.15 -10.82
C ILE K 49 7.62 42.66 -10.78
N ALA K 50 8.01 42.04 -9.68
CA ALA K 50 9.34 41.40 -9.54
C ALA K 50 9.53 40.33 -10.63
N ALA K 51 8.52 39.52 -10.85
CA ALA K 51 8.55 38.45 -11.84
C ALA K 51 8.78 39.02 -13.28
N ILE K 52 8.00 40.02 -13.63
CA ILE K 52 8.12 40.68 -14.93
C ILE K 52 9.52 41.29 -15.10
N SER K 53 10.08 41.84 -14.02
CA SER K 53 11.42 42.43 -14.06
C SER K 53 12.50 41.45 -14.36
N GLU K 54 12.44 40.29 -13.70
CA GLU K 54 13.42 39.23 -13.88
C GLU K 54 13.26 38.61 -15.28
N LEU K 55 11.99 38.50 -15.71
CA LEU K 55 11.63 38.04 -17.07
C LEU K 55 12.31 38.98 -18.06
N THR K 56 12.07 40.28 -17.91
CA THR K 56 12.63 41.29 -18.79
C THR K 56 14.16 41.29 -18.81
N PHE K 57 14.77 41.19 -17.64
CA PHE K 57 16.21 41.15 -17.55
C PHE K 57 16.78 39.94 -18.28
N ARG K 58 16.19 38.78 -18.05
CA ARG K 58 16.62 37.57 -18.71
C ARG K 58 16.38 37.62 -20.23
N GLN K 59 15.26 38.20 -20.62
CA GLN K 59 14.95 38.36 -22.03
C GLN K 59 15.99 39.20 -22.79
N CYS K 60 16.60 40.18 -22.11
CA CYS K 60 17.69 40.99 -22.69
C CYS K 60 18.85 40.16 -23.12
N GLU K 61 19.19 39.12 -22.35
CA GLU K 61 20.20 38.19 -22.78
C GLU K 61 19.86 37.45 -24.11
N ASN K 62 18.62 36.98 -24.23
CA ASN K 62 18.19 36.27 -25.44
C ASN K 62 18.21 37.20 -26.62
N PHE K 63 17.63 38.38 -26.46
CA PHE K 63 17.66 39.40 -27.51
C PHE K 63 19.11 39.71 -27.94
N ALA K 64 19.96 39.99 -26.94
CA ALA K 64 21.35 40.34 -27.16
C ALA K 64 22.05 39.29 -27.99
N LYS K 65 21.89 38.03 -27.60
CA LYS K 65 22.58 36.95 -28.28
C LYS K 65 22.07 36.74 -29.70
N ASP K 66 20.75 36.88 -29.89
CA ASP K 66 20.15 36.81 -31.24
C ASP K 66 20.58 37.97 -32.13
N LEU K 67 20.44 39.20 -31.64
CA LEU K 67 20.87 40.39 -32.39
C LEU K 67 22.31 40.20 -32.90
N GLU K 68 23.17 39.72 -32.02
CA GLU K 68 24.53 39.48 -32.39
C GLU K 68 24.60 38.48 -33.53
N MET K 69 23.92 37.34 -33.38
CA MET K 69 23.96 36.30 -34.39
C MET K 69 23.31 36.74 -35.71
N PHE K 70 22.32 37.62 -35.65
CA PHE K 70 21.67 38.05 -36.89
C PHE K 70 22.57 39.03 -37.65
N ALA K 71 23.26 39.87 -36.88
CA ALA K 71 24.16 40.85 -37.49
C ALA K 71 25.32 40.11 -38.16
N ARG K 72 25.80 39.05 -37.51
CA ARG K 72 26.85 38.21 -38.06
C ARG K 72 26.45 37.44 -39.30
N HIS K 73 25.18 37.03 -39.41
CA HIS K 73 24.63 36.35 -40.59
C HIS K 73 24.79 37.20 -41.80
N ALA K 74 24.61 38.50 -41.58
CA ALA K 74 24.70 39.52 -42.60
C ALA K 74 26.13 40.11 -42.75
N LYS K 75 27.15 39.38 -42.30
CA LYS K 75 28.57 39.82 -42.25
C LYS K 75 28.75 41.20 -41.63
N ARG K 76 28.04 41.47 -40.53
CA ARG K 76 28.21 42.72 -39.79
C ARG K 76 28.55 42.45 -38.34
N THR K 77 29.29 43.38 -37.70
CA THR K 77 29.54 43.32 -36.25
C THR K 77 28.87 44.51 -35.56
N THR K 78 28.33 45.43 -36.33
CA THR K 78 27.46 46.45 -35.76
C THR K 78 25.98 46.07 -36.05
N ILE K 79 25.23 45.88 -34.95
CA ILE K 79 23.81 45.47 -34.99
C ILE K 79 22.99 46.65 -35.44
N ASN K 80 22.07 46.44 -36.38
CA ASN K 80 21.22 47.53 -36.84
C ASN K 80 19.71 47.28 -36.65
N THR K 81 18.89 48.22 -37.10
CA THR K 81 17.47 48.10 -36.95
C THR K 81 16.88 46.88 -37.70
N GLU K 82 17.60 46.39 -38.70
CA GLU K 82 17.16 45.21 -39.47
C GLU K 82 17.29 43.97 -38.56
N ASP K 83 18.34 43.94 -37.74
CA ASP K 83 18.48 42.90 -36.73
C ASP K 83 17.36 42.98 -35.70
N VAL K 84 17.07 44.19 -35.23
CA VAL K 84 16.04 44.38 -34.24
C VAL K 84 14.67 43.94 -34.77
N LYS K 85 14.43 44.21 -36.05
CA LYS K 85 13.13 43.85 -36.62
C LYS K 85 12.93 42.32 -36.69
N LEU K 86 14.02 41.60 -36.86
CA LEU K 86 13.96 40.17 -36.82
C LEU K 86 13.51 39.62 -35.48
N LEU K 87 13.68 40.37 -34.40
CA LEU K 87 13.21 39.95 -33.11
C LEU K 87 11.67 39.92 -33.02
N ALA K 88 11.01 40.65 -33.90
CA ALA K 88 9.60 40.86 -33.84
C ALA K 88 8.91 39.95 -34.83
N ARG K 89 9.64 39.01 -35.40
CA ARG K 89 9.11 38.28 -36.56
C ARG K 89 7.97 37.30 -36.30
N ARG K 90 7.69 36.92 -35.04
CA ARG K 90 6.70 35.84 -34.78
C ARG K 90 5.30 36.36 -34.99
N SER K 91 5.11 37.67 -34.90
CA SER K 91 3.78 38.21 -34.99
C SER K 91 3.77 39.31 -36.05
N ASN K 92 2.89 39.16 -37.03
CA ASN K 92 2.68 40.20 -38.03
C ASN K 92 2.43 41.55 -37.37
N SER K 93 1.51 41.59 -36.41
CA SER K 93 1.19 42.87 -35.75
C SER K 93 2.36 43.41 -34.95
N LEU K 94 3.19 42.55 -34.33
CA LEU K 94 4.39 43.06 -33.65
C LEU K 94 5.38 43.55 -34.72
N LEU K 95 5.55 42.80 -35.81
CA LEU K 95 6.50 43.23 -36.86
C LEU K 95 6.08 44.57 -37.47
N LYS K 96 4.77 44.80 -37.69
CA LYS K 96 4.28 46.07 -38.25
C LYS K 96 4.51 47.24 -37.30
N TYR K 97 4.20 47.06 -36.01
CA TYR K 97 4.34 48.14 -35.02
C TYR K 97 5.81 48.52 -34.80
N ILE K 98 6.69 47.52 -34.79
CA ILE K 98 8.14 47.75 -34.66
C ILE K 98 8.78 48.29 -35.95
N THR K 99 8.28 47.88 -37.11
CA THR K 99 8.67 48.48 -38.41
C THR K 99 8.22 49.95 -38.54
N ASP K 100 7.05 50.27 -37.99
CA ASP K 100 6.56 51.65 -38.02
C ASP K 100 7.38 52.55 -37.10
N LYS K 101 7.59 52.13 -35.85
CA LYS K 101 8.44 52.93 -34.94
C LYS K 101 9.86 53.10 -35.48
N SER K 102 10.30 52.15 -36.31
CA SER K 102 11.62 52.19 -36.92
C SER K 102 11.78 53.32 -37.94
N GLU K 103 10.67 53.80 -38.51
CA GLU K 103 10.73 54.97 -39.39
C GLU K 103 10.47 56.27 -38.62
N GLU K 104 9.71 56.20 -37.54
CA GLU K 104 9.51 57.37 -36.67
C GLU K 104 10.76 57.75 -35.88
N SER L 10 7.45 57.33 -19.39
CA SER L 10 8.29 56.30 -18.69
C SER L 10 8.77 55.32 -19.74
N GLY L 11 10.04 54.93 -19.66
CA GLY L 11 10.61 53.99 -20.61
C GLY L 11 12.00 53.60 -20.17
N PHE L 12 12.69 52.80 -20.97
CA PHE L 12 14.08 52.47 -20.71
C PHE L 12 14.94 53.54 -21.37
N ARG L 13 16.08 53.88 -20.76
CA ARG L 13 17.02 54.86 -21.31
C ARG L 13 17.95 54.14 -22.26
N LYS L 14 18.31 54.77 -23.38
CA LYS L 14 19.16 54.14 -24.41
C LYS L 14 20.48 53.57 -23.85
N GLU L 15 21.02 54.19 -22.80
CA GLU L 15 22.27 53.75 -22.18
C GLU L 15 22.08 52.49 -21.32
N LEU L 16 20.97 52.40 -20.58
CA LEU L 16 20.68 51.16 -19.82
C LEU L 16 20.55 49.97 -20.79
N VAL L 17 19.78 50.19 -21.86
CA VAL L 17 19.52 49.15 -22.88
C VAL L 17 20.87 48.64 -23.36
N SER L 18 21.78 49.58 -23.59
CA SER L 18 23.08 49.27 -24.16
C SER L 18 23.93 48.41 -23.24
N ARG L 19 23.88 48.74 -21.96
CA ARG L 19 24.61 47.97 -20.95
C ARG L 19 24.06 46.55 -20.84
N LEU L 20 22.72 46.47 -20.82
CA LEU L 20 22.02 45.17 -20.81
C LEU L 20 22.53 44.33 -21.98
N LEU L 21 22.57 44.91 -23.18
CA LEU L 21 23.06 44.16 -24.34
C LEU L 21 24.51 43.78 -24.20
N HIS L 22 25.37 44.75 -23.84
CA HIS L 22 26.81 44.47 -23.75
C HIS L 22 27.16 43.51 -22.67
N LEU L 23 26.37 43.45 -21.60
CA LEU L 23 26.53 42.36 -20.63
C LEU L 23 26.55 40.96 -21.26
N HIS L 24 25.88 40.76 -22.42
CA HIS L 24 25.72 39.39 -22.95
C HIS L 24 26.33 39.02 -24.26
N PHE L 25 26.89 39.97 -25.00
CA PHE L 25 27.50 39.65 -26.32
C PHE L 25 28.65 38.68 -26.10
N LYS L 26 28.74 37.65 -26.92
CA LYS L 26 29.83 36.68 -26.84
C LYS L 26 31.15 37.26 -27.41
N ASP L 27 31.09 38.43 -28.04
CA ASP L 27 32.21 39.04 -28.79
C ASP L 27 32.45 40.53 -28.44
N ASP L 28 33.69 40.83 -28.01
CA ASP L 28 34.16 42.21 -27.74
C ASP L 28 33.93 43.15 -28.91
N LYS L 29 34.14 42.63 -30.13
CA LYS L 29 33.92 43.42 -31.36
C LYS L 29 32.52 44.01 -31.49
N THR L 30 31.51 43.31 -30.97
CA THR L 30 30.13 43.63 -31.33
C THR L 30 29.72 44.99 -30.84
N LYS L 31 29.05 45.76 -31.70
CA LYS L 31 28.53 47.06 -31.31
C LYS L 31 27.06 47.16 -31.73
N VAL L 32 26.42 48.27 -31.38
CA VAL L 32 25.01 48.51 -31.58
C VAL L 32 24.80 49.90 -32.15
N SER L 33 24.25 50.00 -33.36
CA SER L 33 23.95 51.32 -33.96
C SER L 33 23.03 52.11 -33.05
N GLY L 34 23.07 53.44 -33.15
CA GLY L 34 22.18 54.27 -32.35
C GLY L 34 20.72 54.11 -32.75
N ASP L 35 20.52 53.85 -34.04
CA ASP L 35 19.22 53.52 -34.57
C ASP L 35 18.69 52.23 -33.87
N ALA L 36 19.50 51.16 -33.90
CA ALA L 36 19.24 49.90 -33.17
C ALA L 36 18.87 50.13 -31.69
N LEU L 37 19.73 50.88 -30.99
CA LEU L 37 19.55 51.10 -29.56
C LEU L 37 18.21 51.73 -29.30
N GLN L 38 17.85 52.68 -30.13
CA GLN L 38 16.60 53.39 -29.99
C GLN L 38 15.42 52.46 -30.22
N LEU L 39 15.54 51.60 -31.22
CA LEU L 39 14.46 50.66 -31.57
C LEU L 39 14.31 49.63 -30.43
N MET L 40 15.43 49.19 -29.85
CA MET L 40 15.42 48.27 -28.71
C MET L 40 14.71 48.80 -27.47
N VAL L 41 14.80 50.12 -27.23
CA VAL L 41 14.04 50.82 -26.18
C VAL L 41 12.53 50.62 -26.37
N GLU L 42 12.10 50.74 -27.63
CA GLU L 42 10.67 50.58 -27.94
C GLU L 42 10.23 49.12 -27.79
N LEU L 43 11.04 48.19 -28.29
CA LEU L 43 10.68 46.77 -28.23
C LEU L 43 10.55 46.30 -26.78
N LEU L 44 11.51 46.69 -25.94
CA LEU L 44 11.50 46.30 -24.52
C LEU L 44 10.26 46.82 -23.84
N LYS L 45 9.90 48.06 -24.15
CA LYS L 45 8.70 48.60 -23.58
C LYS L 45 7.50 47.77 -24.00
N VAL L 46 7.40 47.44 -25.29
CA VAL L 46 6.28 46.61 -25.76
C VAL L 46 6.33 45.24 -25.06
N PHE L 47 7.52 44.65 -24.92
CA PHE L 47 7.61 43.38 -24.18
C PHE L 47 6.93 43.48 -22.80
N VAL L 48 7.35 44.49 -22.04
CA VAL L 48 6.90 44.64 -20.68
C VAL L 48 5.42 44.91 -20.60
N VAL L 49 4.97 45.83 -21.42
CA VAL L 49 3.56 46.15 -21.46
C VAL L 49 2.75 44.94 -21.88
N GLU L 50 3.28 44.16 -22.81
CA GLU L 50 2.51 43.02 -23.29
C GLU L 50 2.36 41.98 -22.16
N ALA L 51 3.44 41.77 -21.39
CA ALA L 51 3.41 40.83 -20.25
C ALA L 51 2.35 41.29 -19.26
N ALA L 52 2.33 42.60 -19.00
CA ALA L 52 1.45 43.18 -17.99
C ALA L 52 0.02 43.04 -18.42
N VAL L 53 -0.26 43.38 -19.69
CA VAL L 53 -1.63 43.30 -20.23
C VAL L 53 -2.14 41.87 -20.36
N ARG L 54 -1.28 40.96 -20.77
CA ARG L 54 -1.62 39.56 -20.73
C ARG L 54 -1.95 39.06 -19.30
N GLY L 55 -1.18 39.52 -18.31
CA GLY L 55 -1.46 39.23 -16.90
C GLY L 55 -2.88 39.67 -16.55
N VAL L 56 -3.18 40.91 -16.91
CA VAL L 56 -4.50 41.49 -16.67
C VAL L 56 -5.61 40.68 -17.31
N ARG L 57 -5.43 40.25 -18.56
CA ARG L 57 -6.48 39.54 -19.27
C ARG L 57 -6.66 38.15 -18.68
N GLN L 58 -5.58 37.57 -18.20
CA GLN L 58 -5.67 36.30 -17.50
C GLN L 58 -6.43 36.47 -16.17
N ALA L 59 -6.10 37.50 -15.39
CA ALA L 59 -6.81 37.76 -14.12
C ALA L 59 -8.32 38.02 -14.34
N GLN L 60 -8.67 38.74 -15.40
CA GLN L 60 -10.09 38.93 -15.77
C GLN L 60 -10.77 37.61 -16.18
N ALA L 61 -10.07 36.76 -16.91
CA ALA L 61 -10.64 35.46 -17.32
C ALA L 61 -11.04 34.58 -16.11
N GLU L 62 -10.32 34.70 -15.00
CA GLU L 62 -10.62 33.94 -13.78
C GLU L 62 -11.27 34.82 -12.70
N ASP L 63 -11.89 35.92 -13.11
CA ASP L 63 -12.59 36.81 -12.17
C ASP L 63 -11.73 37.13 -10.95
N ALA L 64 -10.45 37.44 -11.17
CA ALA L 64 -9.54 37.77 -10.07
C ALA L 64 -9.47 39.28 -9.85
N LEU L 65 -9.34 39.68 -8.58
CA LEU L 65 -9.30 41.09 -8.19
C LEU L 65 -8.04 41.80 -8.65
N ARG L 66 -6.93 41.07 -8.76
CA ARG L 66 -5.65 41.67 -9.18
C ARG L 66 -4.69 40.66 -9.85
N VAL L 67 -3.54 41.13 -10.33
CA VAL L 67 -2.61 40.23 -11.04
C VAL L 67 -1.59 39.62 -10.09
N ASP L 68 -1.81 38.38 -9.67
CA ASP L 68 -0.84 37.69 -8.81
C ASP L 68 0.10 36.83 -9.68
N VAL L 69 1.20 36.33 -9.10
CA VAL L 69 2.17 35.57 -9.88
C VAL L 69 1.54 34.35 -10.56
N ASP L 70 0.45 33.84 -9.99
CA ASP L 70 -0.28 32.68 -10.54
C ASP L 70 -0.88 32.98 -11.92
N GLN L 71 -1.42 34.18 -12.09
CA GLN L 71 -1.87 34.63 -13.41
C GLN L 71 -0.71 34.82 -14.41
N LEU L 72 0.38 35.40 -13.93
CA LEU L 72 1.54 35.62 -14.79
C LEU L 72 2.14 34.31 -15.27
N GLU L 73 2.24 33.33 -14.38
CA GLU L 73 2.73 32.00 -14.74
C GLU L 73 2.04 31.48 -15.96
N LYS L 74 0.72 31.69 -16.01
CA LYS L 74 -0.09 31.15 -17.09
C LYS L 74 0.18 31.78 -18.44
N VAL L 75 0.65 33.01 -18.49
CA VAL L 75 0.87 33.70 -19.77
C VAL L 75 2.34 33.62 -20.24
N LEU L 76 3.22 33.09 -19.39
CA LEU L 76 4.65 33.19 -19.58
C LEU L 76 5.20 32.35 -20.76
N PRO L 77 4.77 31.09 -20.89
CA PRO L 77 5.38 30.37 -21.98
C PRO L 77 5.10 30.95 -23.36
N GLN L 78 3.86 31.33 -23.65
CA GLN L 78 3.52 31.92 -24.94
C GLN L 78 4.17 33.29 -25.12
N LEU L 79 4.29 34.07 -24.05
CA LEU L 79 5.02 35.35 -24.15
C LEU L 79 6.43 35.09 -24.65
N LEU L 80 7.09 34.13 -24.04
CA LEU L 80 8.45 33.80 -24.42
C LEU L 80 8.53 33.28 -25.84
N LEU L 81 7.55 32.48 -26.27
CA LEU L 81 7.53 31.97 -27.63
C LEU L 81 7.21 33.08 -28.66
N ASP L 82 6.45 34.08 -28.26
CA ASP L 82 6.15 35.23 -29.15
C ASP L 82 7.29 36.24 -29.34
N PHE L 83 8.32 36.19 -28.50
CA PHE L 83 9.46 37.08 -28.65
C PHE L 83 10.74 36.28 -28.92
N GLU M 10 -12.88 8.76 -54.99
CA GLU M 10 -12.03 8.51 -53.78
C GLU M 10 -12.25 9.59 -52.72
N GLU M 11 -11.80 9.38 -51.49
CA GLU M 11 -11.94 10.44 -50.50
C GLU M 11 -10.88 11.52 -50.72
N GLN M 12 -9.64 11.10 -51.01
CA GLN M 12 -8.53 12.04 -51.23
C GLN M 12 -8.72 13.00 -52.41
N GLN M 13 -9.50 12.59 -53.42
CA GLN M 13 -9.80 13.50 -54.55
C GLN M 13 -10.48 14.78 -54.07
N ARG M 14 -11.36 14.65 -53.09
CA ARG M 14 -12.11 15.79 -52.57
C ARG M 14 -11.32 16.68 -51.59
N PHE M 15 -10.09 16.29 -51.24
CA PHE M 15 -9.29 17.06 -50.27
C PHE M 15 -8.72 18.35 -50.88
N SER M 16 -8.78 19.45 -50.13
CA SER M 16 -7.98 20.63 -50.43
C SER M 16 -6.49 20.32 -50.37
N TYR M 17 -5.69 21.16 -51.02
CA TYR M 17 -4.26 21.00 -51.05
C TYR M 17 -3.71 20.89 -49.59
N GLN M 18 -4.17 21.80 -48.75
CA GLN M 18 -3.76 21.89 -47.36
C GLN M 18 -4.13 20.63 -46.53
N GLN M 19 -5.29 20.05 -46.81
CA GLN M 19 -5.67 18.82 -46.14
C GLN M 19 -4.82 17.67 -46.58
N ARG M 20 -4.46 17.65 -47.88
CA ARG M 20 -3.54 16.66 -48.41
C ARG M 20 -2.18 16.74 -47.73
N LEU M 21 -1.68 17.98 -47.56
CA LEU M 21 -0.39 18.21 -46.92
C LEU M 21 -0.48 17.79 -45.44
N LYS M 22 -1.53 18.19 -44.75
CA LYS M 22 -1.69 17.83 -43.34
C LYS M 22 -1.81 16.33 -43.08
N ALA M 23 -2.53 15.62 -43.95
CA ALA M 23 -2.60 14.15 -43.90
C ALA M 23 -1.22 13.54 -44.15
N ALA M 24 -0.47 14.04 -45.12
CA ALA M 24 0.81 13.44 -45.40
C ALA M 24 1.73 13.65 -44.18
N VAL M 25 1.61 14.83 -43.55
CA VAL M 25 2.41 15.08 -42.31
C VAL M 25 1.98 14.11 -41.18
N HIS M 26 0.68 14.00 -40.94
CA HIS M 26 0.12 13.18 -39.86
C HIS M 26 0.51 11.75 -39.98
N TYR M 27 0.36 11.21 -41.19
CA TYR M 27 0.80 9.84 -41.46
C TYR M 27 2.28 9.67 -41.22
N THR M 28 3.12 10.60 -41.67
CA THR M 28 4.55 10.44 -41.43
C THR M 28 4.81 10.53 -39.91
N VAL M 29 4.04 11.35 -39.22
CA VAL M 29 4.30 11.50 -37.79
C VAL M 29 3.96 10.17 -37.08
N GLY M 30 2.80 9.62 -37.42
CA GLY M 30 2.34 8.31 -36.94
C GLY M 30 3.40 7.26 -37.17
N CYS M 31 3.96 7.23 -38.35
CA CYS M 31 4.99 6.24 -38.61
C CYS M 31 6.17 6.42 -37.67
N LEU M 32 6.66 7.66 -37.53
CA LEU M 32 7.84 7.91 -36.71
C LEU M 32 7.54 7.57 -35.25
N CYS M 33 6.30 7.80 -34.82
CA CYS M 33 5.88 7.51 -33.47
C CYS M 33 5.82 6.01 -33.23
N GLU M 34 5.52 5.22 -34.28
CA GLU M 34 5.56 3.77 -34.16
C GLU M 34 7.00 3.29 -33.99
N GLU M 35 7.95 3.87 -34.72
CA GLU M 35 9.36 3.52 -34.52
C GLU M 35 9.74 3.67 -33.07
N VAL M 36 9.33 4.80 -32.49
CA VAL M 36 9.58 5.10 -31.09
C VAL M 36 8.81 4.19 -30.13
N ALA M 37 7.53 3.94 -30.43
CA ALA M 37 6.66 3.09 -29.60
C ALA M 37 7.13 1.62 -29.54
N LEU M 38 7.82 1.16 -30.58
CA LEU M 38 8.44 -0.15 -30.57
C LEU M 38 9.66 -0.05 -29.67
N ASP M 39 10.56 0.88 -30.00
CA ASP M 39 11.93 0.96 -29.44
C ASP M 39 12.02 1.34 -27.96
N LYS M 40 10.96 1.94 -27.43
CA LYS M 40 10.87 2.26 -26.00
C LYS M 40 9.73 1.46 -25.36
N GLU M 41 9.16 0.50 -26.10
CA GLU M 41 8.07 -0.31 -25.56
C GLU M 41 7.06 0.59 -24.83
N MET M 42 6.35 1.42 -25.59
CA MET M 42 5.33 2.33 -25.04
C MET M 42 4.35 2.81 -26.13
N GLN M 43 3.07 2.46 -26.00
CA GLN M 43 2.06 2.88 -26.97
C GLN M 43 1.79 4.40 -26.88
N PHE M 44 1.30 4.99 -27.98
CA PHE M 44 0.82 6.40 -27.99
C PHE M 44 -0.63 6.39 -28.29
N SER M 45 -1.43 7.21 -27.62
CA SER M 45 -2.79 7.39 -28.06
C SER M 45 -2.80 8.04 -29.46
N LYS M 46 -3.94 7.90 -30.13
CA LYS M 46 -4.16 8.48 -31.44
C LYS M 46 -4.18 9.97 -31.28
N GLN M 47 -4.88 10.47 -30.26
CA GLN M 47 -4.94 11.91 -29.98
C GLN M 47 -3.55 12.53 -29.81
N THR M 48 -2.63 11.76 -29.24
CA THR M 48 -1.27 12.22 -29.02
C THR M 48 -0.48 12.35 -30.32
N ILE M 49 -0.64 11.37 -31.19
CA ILE M 49 0.03 11.42 -32.51
C ILE M 49 -0.57 12.58 -33.31
N ALA M 50 -1.88 12.80 -33.19
CA ALA M 50 -2.50 13.94 -33.85
C ALA M 50 -1.95 15.27 -33.30
N ALA M 51 -1.71 15.34 -31.98
CA ALA M 51 -1.24 16.53 -31.33
C ALA M 51 0.21 16.87 -31.86
N ILE M 52 1.06 15.87 -31.94
CA ILE M 52 2.40 16.01 -32.44
C ILE M 52 2.39 16.40 -33.92
N SER M 53 1.38 15.94 -34.66
CA SER M 53 1.26 16.27 -36.06
C SER M 53 0.97 17.75 -36.26
N GLU M 54 0.01 18.24 -35.51
CA GLU M 54 -0.33 19.64 -35.46
C GLU M 54 0.86 20.52 -35.01
N LEU M 55 1.62 20.07 -33.98
CA LEU M 55 2.79 20.83 -33.51
C LEU M 55 3.79 20.91 -34.64
N THR M 56 3.96 19.79 -35.35
CA THR M 56 4.99 19.70 -36.37
C THR M 56 4.60 20.57 -37.57
N PHE M 57 3.32 20.58 -37.91
CA PHE M 57 2.84 21.40 -39.02
C PHE M 57 3.07 22.88 -38.68
N ARG M 58 2.79 23.26 -37.44
CA ARG M 58 3.00 24.64 -36.98
C ARG M 58 4.49 24.98 -36.90
N GLN M 59 5.28 24.03 -36.44
CA GLN M 59 6.71 24.23 -36.39
C GLN M 59 7.28 24.51 -37.79
N CYS M 60 6.75 23.84 -38.80
N CYS M 60 6.75 23.79 -38.79
CA CYS M 60 7.27 24.00 -40.13
CA CYS M 60 7.12 23.97 -40.20
C CYS M 60 6.92 25.37 -40.72
C CYS M 60 6.94 25.39 -40.65
N GLU M 61 5.79 25.94 -40.30
CA GLU M 61 5.45 27.31 -40.67
C GLU M 61 6.46 28.29 -40.10
N ASN M 62 6.79 28.10 -38.81
CA ASN M 62 7.79 28.93 -38.14
C ASN M 62 9.12 28.82 -38.85
N PHE M 63 9.50 27.59 -39.14
CA PHE M 63 10.80 27.32 -39.72
C PHE M 63 10.87 27.98 -41.12
N ALA M 64 9.82 27.83 -41.90
CA ALA M 64 9.78 28.37 -43.27
C ALA M 64 9.89 29.89 -43.28
N LYS M 65 9.06 30.53 -42.46
CA LYS M 65 9.06 31.98 -42.37
C LYS M 65 10.39 32.51 -41.88
N ASP M 66 10.99 31.83 -40.91
CA ASP M 66 12.30 32.25 -40.45
C ASP M 66 13.36 32.08 -41.54
N LEU M 67 13.40 30.93 -42.21
CA LEU M 67 14.43 30.66 -43.19
C LEU M 67 14.39 31.73 -44.26
N GLU M 68 13.18 32.06 -44.69
CA GLU M 68 13.03 33.03 -45.74
C GLU M 68 13.55 34.40 -45.28
N MET M 69 13.15 34.85 -44.09
CA MET M 69 13.66 36.10 -43.51
C MET M 69 15.16 36.05 -43.30
N PHE M 70 15.70 34.92 -42.84
CA PHE M 70 17.13 34.80 -42.65
C PHE M 70 17.93 34.91 -43.99
N ALA M 71 17.47 34.21 -45.02
CA ALA M 71 18.09 34.29 -46.37
C ALA M 71 18.09 35.71 -46.89
N ARG M 72 16.93 36.35 -46.80
CA ARG M 72 16.74 37.74 -47.20
C ARG M 72 17.61 38.71 -46.42
N HIS M 73 17.92 38.36 -45.16
CA HIS M 73 18.76 39.19 -44.30
C HIS M 73 20.16 39.17 -44.83
N ALA M 74 20.64 38.02 -45.32
CA ALA M 74 21.94 37.90 -46.01
C ALA M 74 21.91 38.22 -47.54
N LYS M 75 20.92 39.00 -47.99
CA LYS M 75 20.71 39.39 -49.40
C LYS M 75 20.47 38.22 -50.37
N ARG M 76 19.93 37.11 -49.88
CA ARG M 76 19.65 35.96 -50.72
C ARG M 76 18.15 35.64 -50.84
N THR M 77 17.73 35.16 -52.02
CA THR M 77 16.39 34.63 -52.21
C THR M 77 16.41 33.08 -52.19
N THR M 78 17.59 32.49 -52.21
CA THR M 78 17.71 31.06 -52.05
C THR M 78 18.28 30.72 -50.68
N ILE M 79 17.55 29.88 -49.98
CA ILE M 79 17.80 29.54 -48.58
C ILE M 79 18.88 28.49 -48.60
N ASN M 80 19.90 28.65 -47.73
CA ASN M 80 21.06 27.75 -47.69
C ASN M 80 21.23 27.10 -46.31
N THR M 81 22.33 26.38 -46.12
CA THR M 81 22.48 25.61 -44.90
C THR M 81 22.88 26.49 -43.74
N GLU M 82 23.43 27.66 -44.06
CA GLU M 82 23.71 28.70 -43.09
C GLU M 82 22.40 29.17 -42.47
N ASP M 83 21.34 29.23 -43.28
CA ASP M 83 20.05 29.64 -42.75
C ASP M 83 19.50 28.58 -41.80
N VAL M 84 19.64 27.30 -42.17
CA VAL M 84 19.14 26.21 -41.39
C VAL M 84 19.91 26.12 -40.05
N LYS M 85 21.22 26.40 -40.11
CA LYS M 85 22.06 26.46 -38.90
C LYS M 85 21.61 27.54 -37.95
N LEU M 86 21.32 28.72 -38.48
CA LEU M 86 20.77 29.80 -37.68
C LEU M 86 19.43 29.37 -37.01
N LEU M 87 18.63 28.58 -37.73
CA LEU M 87 17.41 28.02 -37.15
C LEU M 87 17.69 27.16 -35.92
N ALA M 88 18.83 26.45 -35.91
CA ALA M 88 19.20 25.56 -34.80
C ALA M 88 20.10 26.22 -33.71
N ARG M 89 20.28 27.53 -33.78
CA ARG M 89 21.22 28.25 -32.92
C ARG M 89 20.98 28.13 -31.39
N ARG M 90 19.79 27.68 -30.98
CA ARG M 90 19.38 27.74 -29.57
C ARG M 90 19.85 26.50 -28.78
N SER M 91 20.20 25.45 -29.46
CA SER M 91 20.56 24.23 -28.76
C SER M 91 21.94 23.82 -29.24
N ASN M 92 22.89 23.80 -28.30
CA ASN M 92 24.20 23.15 -28.47
C ASN M 92 24.14 21.84 -29.27
N SER M 93 23.34 20.90 -28.78
CA SER M 93 23.24 19.58 -29.38
C SER M 93 22.57 19.62 -30.74
N LEU M 94 21.56 20.49 -30.88
CA LEU M 94 20.82 20.56 -32.13
C LEU M 94 21.73 21.11 -33.18
N LEU M 95 22.36 22.24 -32.89
CA LEU M 95 23.31 22.85 -33.80
C LEU M 95 24.40 21.87 -34.17
N LYS M 96 24.87 21.09 -33.19
CA LYS M 96 25.88 20.04 -33.43
C LYS M 96 25.36 19.01 -34.42
N TYR M 97 24.26 18.34 -34.06
CA TYR M 97 23.57 17.36 -34.91
C TYR M 97 23.38 17.90 -36.33
N ILE M 98 22.99 19.18 -36.42
CA ILE M 98 22.76 19.83 -37.72
C ILE M 98 24.07 20.12 -38.44
N THR M 99 24.99 20.85 -37.79
CA THR M 99 26.30 21.16 -38.37
C THR M 99 27.09 19.88 -38.73
N ASP M 100 26.71 18.75 -38.12
CA ASP M 100 27.25 17.42 -38.47
C ASP M 100 26.61 16.89 -39.75
N LYS M 101 25.32 16.53 -39.67
CA LYS M 101 24.56 16.11 -40.85
C LYS M 101 24.79 17.05 -42.07
N SER M 102 25.05 18.33 -41.82
CA SER M 102 25.49 19.30 -42.86
C SER M 102 26.88 18.92 -43.38
N SER N 10 11.89 5.36 -41.13
CA SER N 10 10.93 6.32 -41.71
C SER N 10 11.52 7.73 -41.77
N GLY N 11 10.75 8.65 -42.33
CA GLY N 11 11.22 10.01 -42.56
C GLY N 11 10.25 10.82 -43.44
N PHE N 12 10.41 12.13 -43.41
CA PHE N 12 9.62 12.97 -44.28
C PHE N 12 10.18 12.88 -45.68
N ARG N 13 9.33 12.72 -46.67
CA ARG N 13 9.83 12.84 -48.05
C ARG N 13 10.25 14.29 -48.35
N LYS N 14 11.42 14.46 -48.93
CA LYS N 14 11.89 15.78 -49.26
C LYS N 14 10.93 16.60 -50.14
N GLU N 15 10.09 15.89 -50.89
CA GLU N 15 9.16 16.48 -51.84
C GLU N 15 7.99 17.09 -51.05
N LEU N 16 7.58 16.42 -49.96
CA LEU N 16 6.62 16.96 -49.04
C LEU N 16 7.18 18.17 -48.29
N VAL N 17 8.39 18.03 -47.76
CA VAL N 17 9.00 19.10 -46.99
C VAL N 17 9.14 20.35 -47.85
N SER N 18 9.46 20.16 -49.13
CA SER N 18 9.59 21.27 -50.05
C SER N 18 8.26 22.02 -50.17
N ARG N 19 7.19 21.28 -50.31
CA ARG N 19 5.92 21.92 -50.39
C ARG N 19 5.49 22.55 -49.11
N LEU N 20 5.81 21.91 -47.98
CA LEU N 20 5.51 22.54 -46.70
C LEU N 20 6.20 23.88 -46.53
N LEU N 21 7.45 24.00 -46.88
CA LEU N 21 8.14 25.26 -46.78
C LEU N 21 7.47 26.30 -47.72
N HIS N 22 7.23 25.89 -48.96
CA HIS N 22 6.72 26.82 -49.99
C HIS N 22 5.37 27.30 -49.66
N LEU N 23 4.60 26.52 -48.92
CA LEU N 23 3.26 26.94 -48.56
C LEU N 23 3.30 28.24 -47.71
N HIS N 24 4.39 28.44 -46.97
CA HIS N 24 4.44 29.51 -45.99
C HIS N 24 5.29 30.68 -46.38
N PHE N 25 6.04 30.57 -47.48
CA PHE N 25 6.87 31.67 -47.95
C PHE N 25 6.00 32.87 -48.36
N LYS N 26 6.44 34.06 -47.97
CA LYS N 26 5.80 35.31 -48.35
C LYS N 26 6.12 35.69 -49.80
N ASP N 27 7.31 35.34 -50.29
CA ASP N 27 7.79 35.88 -51.56
C ASP N 27 7.88 34.76 -52.56
N ASP N 28 7.39 35.02 -53.77
CA ASP N 28 7.28 34.01 -54.81
C ASP N 28 8.64 33.59 -55.36
N LYS N 29 9.64 34.45 -55.24
CA LYS N 29 11.01 34.15 -55.69
C LYS N 29 11.82 33.21 -54.76
N THR N 30 11.32 32.98 -53.53
CA THR N 30 12.09 32.27 -52.52
C THR N 30 12.27 30.86 -52.93
N LYS N 31 13.50 30.38 -52.82
CA LYS N 31 13.80 29.00 -53.10
C LYS N 31 14.62 28.42 -51.99
N VAL N 32 14.77 27.10 -52.05
CA VAL N 32 15.47 26.32 -51.08
C VAL N 32 16.54 25.45 -51.77
N SER N 33 17.78 25.58 -51.35
CA SER N 33 18.85 24.75 -51.87
C SER N 33 18.59 23.31 -51.55
N GLY N 34 19.06 22.43 -52.43
CA GLY N 34 18.93 21.01 -52.27
C GLY N 34 19.54 20.47 -50.99
N ASP N 35 20.63 21.10 -50.53
CA ASP N 35 21.31 20.75 -49.25
C ASP N 35 20.49 21.21 -48.04
N ALA N 36 20.10 22.49 -48.04
CA ALA N 36 19.14 23.04 -47.08
C ALA N 36 17.91 22.21 -46.98
N LEU N 37 17.36 21.79 -48.12
CA LEU N 37 16.17 20.97 -48.09
C LEU N 37 16.44 19.70 -47.31
N GLN N 38 17.55 19.01 -47.58
CA GLN N 38 17.81 17.72 -46.91
C GLN N 38 18.04 17.99 -45.42
N LEU N 39 18.72 19.08 -45.10
CA LEU N 39 18.85 19.44 -43.68
C LEU N 39 17.47 19.54 -43.02
N MET N 40 16.47 20.11 -43.72
CA MET N 40 15.13 20.32 -43.14
C MET N 40 14.37 19.03 -42.95
N VAL N 41 14.55 18.11 -43.90
CA VAL N 41 13.96 16.81 -43.76
C VAL N 41 14.46 16.23 -42.41
N GLU N 42 15.72 16.42 -42.08
CA GLU N 42 16.27 15.79 -40.85
C GLU N 42 15.83 16.55 -39.61
N LEU N 43 15.90 17.88 -39.67
CA LEU N 43 15.40 18.76 -38.58
C LEU N 43 13.97 18.44 -38.18
N LEU N 44 13.09 18.23 -39.16
CA LEU N 44 11.70 17.90 -38.84
C LEU N 44 11.58 16.54 -38.14
N LYS N 45 12.34 15.55 -38.60
CA LYS N 45 12.31 14.22 -37.98
C LYS N 45 12.73 14.34 -36.51
N VAL N 46 13.77 15.11 -36.25
CA VAL N 46 14.35 15.28 -34.92
C VAL N 46 13.35 15.96 -33.99
N PHE N 47 12.50 16.83 -34.55
CA PHE N 47 11.46 17.51 -33.77
C PHE N 47 10.43 16.53 -33.34
N VAL N 48 9.95 15.72 -34.28
CA VAL N 48 8.89 14.76 -34.00
C VAL N 48 9.29 13.67 -32.95
N VAL N 49 10.48 13.14 -33.12
CA VAL N 49 11.01 12.10 -32.22
C VAL N 49 11.32 12.69 -30.79
N GLU N 50 11.78 13.92 -30.73
CA GLU N 50 11.94 14.63 -29.44
C GLU N 50 10.64 14.71 -28.71
N ALA N 51 9.56 15.05 -29.44
CA ALA N 51 8.27 15.18 -28.84
C ALA N 51 7.80 13.85 -28.36
N ALA N 52 7.98 12.85 -29.22
CA ALA N 52 7.46 11.53 -28.91
C ALA N 52 8.24 10.93 -27.73
N VAL N 53 9.56 11.06 -27.73
CA VAL N 53 10.35 10.38 -26.70
C VAL N 53 10.20 11.11 -25.35
N ARG N 54 10.23 12.44 -25.35
CA ARG N 54 9.90 13.16 -24.13
C ARG N 54 8.55 12.77 -23.61
N GLY N 55 7.60 12.58 -24.52
CA GLY N 55 6.27 12.14 -24.10
C GLY N 55 6.29 10.73 -23.45
N VAL N 56 7.18 9.88 -23.96
CA VAL N 56 7.37 8.53 -23.40
C VAL N 56 7.86 8.71 -21.95
N ARG N 57 8.95 9.46 -21.79
CA ARG N 57 9.49 9.74 -20.45
C ARG N 57 8.41 10.17 -19.46
N GLN N 58 7.50 11.01 -19.89
CA GLN N 58 6.54 11.54 -18.94
C GLN N 58 5.53 10.45 -18.55
N ALA N 59 5.13 9.62 -19.53
CA ALA N 59 4.15 8.54 -19.30
C ALA N 59 4.70 7.50 -18.33
N GLN N 60 5.98 7.19 -18.51
CA GLN N 60 6.75 6.37 -17.61
C GLN N 60 6.82 6.98 -16.18
N ALA N 61 7.35 8.20 -16.09
CA ALA N 61 7.31 8.96 -14.84
C ALA N 61 5.98 8.80 -14.14
N GLU N 62 4.85 8.86 -14.84
CA GLU N 62 3.54 8.64 -14.19
C GLU N 62 3.09 7.17 -14.12
N ASP N 63 4.01 6.23 -14.37
CA ASP N 63 3.65 4.80 -14.46
C ASP N 63 2.39 4.53 -15.29
N ALA N 64 2.12 5.35 -16.32
CA ALA N 64 0.98 5.13 -17.23
C ALA N 64 1.35 4.16 -18.36
N LEU N 65 0.33 3.49 -18.90
CA LEU N 65 0.55 2.45 -19.92
C LEU N 65 0.83 3.02 -21.33
N ARG N 66 0.45 4.29 -21.54
CA ARG N 66 0.59 4.94 -22.85
C ARG N 66 0.67 6.46 -22.75
N VAL N 67 1.26 7.08 -23.77
CA VAL N 67 1.31 8.54 -23.85
C VAL N 67 -0.02 9.11 -24.29
N ASP N 68 -0.76 9.69 -23.35
CA ASP N 68 -1.94 10.44 -23.70
C ASP N 68 -1.59 11.96 -23.82
N VAL N 69 -2.58 12.75 -24.19
CA VAL N 69 -2.37 14.19 -24.46
C VAL N 69 -1.87 14.90 -23.19
N ASP N 70 -2.39 14.48 -22.03
CA ASP N 70 -1.98 15.07 -20.75
C ASP N 70 -0.50 14.92 -20.52
N GLN N 71 0.06 13.76 -20.85
CA GLN N 71 1.50 13.59 -20.74
C GLN N 71 2.28 14.47 -21.72
N LEU N 72 1.74 14.68 -22.91
CA LEU N 72 2.49 15.45 -23.92
C LEU N 72 2.46 16.89 -23.56
N GLU N 73 1.33 17.36 -23.08
CA GLU N 73 1.20 18.77 -22.73
C GLU N 73 2.26 19.14 -21.69
N LYS N 74 2.52 18.27 -20.71
CA LYS N 74 3.51 18.54 -19.66
C LYS N 74 4.91 18.85 -20.22
N VAL N 75 5.35 18.09 -21.23
CA VAL N 75 6.64 18.35 -21.83
C VAL N 75 6.64 19.51 -22.88
N LEU N 76 5.50 20.13 -23.13
CA LEU N 76 5.40 21.03 -24.30
C LEU N 76 6.17 22.34 -24.14
N PRO N 77 5.92 23.09 -23.04
CA PRO N 77 6.61 24.37 -22.92
C PRO N 77 8.10 24.24 -23.05
N GLN N 78 8.69 23.23 -22.39
CA GLN N 78 10.12 23.05 -22.49
C GLN N 78 10.57 22.53 -23.86
N LEU N 79 9.72 21.80 -24.57
CA LEU N 79 10.11 21.34 -25.93
C LEU N 79 10.14 22.53 -26.90
N LEU N 80 9.08 23.36 -26.86
CA LEU N 80 8.94 24.42 -27.86
C LEU N 80 10.04 25.45 -27.61
N LEU N 81 10.40 25.66 -26.34
CA LEU N 81 11.40 26.67 -26.03
C LEU N 81 12.81 26.23 -26.48
N ASP N 82 13.02 24.93 -26.67
CA ASP N 82 14.30 24.37 -27.09
C ASP N 82 14.52 24.48 -28.58
N PHE N 83 13.43 24.64 -29.34
CA PHE N 83 13.51 24.90 -30.78
C PHE N 83 13.36 26.40 -31.11
N LYS O 13 9.43 9.21 -54.25
CA LYS O 13 7.97 9.10 -54.54
C LYS O 13 7.26 10.45 -54.37
N ASP O 14 5.95 10.40 -54.18
CA ASP O 14 5.13 11.59 -54.20
C ASP O 14 5.06 12.30 -52.85
N TRP O 15 4.79 13.59 -52.89
CA TRP O 15 4.63 14.38 -51.68
C TRP O 15 3.37 13.97 -51.03
N PHE O 16 2.40 13.51 -51.81
CA PHE O 16 1.14 13.14 -51.27
C PHE O 16 1.09 11.63 -50.94
N LEU O 17 0.07 11.23 -50.21
CA LEU O 17 -0.07 9.88 -49.73
C LEU O 17 -0.61 8.99 -50.89
N SER O 18 0.07 7.90 -51.20
CA SER O 18 -0.52 6.81 -52.04
C SER O 18 -1.87 6.34 -51.54
N GLU O 19 -2.59 5.62 -52.41
CA GLU O 19 -3.86 4.95 -52.03
C GLU O 19 -3.72 4.07 -50.76
N GLU O 20 -2.63 3.33 -50.66
CA GLU O 20 -2.39 2.43 -49.54
C GLU O 20 -2.08 3.20 -48.24
N GLU O 21 -1.09 4.10 -48.34
CA GLU O 21 -0.75 4.98 -47.23
C GLU O 21 -2.00 5.69 -46.72
N PHE O 22 -2.83 6.18 -47.61
CA PHE O 22 -4.03 6.90 -47.19
C PHE O 22 -4.99 5.99 -46.43
N LYS O 23 -5.02 4.70 -46.81
CA LYS O 23 -5.95 3.75 -46.16
C LYS O 23 -5.48 3.55 -44.72
N LEU O 24 -4.20 3.19 -44.59
CA LEU O 24 -3.49 3.10 -43.31
C LEU O 24 -3.69 4.34 -42.43
N TRP O 25 -3.35 5.53 -42.97
CA TRP O 25 -3.60 6.79 -42.26
C TRP O 25 -4.99 6.81 -41.78
N ASN O 26 -5.92 6.39 -42.63
CA ASN O 26 -7.32 6.41 -42.23
C ASN O 26 -7.67 5.44 -41.12
N ARG O 27 -6.96 4.32 -41.02
CA ARG O 27 -7.27 3.34 -39.97
C ARG O 27 -6.52 3.73 -38.69
N LEU O 28 -5.20 3.60 -38.76
CA LEU O 28 -4.32 3.86 -37.64
C LEU O 28 -4.46 5.26 -36.97
N TYR O 29 -4.49 6.36 -37.74
CA TYR O 29 -4.18 7.70 -37.17
C TYR O 29 -5.24 8.79 -37.20
N ARG O 30 -6.05 8.85 -38.23
CA ARG O 30 -6.98 9.95 -38.40
C ARG O 30 -8.02 10.03 -37.28
N LEU O 31 -8.37 11.24 -36.87
CA LEU O 31 -9.41 11.43 -35.87
C LEU O 31 -10.75 11.72 -36.55
N ARG O 32 -11.79 11.00 -36.15
CA ARG O 32 -13.12 11.16 -36.72
C ARG O 32 -13.97 11.97 -35.76
N ASP O 33 -15.12 12.49 -36.22
CA ASP O 33 -16.13 13.08 -35.31
C ASP O 33 -16.76 12.02 -34.37
N SER O 34 -16.55 10.75 -34.70
CA SER O 34 -16.88 9.63 -33.81
C SER O 34 -16.23 9.83 -32.42
N ASP O 35 -14.98 10.29 -32.41
CA ASP O 35 -14.14 10.31 -31.20
C ASP O 35 -14.57 11.41 -30.19
N GLU O 36 -14.17 11.24 -28.92
CA GLU O 36 -14.45 12.26 -27.88
C GLU O 36 -13.75 13.58 -28.27
N ILE O 37 -12.53 13.44 -28.78
CA ILE O 37 -11.74 14.54 -29.34
C ILE O 37 -11.53 14.29 -30.83
N LYS O 38 -12.14 15.13 -31.64
CA LYS O 38 -12.06 14.98 -33.10
C LYS O 38 -10.95 15.83 -33.74
N GLU O 39 -10.34 16.71 -32.94
CA GLU O 39 -9.44 17.73 -33.46
C GLU O 39 -8.53 18.24 -32.33
N ILE O 40 -7.22 18.28 -32.60
CA ILE O 40 -6.26 18.93 -31.71
C ILE O 40 -5.89 20.26 -32.37
N THR O 41 -6.03 21.38 -31.66
CA THR O 41 -5.56 22.66 -32.20
C THR O 41 -4.48 23.28 -31.31
N LEU O 42 -3.84 24.32 -31.85
CA LEU O 42 -2.80 25.07 -31.16
C LEU O 42 -3.19 26.51 -31.06
N PRO O 43 -2.98 27.15 -29.90
CA PRO O 43 -3.23 28.61 -29.81
C PRO O 43 -2.51 29.41 -30.88
N GLN O 44 -3.20 30.40 -31.42
CA GLN O 44 -2.65 31.35 -32.38
C GLN O 44 -1.96 32.49 -31.63
N VAL O 45 -0.98 33.13 -32.29
CA VAL O 45 -0.26 34.28 -31.74
C VAL O 45 -1.25 35.45 -31.71
N GLN O 46 -1.55 35.99 -30.52
CA GLN O 46 -2.44 37.15 -30.32
C GLN O 46 -1.74 38.13 -29.39
N PHE O 47 -1.66 39.39 -29.78
CA PHE O 47 -1.00 40.41 -28.99
C PHE O 47 -2.05 41.38 -28.47
N SER O 48 -2.38 41.29 -27.19
CA SER O 48 -3.51 42.05 -26.66
C SER O 48 -3.18 43.49 -26.23
N SER O 49 -1.99 44.01 -26.57
CA SER O 49 -1.61 45.38 -26.21
C SER O 49 -1.37 46.30 -27.39
N LEU O 50 -1.42 45.79 -28.62
CA LEU O 50 -1.08 46.58 -29.82
C LEU O 50 -2.35 47.03 -30.55
N THR O 62 -15.65 24.77 -29.66
CA THR O 62 -15.04 24.26 -28.43
C THR O 62 -15.67 22.94 -27.95
N THR O 63 -16.25 22.15 -28.87
CA THR O 63 -16.87 20.85 -28.52
C THR O 63 -16.26 19.73 -29.37
N GLY O 64 -15.46 18.87 -28.73
CA GLY O 64 -14.65 17.86 -29.44
C GLY O 64 -13.33 18.38 -30.02
N ILE O 65 -13.05 19.67 -29.84
CA ILE O 65 -11.77 20.26 -30.23
C ILE O 65 -10.94 20.55 -28.96
N HIS O 66 -9.80 19.86 -28.81
CA HIS O 66 -8.84 20.10 -27.71
C HIS O 66 -7.75 21.09 -28.13
N GLN O 67 -7.76 22.28 -27.55
CA GLN O 67 -6.65 23.23 -27.70
C GLN O 67 -5.51 22.84 -26.72
N LEU O 68 -4.35 22.46 -27.26
CA LEU O 68 -3.17 22.16 -26.44
C LEU O 68 -2.86 23.38 -25.56
N SER O 69 -2.68 23.12 -24.25
CA SER O 69 -2.38 24.15 -23.25
C SER O 69 -0.86 24.23 -22.99
N LEU O 70 -0.32 25.45 -22.95
CA LEU O 70 1.04 25.65 -22.49
C LEU O 70 1.11 26.07 -21.00
N SER O 71 -0.03 26.07 -20.31
CA SER O 71 -0.09 26.55 -18.93
C SER O 71 -0.72 25.64 -17.87
N GLU O 72 -1.53 24.68 -18.27
CA GLU O 72 -2.24 23.82 -17.32
C GLU O 72 -1.28 23.05 -16.40
N TRP O 73 -0.09 22.75 -16.91
CA TRP O 73 0.92 21.96 -16.20
C TRP O 73 2.04 22.82 -15.63
N ARG O 74 1.71 24.04 -15.29
CA ARG O 74 2.71 24.99 -14.79
C ARG O 74 3.50 24.47 -13.59
N LEU O 75 2.87 23.68 -12.72
CA LEU O 75 3.54 23.15 -11.54
C LEU O 75 4.55 22.08 -11.86
N TRP O 76 4.62 21.66 -13.12
CA TRP O 76 5.70 20.79 -13.53
C TRP O 76 6.87 21.52 -14.11
N GLN O 77 6.83 22.85 -14.13
CA GLN O 77 7.84 23.58 -14.94
C GLN O 77 9.01 24.21 -14.17
N ASP O 78 9.02 24.08 -12.85
CA ASP O 78 10.13 24.60 -12.00
C ASP O 78 11.36 23.68 -11.90
N HIS O 79 11.44 22.69 -12.80
CA HIS O 79 12.48 21.65 -12.81
C HIS O 79 12.70 21.27 -14.26
N PRO O 80 13.95 20.96 -14.65
CA PRO O 80 14.16 20.66 -16.06
C PRO O 80 13.65 19.28 -16.35
N LEU O 81 12.83 19.15 -17.40
CA LEU O 81 12.30 17.84 -17.76
C LEU O 81 13.34 17.03 -18.60
N PRO O 82 13.15 15.71 -18.70
CA PRO O 82 14.09 14.91 -19.46
C PRO O 82 14.18 15.35 -20.93
N THR O 83 15.35 15.19 -21.53
CA THR O 83 15.52 15.34 -22.96
C THR O 83 15.92 14.00 -23.56
N HIS O 84 16.02 13.99 -24.89
CA HIS O 84 16.40 12.82 -25.68
C HIS O 84 17.61 13.14 -26.52
N GLN O 85 17.46 13.84 -27.65
CA GLN O 85 18.63 14.28 -28.44
C GLN O 85 18.89 15.77 -28.46
N VAL O 86 17.92 16.55 -28.00
CA VAL O 86 18.01 18.01 -28.03
C VAL O 86 18.06 18.47 -26.59
N ASP O 87 19.14 19.17 -26.25
CA ASP O 87 19.31 19.78 -24.94
C ASP O 87 18.39 20.97 -24.80
N HIS O 88 18.11 21.29 -23.56
CA HIS O 88 17.37 22.51 -23.27
C HIS O 88 18.16 23.68 -23.72
N SER O 89 17.48 24.67 -24.27
CA SER O 89 18.10 25.91 -24.64
C SER O 89 18.28 26.84 -23.45
N ASP O 90 19.05 27.90 -23.66
CA ASP O 90 19.21 28.95 -22.68
C ASP O 90 17.90 29.59 -22.31
N ARG O 91 17.05 29.86 -23.29
CA ARG O 91 15.80 30.52 -22.96
C ARG O 91 14.89 29.54 -22.23
N CYS O 92 14.97 28.25 -22.55
CA CYS O 92 14.26 27.26 -21.73
C CYS O 92 14.76 27.29 -20.26
N ARG O 93 16.08 27.30 -20.07
CA ARG O 93 16.63 27.39 -18.71
C ARG O 93 16.23 28.66 -18.01
N HIS O 94 16.08 29.75 -18.74
CA HIS O 94 15.51 30.94 -18.15
C HIS O 94 14.08 30.81 -17.73
N PHE O 95 13.27 30.15 -18.55
CA PHE O 95 11.87 29.91 -18.18
C PHE O 95 11.82 29.12 -16.86
N ILE O 96 12.59 28.03 -16.79
CA ILE O 96 12.62 27.16 -15.60
C ILE O 96 13.04 27.98 -14.39
N GLY O 97 14.06 28.82 -14.56
CA GLY O 97 14.57 29.68 -13.48
C GLY O 97 13.50 30.67 -13.02
N LEU O 98 12.77 31.23 -13.98
CA LEU O 98 11.67 32.15 -13.63
C LEU O 98 10.52 31.42 -12.89
N MET O 99 10.21 30.20 -13.30
CA MET O 99 9.20 29.40 -12.61
C MET O 99 9.62 29.09 -11.15
N GLN O 100 10.88 28.79 -10.93
CA GLN O 100 11.42 28.58 -9.58
C GLN O 100 11.25 29.88 -8.74
N MET O 101 11.53 31.02 -9.36
CA MET O 101 11.40 32.33 -8.68
C MET O 101 9.97 32.57 -8.27
N ILE O 102 9.05 32.38 -9.20
CA ILE O 102 7.65 32.56 -8.95
C ILE O 102 7.19 31.60 -7.84
N GLU O 103 7.63 30.32 -7.92
CA GLU O 103 7.31 29.37 -6.85
C GLU O 103 7.83 29.88 -5.51
N GLY O 104 9.06 30.38 -5.47
CA GLY O 104 9.57 31.02 -4.23
C GLY O 104 8.74 32.18 -3.64
N MET O 105 7.86 32.78 -4.45
CA MET O 105 7.12 33.99 -4.11
C MET O 105 5.63 33.74 -3.98
N ARG O 106 5.19 32.55 -4.35
CA ARG O 106 3.77 32.29 -4.47
C ARG O 106 3.05 32.48 -3.13
N HIS O 107 3.73 32.14 -2.03
CA HIS O 107 3.16 32.22 -0.69
C HIS O 107 3.89 33.23 0.15
N GLU O 108 4.07 34.44 -0.38
CA GLU O 108 4.92 35.45 0.29
C GLU O 108 4.07 36.50 0.96
N CYS O 112 8.07 42.09 -0.35
CA CYS O 112 8.70 41.40 -1.46
C CYS O 112 10.22 41.38 -1.33
N SER O 113 10.80 40.18 -1.28
CA SER O 113 12.23 40.02 -1.09
C SER O 113 13.08 40.32 -2.33
N TYR O 114 12.44 40.43 -3.50
CA TYR O 114 13.18 40.81 -4.72
C TYR O 114 13.54 42.28 -4.64
N GLU O 115 12.55 43.08 -4.25
CA GLU O 115 12.72 44.51 -3.98
C GLU O 115 13.79 44.79 -2.90
N LEU O 116 13.84 43.98 -1.84
CA LEU O 116 14.92 44.09 -0.82
C LEU O 116 16.29 43.54 -1.30
N GLU O 117 16.33 42.78 -2.39
CA GLU O 117 17.59 42.21 -2.90
C GLU O 117 18.24 43.10 -3.98
N VAL O 118 17.45 43.94 -4.67
CA VAL O 118 17.98 44.83 -5.74
C VAL O 118 17.76 46.34 -5.54
N GLU O 119 16.63 46.76 -4.94
CA GLU O 119 16.31 48.19 -4.76
C GLU O 119 17.58 48.93 -4.26
N SER O 120 18.20 48.37 -3.23
CA SER O 120 19.52 48.76 -2.72
C SER O 120 20.58 49.18 -3.77
N TYR O 121 20.62 48.52 -4.92
CA TYR O 121 21.64 48.83 -5.92
C TYR O 121 21.18 49.78 -7.03
N LEU O 122 20.00 50.38 -6.88
CA LEU O 122 19.53 51.31 -7.89
C LEU O 122 20.50 52.48 -7.92
N GLN O 123 20.85 52.96 -9.11
CA GLN O 123 21.54 54.25 -9.29
C GLN O 123 20.67 55.05 -10.23
N MET O 124 20.02 56.11 -9.71
CA MET O 124 19.02 56.86 -10.48
C MET O 124 19.54 57.44 -11.81
N GLU O 125 20.87 57.53 -11.94
CA GLU O 125 21.53 57.88 -13.21
C GLU O 125 20.98 56.99 -14.34
N ASP O 126 21.12 55.67 -14.13
CA ASP O 126 20.63 54.62 -15.05
C ASP O 126 19.21 54.80 -15.57
N VAL O 127 18.28 55.25 -14.71
CA VAL O 127 16.88 55.49 -15.11
C VAL O 127 16.57 56.99 -15.18
#